data_8D1O
#
_entry.id   8D1O
#
_cell.length_a   1.00
_cell.length_b   1.00
_cell.length_c   1.00
_cell.angle_alpha   90.00
_cell.angle_beta   90.00
_cell.angle_gamma   90.00
#
_symmetry.space_group_name_H-M   'P 1'
#
loop_
_entity.id
_entity.type
_entity.pdbx_description
1 polymer Bestrophin-1
2 non-polymer 1,2-DIMYRISTOYL-RAC-GLYCERO-3-PHOSPHOCHOLINE
3 non-polymer 'CALCIUM ION'
4 water water
#
_entity_poly.entity_id   1
_entity_poly.type   'polypeptide(L)'
_entity_poly.pdbx_seq_one_letter_code
;MTITYTSQVANARLGSFSRLLLCWRGSIYKLLYGEFLIFLLCYYIIRFIYRLALTEEQQLMFEKLTLYCDSYIQLIPISF
VLGFYVTLVVTRWWNQYENLPWPDRLMSLVSGFVEGKDEQGRLLRRTLIRYANLGNVLILRSVSTAVYKRFPSAQHLVQA
GFMTPAEHKQLEKLSLPHNMFWVPWVWFANLSMKAWLGGRIRDPILLQSLLNEMNTLRTQCGHLYAYDWISIPLVYTQVV
TVAVYSFFLTCLVGRQFLNPAKAYPGHELDLVVPVFTFLQFFFYVGWLKVAEQLINPFGEDDDDFETNWIVDRNLQVSLL
AVDEMHQDLPRMEPDMYWNKPEPQP
;
_entity_poly.pdbx_strand_id   E,A,B,C,D
#
loop_
_chem_comp.id
_chem_comp.type
_chem_comp.name
_chem_comp.formula
CA non-polymer 'CALCIUM ION' 'Ca 2'
MC3 non-polymer 1,2-DIMYRISTOYL-RAC-GLYCERO-3-PHOSPHOCHOLINE 'C36 H72 N O8 P'
#
# COMPACT_ATOMS: atom_id res chain seq x y z
N THR A 2 16.96 -14.82 -12.80
CA THR A 2 16.06 -13.80 -13.38
C THR A 2 16.51 -13.44 -14.79
N ILE A 3 15.56 -13.08 -15.63
CA ILE A 3 15.84 -12.55 -17.00
C ILE A 3 15.65 -11.05 -16.94
N THR A 4 16.71 -10.30 -17.18
CA THR A 4 16.73 -8.84 -17.10
C THR A 4 16.72 -8.29 -18.52
N TYR A 5 15.90 -7.29 -18.78
CA TYR A 5 15.83 -6.61 -20.12
C TYR A 5 15.65 -5.11 -19.94
N THR A 6 15.97 -4.59 -18.75
CA THR A 6 15.68 -3.20 -18.34
C THR A 6 16.40 -2.23 -19.29
N SER A 7 17.62 -2.56 -19.64
CA SER A 7 18.44 -1.73 -20.55
C SER A 7 17.74 -1.68 -21.91
N GLN A 8 17.18 -2.79 -22.36
CA GLN A 8 16.58 -2.90 -23.73
C GLN A 8 15.38 -1.97 -23.80
N VAL A 9 14.66 -1.77 -22.72
CA VAL A 9 13.42 -0.95 -22.68
C VAL A 9 13.67 0.42 -22.01
N ALA A 10 14.89 0.94 -22.08
CA ALA A 10 15.22 2.24 -21.46
C ALA A 10 14.40 3.37 -22.12
N ASN A 11 14.09 3.28 -23.40
CA ASN A 11 13.35 4.35 -24.12
C ASN A 11 12.14 3.71 -24.79
N ALA A 12 10.99 4.38 -24.78
CA ALA A 12 9.84 4.04 -25.63
C ALA A 12 10.25 4.19 -27.11
N ARG A 13 10.03 3.15 -27.92
CA ARG A 13 10.34 3.19 -29.36
C ARG A 13 9.33 2.35 -30.13
N LEU A 14 9.30 2.44 -31.45
CA LEU A 14 8.36 1.66 -32.29
C LEU A 14 8.47 0.14 -31.99
N GLY A 15 7.33 -0.53 -31.81
CA GLY A 15 7.29 -1.96 -31.43
C GLY A 15 7.56 -2.09 -29.94
N SER A 16 8.72 -1.59 -29.50
CA SER A 16 9.11 -1.67 -28.06
C SER A 16 9.05 -3.12 -27.58
N PHE A 17 8.13 -3.44 -26.67
CA PHE A 17 8.01 -4.82 -26.11
C PHE A 17 7.87 -5.84 -27.24
N SER A 18 7.70 -5.39 -28.48
CA SER A 18 7.56 -6.27 -29.65
C SER A 18 8.88 -6.98 -29.95
N ARG A 19 10.01 -6.43 -29.62
CA ARG A 19 11.29 -7.14 -29.74
C ARG A 19 11.41 -8.18 -28.64
N LEU A 20 10.62 -8.02 -27.57
CA LEU A 20 10.71 -8.96 -26.42
C LEU A 20 9.93 -10.24 -26.72
N LEU A 21 9.01 -10.18 -27.70
CA LEU A 21 8.23 -11.37 -28.10
C LEU A 21 9.13 -12.47 -28.60
N LEU A 22 10.32 -12.12 -29.09
CA LEU A 22 11.28 -13.10 -29.64
C LEU A 22 12.31 -13.46 -28.56
N CYS A 23 11.83 -14.00 -27.43
CA CYS A 23 12.70 -14.34 -26.32
C CYS A 23 12.10 -15.61 -25.87
N TRP A 24 12.94 -16.57 -25.59
CA TRP A 24 12.49 -17.90 -25.19
C TRP A 24 12.72 -18.09 -23.70
N ARG A 25 13.91 -17.77 -23.23
CA ARG A 25 14.24 -17.97 -21.81
C ARG A 25 13.36 -17.01 -21.01
N GLY A 26 12.67 -17.53 -20.02
CA GLY A 26 11.83 -16.68 -19.18
C GLY A 26 10.57 -16.21 -19.88
N SER A 27 10.15 -16.88 -20.95
CA SER A 27 9.05 -16.42 -21.81
C SER A 27 7.74 -17.12 -21.45
N ILE A 28 6.65 -16.57 -21.94
CA ILE A 28 5.30 -17.18 -21.80
C ILE A 28 5.23 -18.46 -22.64
N TYR A 29 5.89 -18.55 -23.79
CA TYR A 29 5.91 -19.74 -24.65
C TYR A 29 6.45 -20.94 -23.88
N LYS A 30 7.57 -20.75 -23.18
CA LYS A 30 8.22 -21.80 -22.37
C LYS A 30 7.27 -22.25 -21.26
N LEU A 31 6.52 -21.33 -20.66
CA LEU A 31 5.61 -21.66 -19.54
C LEU A 31 4.37 -22.32 -20.10
N LEU A 32 3.95 -22.03 -21.33
CA LEU A 32 2.61 -22.47 -21.81
C LEU A 32 2.67 -23.68 -22.76
N TYR A 33 3.77 -23.98 -23.44
CA TYR A 33 3.72 -24.89 -24.60
C TYR A 33 3.11 -26.25 -24.18
N GLY A 34 3.53 -26.89 -23.10
CA GLY A 34 3.10 -28.27 -22.76
C GLY A 34 1.62 -28.39 -22.48
N GLU A 35 1.09 -27.49 -21.66
CA GLU A 35 -0.36 -27.41 -21.37
C GLU A 35 -1.11 -27.06 -22.64
N PHE A 36 -0.57 -26.16 -23.45
CA PHE A 36 -1.18 -25.72 -24.72
C PHE A 36 -1.24 -26.92 -25.67
N LEU A 37 -0.20 -27.72 -25.72
CA LEU A 37 -0.16 -28.85 -26.67
C LEU A 37 -1.18 -29.89 -26.20
N ILE A 38 -1.35 -30.06 -24.91
CA ILE A 38 -2.36 -31.00 -24.37
C ILE A 38 -3.76 -30.50 -24.72
N PHE A 39 -4.03 -29.21 -24.54
CA PHE A 39 -5.32 -28.57 -24.89
C PHE A 39 -5.57 -28.71 -26.39
N LEU A 40 -4.56 -28.46 -27.21
CA LEU A 40 -4.64 -28.53 -28.69
C LEU A 40 -5.02 -29.96 -29.09
N LEU A 41 -4.44 -30.96 -28.43
CA LEU A 41 -4.69 -32.38 -28.78
C LEU A 41 -6.12 -32.72 -28.42
N CYS A 42 -6.54 -32.36 -27.21
CA CYS A 42 -7.89 -32.68 -26.72
C CYS A 42 -8.94 -32.01 -27.62
N TYR A 43 -8.75 -30.75 -27.96
CA TYR A 43 -9.72 -30.01 -28.80
C TYR A 43 -9.92 -30.71 -30.16
N TYR A 44 -8.86 -31.12 -30.80
CA TYR A 44 -8.93 -31.69 -32.17
C TYR A 44 -9.43 -33.12 -32.07
N ILE A 45 -9.10 -33.83 -30.99
CA ILE A 45 -9.66 -35.19 -30.76
C ILE A 45 -11.18 -35.04 -30.67
N ILE A 46 -11.65 -34.09 -29.88
CA ILE A 46 -13.11 -33.87 -29.73
C ILE A 46 -13.73 -33.50 -31.06
N ARG A 47 -13.08 -32.65 -31.84
CA ARG A 47 -13.60 -32.24 -33.17
C ARG A 47 -13.69 -33.49 -34.05
N PHE A 48 -12.65 -34.30 -34.10
CA PHE A 48 -12.62 -35.51 -34.96
C PHE A 48 -13.69 -36.50 -34.47
N ILE A 49 -13.86 -36.68 -33.17
CA ILE A 49 -14.92 -37.58 -32.65
C ILE A 49 -16.29 -37.06 -33.14
N TYR A 50 -16.53 -35.78 -32.96
CA TYR A 50 -17.81 -35.17 -33.36
C TYR A 50 -18.05 -35.30 -34.87
N ARG A 51 -17.01 -35.14 -35.68
CA ARG A 51 -17.20 -35.01 -37.15
C ARG A 51 -17.17 -36.39 -37.81
N LEU A 52 -16.44 -37.37 -37.26
CA LEU A 52 -16.23 -38.67 -37.95
C LEU A 52 -16.60 -39.86 -37.07
N ALA A 53 -17.27 -39.69 -35.93
CA ALA A 53 -17.61 -40.82 -35.06
C ALA A 53 -19.09 -40.80 -34.70
N LEU A 54 -19.66 -39.64 -34.43
CA LEU A 54 -21.06 -39.54 -33.95
C LEU A 54 -22.01 -39.72 -35.14
N THR A 55 -23.16 -40.34 -34.88
CA THR A 55 -24.27 -40.40 -35.85
C THR A 55 -25.02 -39.06 -35.86
N GLU A 56 -26.01 -38.95 -36.74
CA GLU A 56 -26.74 -37.68 -36.99
C GLU A 56 -27.40 -37.20 -35.68
N GLU A 57 -28.14 -38.06 -35.00
CA GLU A 57 -28.83 -37.68 -33.74
C GLU A 57 -27.78 -37.40 -32.66
N GLN A 58 -26.69 -38.17 -32.67
CA GLN A 58 -25.56 -37.89 -31.73
C GLN A 58 -24.95 -36.52 -32.06
N GLN A 59 -24.80 -36.19 -33.33
CA GLN A 59 -24.28 -34.86 -33.73
C GLN A 59 -25.24 -33.76 -33.25
N LEU A 60 -26.56 -33.96 -33.35
CA LEU A 60 -27.55 -32.96 -32.86
C LEU A 60 -27.38 -32.76 -31.35
N MET A 61 -27.22 -33.87 -30.62
CA MET A 61 -27.09 -33.78 -29.15
C MET A 61 -25.80 -33.06 -28.80
N PHE A 62 -24.72 -33.36 -29.51
CA PHE A 62 -23.39 -32.74 -29.30
C PHE A 62 -23.53 -31.24 -29.56
N GLU A 63 -24.26 -30.86 -30.60
CA GLU A 63 -24.40 -29.44 -30.98
C GLU A 63 -25.20 -28.70 -29.90
N LYS A 64 -26.23 -29.35 -29.35
CA LYS A 64 -27.01 -28.76 -28.25
C LYS A 64 -26.04 -28.50 -27.08
N LEU A 65 -25.24 -29.51 -26.75
CA LEU A 65 -24.30 -29.41 -25.59
C LEU A 65 -23.26 -28.30 -25.86
N THR A 66 -22.77 -28.19 -27.08
CA THR A 66 -21.83 -27.11 -27.48
C THR A 66 -22.44 -25.71 -27.29
N LEU A 67 -23.66 -25.50 -27.76
CA LEU A 67 -24.34 -24.20 -27.61
C LEU A 67 -24.64 -23.91 -26.13
N TYR A 68 -24.95 -24.93 -25.34
CA TYR A 68 -25.23 -24.79 -23.88
C TYR A 68 -23.94 -24.35 -23.20
N CYS A 69 -22.85 -25.04 -23.48
CA CYS A 69 -21.54 -24.79 -22.83
C CYS A 69 -21.07 -23.40 -23.22
N ASP A 70 -21.16 -23.04 -24.49
CA ASP A 70 -20.66 -21.71 -24.92
C ASP A 70 -21.53 -20.63 -24.24
N SER A 71 -22.83 -20.87 -24.10
CA SER A 71 -23.73 -19.91 -23.40
C SER A 71 -23.33 -19.72 -21.94
N TYR A 72 -23.01 -20.78 -21.20
CA TYR A 72 -22.72 -20.70 -19.74
C TYR A 72 -21.22 -20.73 -19.47
N ILE A 73 -20.39 -20.29 -20.41
CA ILE A 73 -18.94 -20.08 -20.16
C ILE A 73 -18.76 -18.92 -19.17
N GLN A 74 -19.62 -17.91 -19.19
CA GLN A 74 -19.41 -16.63 -18.47
C GLN A 74 -19.76 -16.79 -16.99
N LEU A 75 -20.38 -17.89 -16.57
CA LEU A 75 -20.69 -18.13 -15.13
C LEU A 75 -19.39 -18.24 -14.34
N ILE A 76 -18.28 -18.59 -15.01
CA ILE A 76 -17.00 -18.83 -14.31
C ILE A 76 -16.33 -17.47 -14.11
N PRO A 77 -16.17 -17.03 -12.83
CA PRO A 77 -15.56 -15.75 -12.53
C PRO A 77 -14.03 -15.75 -12.70
N ILE A 78 -13.56 -16.15 -13.88
CA ILE A 78 -12.13 -16.42 -14.10
C ILE A 78 -11.32 -15.14 -13.91
N SER A 79 -11.75 -14.04 -14.51
CA SER A 79 -11.14 -12.69 -14.29
C SER A 79 -11.14 -12.33 -12.79
N PHE A 80 -12.26 -12.46 -12.13
CA PHE A 80 -12.41 -12.15 -10.68
C PHE A 80 -11.34 -12.89 -9.86
N VAL A 81 -11.46 -14.20 -9.84
CA VAL A 81 -10.57 -15.11 -9.06
C VAL A 81 -9.10 -14.89 -9.46
N LEU A 82 -8.81 -14.86 -10.76
CA LEU A 82 -7.41 -14.89 -11.24
C LEU A 82 -6.76 -13.53 -10.98
N GLY A 83 -7.53 -12.47 -11.04
CA GLY A 83 -6.99 -11.13 -10.75
C GLY A 83 -6.61 -10.99 -9.31
N PHE A 84 -7.48 -11.47 -8.43
CA PHE A 84 -7.21 -11.44 -6.98
C PHE A 84 -5.92 -12.24 -6.74
N TYR A 85 -5.88 -13.47 -7.23
CA TYR A 85 -4.74 -14.39 -6.97
C TYR A 85 -3.43 -13.75 -7.43
N VAL A 86 -3.45 -13.17 -8.62
CA VAL A 86 -2.21 -12.67 -9.26
C VAL A 86 -1.70 -11.43 -8.51
N THR A 87 -2.60 -10.58 -8.05
CA THR A 87 -2.18 -9.40 -7.29
C THR A 87 -1.52 -9.84 -5.97
N LEU A 88 -2.08 -10.84 -5.32
CA LEU A 88 -1.52 -11.43 -4.10
C LEU A 88 -0.12 -11.97 -4.36
N VAL A 89 0.03 -12.72 -5.44
CA VAL A 89 1.33 -13.37 -5.77
C VAL A 89 2.37 -12.31 -6.08
N VAL A 90 2.03 -11.28 -6.82
CA VAL A 90 3.02 -10.26 -7.26
C VAL A 90 3.46 -9.40 -6.08
N THR A 91 2.52 -9.08 -5.21
CA THR A 91 2.85 -8.34 -3.98
C THR A 91 3.85 -9.15 -3.15
N ARG A 92 3.54 -10.42 -2.97
CA ARG A 92 4.37 -11.29 -2.11
C ARG A 92 5.73 -11.44 -2.78
N TRP A 93 5.78 -11.49 -4.10
CA TRP A 93 7.03 -11.73 -4.86
C TRP A 93 7.97 -10.59 -4.62
N TRP A 94 7.48 -9.37 -4.78
CA TRP A 94 8.36 -8.20 -4.58
C TRP A 94 8.71 -8.05 -3.09
N ASN A 95 7.79 -8.33 -2.18
CA ASN A 95 8.10 -8.32 -0.73
C ASN A 95 9.19 -9.33 -0.41
N GLN A 96 9.17 -10.47 -1.05
CA GLN A 96 10.19 -11.50 -0.86
C GLN A 96 11.53 -10.95 -1.33
N TYR A 97 11.57 -10.27 -2.45
CA TYR A 97 12.85 -9.70 -2.93
C TYR A 97 13.39 -8.62 -1.98
N GLU A 98 12.51 -7.74 -1.49
CA GLU A 98 12.93 -6.67 -0.57
C GLU A 98 13.54 -7.22 0.73
N ASN A 99 13.27 -8.46 1.08
CA ASN A 99 13.71 -9.07 2.34
C ASN A 99 14.87 -10.02 2.09
N LEU A 100 15.47 -10.02 0.90
CA LEU A 100 16.79 -10.66 0.71
C LEU A 100 17.82 -9.82 1.45
N PRO A 101 18.57 -10.41 2.38
CA PRO A 101 19.52 -9.63 3.16
C PRO A 101 20.82 -9.38 2.41
N TRP A 102 21.21 -8.12 2.34
CA TRP A 102 22.51 -7.68 1.77
C TRP A 102 23.39 -7.22 2.92
N PRO A 103 24.57 -7.82 3.11
CA PRO A 103 25.46 -7.38 4.20
C PRO A 103 26.23 -6.07 4.04
N ASP A 104 25.93 -5.28 3.00
CA ASP A 104 26.74 -4.10 2.63
C ASP A 104 26.77 -3.07 3.75
N ARG A 105 25.60 -2.73 4.28
CA ARG A 105 25.52 -1.80 5.44
C ARG A 105 26.35 -2.34 6.61
N LEU A 106 26.26 -3.63 6.88
CA LEU A 106 26.99 -4.22 8.02
C LEU A 106 28.48 -4.30 7.70
N MET A 107 28.84 -4.69 6.47
CA MET A 107 30.28 -4.94 6.16
C MET A 107 31.07 -3.63 6.23
N SER A 108 30.48 -2.52 5.79
CA SER A 108 31.08 -1.17 5.96
C SER A 108 31.32 -0.86 7.47
N LEU A 109 30.36 -1.15 8.35
CA LEU A 109 30.55 -0.90 9.82
C LEU A 109 31.59 -1.83 10.41
N VAL A 110 31.63 -3.09 9.97
CA VAL A 110 32.59 -4.07 10.52
C VAL A 110 34.01 -3.71 10.03
N SER A 111 34.13 -3.21 8.81
CA SER A 111 35.42 -2.77 8.24
C SER A 111 35.92 -1.53 8.99
N GLY A 112 35.02 -0.59 9.31
CA GLY A 112 35.40 0.68 9.98
C GLY A 112 35.63 0.54 11.49
N PHE A 113 34.70 -0.06 12.23
CA PHE A 113 34.69 0.00 13.71
C PHE A 113 35.66 -1.00 14.32
N VAL A 114 35.76 -2.21 13.78
CA VAL A 114 36.54 -3.30 14.43
C VAL A 114 38.03 -3.11 14.15
N GLU A 115 38.79 -2.65 15.13
CA GLU A 115 40.17 -2.14 14.93
C GLU A 115 41.18 -3.28 14.88
N GLY A 116 42.34 -3.06 14.25
CA GLY A 116 43.47 -4.00 14.25
C GLY A 116 43.84 -4.48 12.87
N LYS A 117 45.05 -4.17 12.41
CA LYS A 117 45.59 -4.67 11.11
C LYS A 117 46.38 -5.96 11.33
N ASP A 118 46.42 -6.47 12.55
CA ASP A 118 47.12 -7.74 12.87
C ASP A 118 46.23 -8.93 12.53
N GLU A 119 46.73 -10.13 12.78
CA GLU A 119 46.04 -11.42 12.51
C GLU A 119 44.70 -11.44 13.26
N GLN A 120 44.67 -11.06 14.53
CA GLN A 120 43.47 -11.20 15.39
C GLN A 120 42.35 -10.25 14.93
N GLY A 121 42.70 -9.03 14.55
CA GLY A 121 41.74 -8.09 13.96
C GLY A 121 41.13 -8.64 12.68
N ARG A 122 41.96 -9.15 11.80
CA ARG A 122 41.52 -9.76 10.53
C ARG A 122 40.54 -10.89 10.85
N LEU A 123 40.92 -11.75 11.79
CA LEU A 123 40.13 -12.97 12.06
C LEU A 123 38.77 -12.56 12.63
N LEU A 124 38.77 -11.59 13.54
CA LEU A 124 37.55 -11.10 14.20
C LEU A 124 36.60 -10.47 13.17
N ARG A 125 37.14 -9.63 12.28
CA ARG A 125 36.29 -8.95 11.27
C ARG A 125 35.71 -9.99 10.31
N ARG A 126 36.53 -10.96 9.89
CA ARG A 126 36.08 -11.97 8.89
C ARG A 126 35.01 -12.84 9.56
N THR A 127 35.17 -13.15 10.84
CA THR A 127 34.22 -14.07 11.49
C THR A 127 32.90 -13.32 11.73
N LEU A 128 32.96 -12.03 12.04
CA LEU A 128 31.69 -11.27 12.24
C LEU A 128 30.87 -11.25 10.95
N ILE A 129 31.48 -10.88 9.83
CA ILE A 129 30.73 -10.86 8.57
C ILE A 129 30.36 -12.29 8.18
N ARG A 130 31.20 -13.26 8.49
CA ARG A 130 30.84 -14.64 8.19
C ARG A 130 29.57 -15.02 8.96
N TYR A 131 29.41 -14.56 10.20
CA TYR A 131 28.19 -14.90 10.97
C TYR A 131 26.99 -14.32 10.22
N ALA A 132 27.11 -13.10 9.70
CA ALA A 132 26.01 -12.46 8.95
C ALA A 132 25.65 -13.30 7.71
N ASN A 133 26.66 -13.62 6.90
CA ASN A 133 26.51 -14.45 5.68
C ASN A 133 26.03 -15.87 6.01
N LEU A 134 26.45 -16.44 7.14
CA LEU A 134 26.03 -17.80 7.56
C LEU A 134 24.55 -17.77 7.93
N GLY A 135 24.13 -16.75 8.68
CA GLY A 135 22.70 -16.61 8.99
C GLY A 135 21.87 -16.54 7.70
N ASN A 136 22.32 -15.73 6.76
CA ASN A 136 21.59 -15.58 5.49
C ASN A 136 21.56 -16.94 4.75
N VAL A 137 22.67 -17.65 4.68
CA VAL A 137 22.70 -18.90 3.88
C VAL A 137 21.90 -20.00 4.60
N LEU A 138 21.88 -20.01 5.92
CA LEU A 138 21.03 -21.00 6.65
C LEU A 138 19.54 -20.73 6.36
N ILE A 139 19.12 -19.48 6.29
CA ILE A 139 17.69 -19.20 6.02
C ILE A 139 17.44 -19.48 4.54
N LEU A 140 18.39 -19.20 3.69
CA LEU A 140 18.16 -19.31 2.22
C LEU A 140 18.07 -20.79 1.85
N ARG A 141 18.90 -21.63 2.44
CA ARG A 141 18.83 -23.06 2.11
C ARG A 141 17.51 -23.66 2.59
N SER A 142 16.90 -23.10 3.62
CA SER A 142 15.53 -23.45 4.04
C SER A 142 14.51 -22.99 2.98
N VAL A 143 14.59 -21.77 2.54
CA VAL A 143 13.51 -21.16 1.75
C VAL A 143 13.78 -21.33 0.25
N SER A 144 15.00 -21.75 -0.11
CA SER A 144 15.39 -21.86 -1.56
C SER A 144 15.81 -23.29 -1.94
N THR A 145 15.11 -23.90 -2.90
CA THR A 145 15.43 -25.24 -3.43
C THR A 145 16.76 -25.23 -4.19
N ALA A 146 17.07 -24.13 -4.88
CA ALA A 146 18.37 -23.95 -5.54
C ALA A 146 19.54 -24.02 -4.54
N VAL A 147 19.44 -23.25 -3.45
CA VAL A 147 20.52 -23.21 -2.42
C VAL A 147 20.61 -24.55 -1.70
N TYR A 148 19.46 -25.15 -1.44
CA TYR A 148 19.47 -26.45 -0.74
C TYR A 148 20.13 -27.51 -1.64
N LYS A 149 19.87 -27.47 -2.94
CA LYS A 149 20.51 -28.43 -3.85
C LYS A 149 22.01 -28.16 -3.86
N ARG A 150 22.42 -26.90 -3.75
CA ARG A 150 23.86 -26.56 -3.70
C ARG A 150 24.45 -27.00 -2.35
N PHE A 151 23.67 -26.90 -1.27
CA PHE A 151 24.14 -27.20 0.10
C PHE A 151 23.18 -28.18 0.74
N PRO A 152 23.20 -29.48 0.34
CA PRO A 152 22.28 -30.45 0.93
C PRO A 152 22.43 -30.63 2.45
N SER A 153 23.63 -30.51 3.01
CA SER A 153 23.89 -30.61 4.47
C SER A 153 24.77 -29.46 4.95
N ALA A 154 24.93 -29.34 6.28
CA ALA A 154 25.78 -28.29 6.89
C ALA A 154 27.24 -28.49 6.52
N GLN A 155 27.65 -29.74 6.30
CA GLN A 155 29.04 -30.04 5.91
C GLN A 155 29.35 -29.41 4.54
N HIS A 156 28.35 -29.32 3.68
CA HIS A 156 28.50 -28.65 2.37
C HIS A 156 28.79 -27.16 2.61
N LEU A 157 28.16 -26.56 3.62
CA LEU A 157 28.46 -25.16 4.01
C LEU A 157 29.87 -25.08 4.56
N VAL A 158 30.31 -26.11 5.25
CA VAL A 158 31.68 -26.13 5.83
C VAL A 158 32.69 -26.14 4.67
N GLN A 159 32.49 -26.97 3.66
CA GLN A 159 33.45 -27.05 2.53
C GLN A 159 33.35 -25.81 1.63
N ALA A 160 32.30 -25.01 1.75
CA ALA A 160 32.11 -23.80 0.91
C ALA A 160 32.57 -22.52 1.62
N GLY A 161 33.09 -22.59 2.85
CA GLY A 161 33.65 -21.43 3.54
C GLY A 161 32.64 -20.67 4.39
N PHE A 162 31.37 -21.06 4.43
CA PHE A 162 30.36 -20.32 5.25
C PHE A 162 30.49 -20.71 6.72
N MET A 163 30.93 -21.92 6.97
CA MET A 163 30.92 -22.52 8.31
C MET A 163 32.29 -23.16 8.56
N THR A 164 32.83 -22.95 9.73
CA THR A 164 34.06 -23.67 10.19
C THR A 164 33.63 -24.98 10.84
N PRO A 165 34.52 -25.97 10.90
CA PRO A 165 34.23 -27.20 11.65
C PRO A 165 33.81 -26.95 13.11
N ALA A 166 34.44 -25.99 13.78
CA ALA A 166 34.08 -25.63 15.17
C ALA A 166 32.63 -25.14 15.17
N GLU A 167 32.30 -24.25 14.22
CA GLU A 167 30.94 -23.70 14.11
C GLU A 167 29.98 -24.86 13.84
N HIS A 168 30.37 -25.77 12.96
CA HIS A 168 29.51 -26.93 12.62
C HIS A 168 29.21 -27.77 13.88
N LYS A 169 30.24 -28.11 14.65
CA LYS A 169 30.02 -28.99 15.82
C LYS A 169 29.23 -28.24 16.90
N GLN A 170 29.48 -26.95 17.04
CA GLN A 170 28.72 -26.11 18.01
C GLN A 170 27.25 -26.10 17.62
N LEU A 171 26.92 -25.97 16.32
CA LEU A 171 25.50 -26.04 15.88
C LEU A 171 24.91 -27.43 16.12
N GLU A 172 25.69 -28.49 15.89
CA GLU A 172 25.18 -29.88 16.14
C GLU A 172 24.86 -30.03 17.63
N LYS A 173 25.68 -29.43 18.50
CA LYS A 173 25.44 -29.53 19.97
C LYS A 173 24.15 -28.80 20.34
N LEU A 174 23.85 -27.67 19.70
CA LEU A 174 22.66 -26.83 20.01
C LEU A 174 21.41 -27.33 19.30
N SER A 175 21.42 -28.52 18.67
CA SER A 175 20.32 -28.97 17.77
C SER A 175 18.98 -28.87 18.49
N LEU A 176 17.99 -28.27 17.84
CA LEU A 176 16.58 -28.19 18.32
C LEU A 176 15.70 -28.69 17.19
N PRO A 177 14.44 -29.09 17.49
CA PRO A 177 13.55 -29.57 16.43
C PRO A 177 13.32 -28.51 15.35
N HIS A 178 13.30 -27.25 15.72
CA HIS A 178 13.01 -26.14 14.76
C HIS A 178 14.28 -25.74 14.01
N ASN A 179 14.13 -24.75 13.14
CA ASN A 179 15.22 -24.29 12.24
C ASN A 179 16.15 -23.39 13.05
N MET A 180 17.43 -23.51 12.81
CA MET A 180 18.48 -22.96 13.69
C MET A 180 19.20 -21.85 12.93
N PHE A 181 18.55 -21.22 11.95
CA PHE A 181 19.09 -20.05 11.25
C PHE A 181 19.37 -18.90 12.20
N TRP A 182 18.68 -18.81 13.34
CA TRP A 182 18.80 -17.71 14.30
C TRP A 182 20.18 -17.75 15.01
N VAL A 183 20.89 -18.88 15.05
CA VAL A 183 22.09 -19.03 15.94
C VAL A 183 23.17 -18.01 15.59
N PRO A 184 23.57 -17.80 14.32
CA PRO A 184 24.66 -16.86 14.06
C PRO A 184 24.39 -15.44 14.61
N TRP A 185 23.14 -15.02 14.73
CA TRP A 185 22.84 -13.69 15.33
C TRP A 185 23.26 -13.65 16.80
N VAL A 186 22.99 -14.71 17.55
CA VAL A 186 23.44 -14.78 18.96
C VAL A 186 24.95 -14.86 19.02
N TRP A 187 25.54 -15.63 18.11
CA TRP A 187 27.03 -15.65 17.98
C TRP A 187 27.57 -14.25 17.71
N PHE A 188 26.98 -13.53 16.75
CA PHE A 188 27.43 -12.17 16.35
C PHE A 188 27.34 -11.24 17.55
N ALA A 189 26.23 -11.29 18.31
CA ALA A 189 26.07 -10.38 19.47
C ALA A 189 27.15 -10.70 20.53
N ASN A 190 27.36 -11.95 20.85
CA ASN A 190 28.35 -12.35 21.89
C ASN A 190 29.77 -12.05 21.42
N LEU A 191 30.05 -12.25 20.14
CA LEU A 191 31.41 -11.95 19.63
C LEU A 191 31.66 -10.42 19.62
N SER A 192 30.68 -9.65 19.22
CA SER A 192 30.81 -8.20 19.13
C SER A 192 30.94 -7.61 20.55
N MET A 193 30.23 -8.18 21.51
CA MET A 193 30.37 -7.76 22.91
C MET A 193 31.78 -8.10 23.39
N LYS A 194 32.29 -9.28 23.05
CA LYS A 194 33.65 -9.70 23.47
C LYS A 194 34.65 -8.71 22.87
N ALA A 195 34.44 -8.36 21.60
CA ALA A 195 35.35 -7.47 20.84
C ALA A 195 35.41 -6.12 21.54
N TRP A 196 34.24 -5.58 21.89
CA TRP A 196 34.11 -4.30 22.61
C TRP A 196 34.83 -4.38 23.95
N LEU A 197 34.61 -5.45 24.70
CA LEU A 197 35.25 -5.58 26.04
C LEU A 197 36.76 -5.74 25.87
N GLY A 198 37.20 -6.35 24.78
CA GLY A 198 38.62 -6.56 24.50
C GLY A 198 39.30 -5.37 23.88
N GLY A 199 38.57 -4.28 23.66
CA GLY A 199 39.12 -3.04 23.11
C GLY A 199 39.23 -3.00 21.59
N ARG A 200 38.82 -4.03 20.86
CA ARG A 200 38.83 -3.98 19.37
C ARG A 200 37.73 -3.02 18.89
N ILE A 201 36.63 -2.88 19.63
CA ILE A 201 35.64 -1.82 19.34
C ILE A 201 35.83 -0.72 20.38
N ARG A 202 36.04 0.50 19.97
CA ARG A 202 36.52 1.55 20.91
C ARG A 202 35.37 2.10 21.75
N ASP A 203 34.17 2.19 21.21
CA ASP A 203 33.03 2.83 21.93
C ASP A 203 31.78 1.99 21.77
N PRO A 204 30.95 1.85 22.81
CA PRO A 204 29.72 1.06 22.70
C PRO A 204 28.64 1.62 21.77
N ILE A 205 28.76 2.89 21.39
CA ILE A 205 27.89 3.47 20.34
C ILE A 205 28.13 2.73 19.01
N LEU A 206 29.40 2.40 18.69
CA LEU A 206 29.72 1.66 17.44
C LEU A 206 29.17 0.25 17.61
N LEU A 207 29.28 -0.27 18.83
CA LEU A 207 28.74 -1.64 19.12
C LEU A 207 27.22 -1.64 18.91
N GLN A 208 26.53 -0.59 19.39
CA GLN A 208 25.09 -0.44 19.14
C GLN A 208 24.82 -0.44 17.64
N SER A 209 25.62 0.32 16.88
CA SER A 209 25.46 0.47 15.41
C SER A 209 25.62 -0.89 14.69
N LEU A 210 26.61 -1.70 15.10
CA LEU A 210 26.82 -3.07 14.54
C LEU A 210 25.59 -3.96 14.82
N LEU A 211 25.08 -3.92 16.05
CA LEU A 211 24.00 -4.82 16.45
C LEU A 211 22.70 -4.41 15.73
N ASN A 212 22.49 -3.11 15.52
CA ASN A 212 21.30 -2.66 14.77
C ASN A 212 21.32 -3.19 13.34
N GLU A 213 22.46 -3.11 12.66
CA GLU A 213 22.59 -3.59 11.26
C GLU A 213 22.37 -5.09 11.21
N MET A 214 23.02 -5.79 12.14
CA MET A 214 22.86 -7.26 12.17
C MET A 214 21.37 -7.62 12.41
N ASN A 215 20.70 -6.90 13.30
CA ASN A 215 19.30 -7.20 13.66
C ASN A 215 18.38 -6.87 12.48
N THR A 216 18.73 -5.85 11.70
CA THR A 216 17.99 -5.58 10.45
C THR A 216 18.02 -6.85 9.57
N LEU A 217 19.22 -7.41 9.36
CA LEU A 217 19.34 -8.65 8.56
C LEU A 217 18.48 -9.75 9.19
N ARG A 218 18.46 -9.84 10.51
CA ARG A 218 17.60 -10.87 11.16
C ARG A 218 16.15 -10.67 10.71
N THR A 219 15.61 -9.46 10.89
CA THR A 219 14.23 -9.13 10.52
C THR A 219 13.95 -9.47 9.04
N GLN A 220 14.89 -9.20 8.12
CA GLN A 220 14.75 -9.63 6.70
C GLN A 220 14.70 -11.14 6.56
N CYS A 221 15.58 -11.83 7.25
CA CYS A 221 15.62 -13.31 7.20
C CYS A 221 14.31 -13.83 7.75
N GLY A 222 13.77 -13.18 8.79
CA GLY A 222 12.52 -13.63 9.39
C GLY A 222 11.39 -13.50 8.43
N HIS A 223 11.38 -12.39 7.69
CA HIS A 223 10.34 -12.21 6.66
C HIS A 223 10.47 -13.35 5.65
N LEU A 224 11.69 -13.70 5.23
CA LEU A 224 11.85 -14.78 4.25
C LEU A 224 11.26 -16.08 4.83
N TYR A 225 11.61 -16.39 6.07
CA TYR A 225 11.07 -17.55 6.81
C TYR A 225 9.53 -17.53 6.77
N ALA A 226 8.94 -16.38 7.07
CA ALA A 226 7.48 -16.20 7.12
C ALA A 226 6.90 -16.47 5.74
N TYR A 227 7.44 -15.92 4.67
CA TYR A 227 6.85 -16.12 3.31
C TYR A 227 7.00 -17.59 2.90
N ASP A 228 8.07 -18.26 3.31
CA ASP A 228 8.22 -19.70 3.01
C ASP A 228 7.21 -20.53 3.78
N TRP A 229 6.96 -20.18 5.03
CA TRP A 229 6.15 -21.03 5.95
C TRP A 229 4.67 -20.77 5.66
N ILE A 230 4.23 -19.53 5.72
CA ILE A 230 2.82 -19.13 5.49
C ILE A 230 2.64 -18.91 4.01
N SER A 231 2.30 -20.00 3.33
CA SER A 231 1.97 -20.03 1.89
C SER A 231 0.76 -19.15 1.64
N ILE A 232 0.54 -18.75 0.40
CA ILE A 232 -0.79 -18.24 0.02
C ILE A 232 -1.76 -19.35 0.41
N PRO A 233 -2.89 -19.04 1.08
CA PRO A 233 -3.81 -20.08 1.54
C PRO A 233 -4.14 -21.07 0.42
N LEU A 234 -4.01 -22.36 0.72
CA LEU A 234 -4.17 -23.45 -0.28
C LEU A 234 -5.55 -23.37 -0.92
N VAL A 235 -6.56 -22.91 -0.18
CA VAL A 235 -7.91 -22.66 -0.74
C VAL A 235 -7.83 -21.78 -1.99
N TYR A 236 -7.05 -20.71 -1.95
CA TYR A 236 -7.00 -19.77 -3.11
C TYR A 236 -6.34 -20.43 -4.31
N THR A 237 -5.26 -21.14 -4.07
CA THR A 237 -4.54 -21.82 -5.17
C THR A 237 -5.47 -22.87 -5.80
N GLN A 238 -6.10 -23.68 -4.97
CA GLN A 238 -7.10 -24.67 -5.45
C GLN A 238 -8.22 -23.99 -6.26
N VAL A 239 -8.76 -22.89 -5.76
CA VAL A 239 -9.90 -22.23 -6.43
C VAL A 239 -9.47 -21.68 -7.79
N VAL A 240 -8.32 -21.04 -7.86
CA VAL A 240 -7.90 -20.38 -9.12
C VAL A 240 -7.53 -21.50 -10.12
N THR A 241 -7.00 -22.60 -9.62
CA THR A 241 -6.65 -23.76 -10.47
C THR A 241 -7.93 -24.33 -11.07
N VAL A 242 -8.95 -24.48 -10.23
CA VAL A 242 -10.26 -25.03 -10.67
C VAL A 242 -10.88 -24.06 -11.69
N ALA A 243 -10.78 -22.77 -11.44
CA ALA A 243 -11.40 -21.77 -12.33
C ALA A 243 -10.78 -21.90 -13.72
N VAL A 244 -9.48 -21.91 -13.81
CA VAL A 244 -8.78 -21.94 -15.12
C VAL A 244 -9.07 -23.27 -15.84
N TYR A 245 -8.92 -24.37 -15.14
CA TYR A 245 -9.17 -25.71 -15.72
C TYR A 245 -10.64 -25.88 -16.15
N SER A 246 -11.59 -25.39 -15.37
CA SER A 246 -13.03 -25.54 -15.70
C SER A 246 -13.32 -24.71 -16.93
N PHE A 247 -12.80 -23.51 -16.97
CA PHE A 247 -12.97 -22.64 -18.16
C PHE A 247 -12.51 -23.36 -19.45
N PHE A 248 -11.35 -24.00 -19.44
CA PHE A 248 -10.78 -24.54 -20.70
C PHE A 248 -11.33 -25.94 -20.94
N LEU A 249 -11.74 -26.64 -19.89
CA LEU A 249 -12.40 -27.95 -20.09
C LEU A 249 -13.75 -27.71 -20.74
N THR A 250 -14.47 -26.66 -20.35
CA THR A 250 -15.77 -26.34 -20.99
C THR A 250 -15.54 -25.75 -22.37
N CYS A 251 -14.41 -25.07 -22.59
CA CYS A 251 -14.04 -24.58 -23.94
C CYS A 251 -13.78 -25.78 -24.87
N LEU A 252 -13.35 -26.91 -24.35
CA LEU A 252 -13.02 -28.09 -25.20
C LEU A 252 -14.26 -28.48 -26.01
N VAL A 253 -15.46 -28.23 -25.49
CA VAL A 253 -16.73 -28.59 -26.19
C VAL A 253 -17.46 -27.33 -26.69
N GLY A 254 -17.54 -26.29 -25.87
CA GLY A 254 -18.26 -25.06 -26.21
C GLY A 254 -17.64 -24.32 -27.37
N ARG A 255 -16.35 -24.52 -27.63
CA ARG A 255 -15.62 -23.71 -28.62
C ARG A 255 -15.36 -24.56 -29.83
N GLN A 256 -16.01 -25.71 -29.96
CA GLN A 256 -15.94 -26.48 -31.24
C GLN A 256 -16.66 -25.69 -32.33
N PHE A 257 -16.25 -25.88 -33.57
CA PHE A 257 -16.92 -25.27 -34.74
C PHE A 257 -17.97 -26.27 -35.16
N LEU A 258 -19.24 -25.94 -34.83
CA LEU A 258 -20.38 -26.79 -35.21
C LEU A 258 -20.53 -26.81 -36.72
N ASN A 259 -21.35 -27.73 -37.23
CA ASN A 259 -21.63 -27.87 -38.68
C ASN A 259 -22.17 -26.54 -39.19
N PRO A 260 -21.49 -25.89 -40.16
CA PRO A 260 -21.99 -24.62 -40.67
C PRO A 260 -23.22 -24.78 -41.56
N ALA A 261 -23.50 -26.00 -42.04
CA ALA A 261 -24.72 -26.31 -42.82
C ALA A 261 -25.98 -25.96 -42.01
N LYS A 262 -25.98 -26.23 -40.72
CA LYS A 262 -27.18 -26.02 -39.86
C LYS A 262 -27.37 -24.55 -39.52
N ALA A 263 -26.39 -23.69 -39.83
CA ALA A 263 -26.52 -22.22 -39.74
C ALA A 263 -26.95 -21.83 -38.32
N TYR A 264 -26.24 -22.32 -37.31
CA TYR A 264 -26.46 -21.88 -35.92
C TYR A 264 -25.97 -20.44 -35.79
N PRO A 265 -26.62 -19.61 -34.96
CA PRO A 265 -26.13 -18.27 -34.70
C PRO A 265 -24.71 -18.31 -34.09
N GLY A 266 -23.78 -17.61 -34.74
CA GLY A 266 -22.37 -17.54 -34.32
C GLY A 266 -21.55 -18.71 -34.86
N HIS A 267 -22.17 -19.68 -35.53
CA HIS A 267 -21.46 -20.86 -36.06
C HIS A 267 -21.57 -20.92 -37.58
N GLU A 268 -21.79 -19.77 -38.23
CA GLU A 268 -22.01 -19.73 -39.70
C GLU A 268 -20.69 -20.10 -40.38
N LEU A 269 -19.58 -19.58 -39.87
CA LEU A 269 -18.26 -19.72 -40.51
C LEU A 269 -17.43 -20.74 -39.72
N ASP A 270 -16.90 -21.72 -40.44
CA ASP A 270 -16.00 -22.73 -39.84
C ASP A 270 -14.55 -22.40 -40.17
N LEU A 271 -13.76 -22.05 -39.16
CA LEU A 271 -12.34 -21.64 -39.35
C LEU A 271 -11.38 -22.75 -38.88
N VAL A 272 -11.93 -23.86 -38.40
CA VAL A 272 -11.13 -25.04 -37.92
C VAL A 272 -10.30 -24.63 -36.70
N VAL A 273 -9.53 -23.55 -36.80
CA VAL A 273 -8.63 -23.11 -35.70
C VAL A 273 -9.36 -22.06 -34.86
N PRO A 274 -9.67 -22.37 -33.58
CA PRO A 274 -10.28 -21.41 -32.67
C PRO A 274 -9.26 -20.40 -32.10
N VAL A 275 -8.97 -19.41 -32.93
CA VAL A 275 -7.88 -18.44 -32.68
C VAL A 275 -8.18 -17.73 -31.36
N PHE A 276 -9.41 -17.30 -31.16
CA PHE A 276 -9.79 -16.50 -29.97
C PHE A 276 -9.75 -17.39 -28.72
N THR A 277 -10.10 -18.65 -28.84
CA THR A 277 -10.00 -19.60 -27.73
C THR A 277 -8.53 -19.84 -27.38
N PHE A 278 -7.68 -19.96 -28.37
CA PHE A 278 -6.23 -20.08 -28.13
C PHE A 278 -5.66 -18.78 -27.52
N LEU A 279 -6.18 -17.62 -27.92
CA LEU A 279 -5.73 -16.34 -27.35
C LEU A 279 -6.16 -16.28 -25.89
N GLN A 280 -7.37 -16.72 -25.60
CA GLN A 280 -7.87 -16.71 -24.19
C GLN A 280 -7.02 -17.70 -23.38
N PHE A 281 -6.67 -18.85 -23.95
CA PHE A 281 -5.77 -19.79 -23.26
C PHE A 281 -4.47 -19.06 -22.95
N PHE A 282 -3.88 -18.43 -23.94
CA PHE A 282 -2.61 -17.69 -23.79
C PHE A 282 -2.68 -16.64 -22.67
N PHE A 283 -3.67 -15.80 -22.67
CA PHE A 283 -3.89 -14.79 -21.59
C PHE A 283 -4.13 -15.47 -20.25
N TYR A 284 -5.11 -16.34 -20.11
CA TYR A 284 -5.59 -16.82 -18.80
C TYR A 284 -4.63 -17.86 -18.25
N VAL A 285 -4.25 -18.81 -19.05
CA VAL A 285 -3.39 -19.89 -18.55
C VAL A 285 -2.00 -19.31 -18.37
N GLY A 286 -1.55 -18.43 -19.26
CA GLY A 286 -0.26 -17.77 -19.13
C GLY A 286 -0.21 -17.00 -17.83
N TRP A 287 -1.28 -16.33 -17.54
CA TRP A 287 -1.46 -15.56 -16.29
C TRP A 287 -1.37 -16.42 -15.03
N LEU A 288 -2.03 -17.55 -15.04
CA LEU A 288 -1.90 -18.56 -13.98
C LEU A 288 -0.46 -19.08 -13.90
N LYS A 289 0.17 -19.36 -15.05
CA LYS A 289 1.51 -19.99 -15.09
C LYS A 289 2.55 -18.97 -14.59
N VAL A 290 2.31 -17.69 -14.83
CA VAL A 290 3.18 -16.65 -14.25
C VAL A 290 3.05 -16.71 -12.73
N ALA A 291 1.82 -16.80 -12.22
CA ALA A 291 1.62 -16.93 -10.79
C ALA A 291 2.33 -18.20 -10.29
N GLU A 292 2.30 -19.30 -11.02
CA GLU A 292 2.95 -20.55 -10.56
C GLU A 292 4.46 -20.36 -10.49
N GLN A 293 5.03 -19.66 -11.45
CA GLN A 293 6.45 -19.29 -11.44
C GLN A 293 6.80 -18.40 -10.24
N LEU A 294 6.01 -17.39 -9.92
CA LEU A 294 6.39 -16.34 -8.96
C LEU A 294 6.02 -16.75 -7.54
N ILE A 295 5.18 -17.76 -7.37
CA ILE A 295 4.58 -18.05 -6.03
C ILE A 295 5.72 -18.43 -5.05
N ASN A 296 6.74 -19.10 -5.55
CA ASN A 296 8.00 -19.39 -4.85
C ASN A 296 9.13 -18.86 -5.71
N PRO A 297 9.61 -17.62 -5.48
CA PRO A 297 10.64 -17.07 -6.33
C PRO A 297 12.07 -17.60 -6.04
N PHE A 298 12.21 -18.59 -5.18
CA PHE A 298 13.53 -19.11 -4.75
C PHE A 298 13.74 -20.50 -5.29
N GLY A 299 12.97 -20.89 -6.32
CA GLY A 299 13.14 -22.14 -7.06
C GLY A 299 14.23 -22.06 -8.10
N GLU A 300 14.11 -22.86 -9.15
CA GLU A 300 15.11 -22.95 -10.24
C GLU A 300 14.48 -22.52 -11.57
N ASP A 301 13.45 -21.68 -11.47
CA ASP A 301 12.79 -21.12 -12.68
C ASP A 301 13.68 -20.04 -13.30
N ASP A 302 13.56 -19.85 -14.62
CA ASP A 302 14.34 -18.84 -15.38
C ASP A 302 14.22 -17.49 -14.66
N ASP A 303 13.01 -17.11 -14.25
CA ASP A 303 12.72 -15.75 -13.75
C ASP A 303 12.71 -15.74 -12.23
N ASP A 304 13.05 -16.85 -11.60
CA ASP A 304 13.29 -16.89 -10.14
C ASP A 304 14.58 -16.12 -9.79
N PHE A 305 14.66 -15.62 -8.57
CA PHE A 305 15.84 -14.87 -8.07
C PHE A 305 17.09 -15.73 -8.17
N GLU A 306 18.18 -15.10 -8.53
CA GLU A 306 19.51 -15.72 -8.61
C GLU A 306 20.09 -15.79 -7.20
N THR A 307 19.50 -16.61 -6.36
CA THR A 307 19.82 -16.75 -4.94
C THR A 307 21.25 -17.28 -4.76
N ASN A 308 21.68 -18.28 -5.51
CA ASN A 308 23.07 -18.78 -5.39
C ASN A 308 24.05 -17.68 -5.77
N TRP A 309 23.75 -16.94 -6.82
CA TRP A 309 24.63 -15.84 -7.26
C TRP A 309 24.72 -14.83 -6.11
N ILE A 310 23.57 -14.52 -5.51
CA ILE A 310 23.49 -13.53 -4.39
C ILE A 310 24.35 -14.02 -3.22
N VAL A 311 24.25 -15.28 -2.89
CA VAL A 311 24.98 -15.86 -1.74
C VAL A 311 26.49 -15.75 -2.00
N ASP A 312 26.95 -16.17 -3.18
CA ASP A 312 28.39 -16.14 -3.53
C ASP A 312 28.92 -14.71 -3.53
N ARG A 313 28.16 -13.81 -4.16
CA ARG A 313 28.57 -12.39 -4.27
C ARG A 313 28.68 -11.81 -2.87
N ASN A 314 27.68 -12.10 -2.04
CA ASN A 314 27.59 -11.50 -0.69
C ASN A 314 28.84 -11.94 0.07
N LEU A 315 29.23 -13.20 0.00
CA LEU A 315 30.35 -13.72 0.85
C LEU A 315 31.65 -13.12 0.33
N GLN A 316 31.83 -13.10 -0.98
CA GLN A 316 33.06 -12.53 -1.62
C GLN A 316 33.22 -11.05 -1.24
N VAL A 317 32.17 -10.27 -1.44
CA VAL A 317 32.18 -8.80 -1.20
C VAL A 317 32.37 -8.51 0.30
N SER A 318 31.67 -9.23 1.17
CA SER A 318 31.81 -9.08 2.63
C SER A 318 33.27 -9.32 3.06
N LEU A 319 33.84 -10.41 2.61
CA LEU A 319 35.22 -10.75 3.06
C LEU A 319 36.20 -9.73 2.49
N LEU A 320 35.98 -9.28 1.27
CA LEU A 320 36.90 -8.27 0.69
C LEU A 320 36.83 -6.99 1.53
N ALA A 321 35.61 -6.47 1.68
CA ALA A 321 35.30 -5.19 2.35
C ALA A 321 35.88 -5.17 3.73
N VAL A 322 35.83 -6.26 4.48
CA VAL A 322 36.26 -6.18 5.90
C VAL A 322 37.72 -6.60 6.08
N ASP A 323 38.28 -7.39 5.18
CA ASP A 323 39.68 -7.81 5.35
C ASP A 323 40.59 -6.89 4.54
N GLU A 324 40.50 -6.90 3.22
CA GLU A 324 41.49 -6.19 2.36
C GLU A 324 41.22 -4.68 2.33
N MET A 325 39.99 -4.25 2.58
CA MET A 325 39.57 -2.84 2.49
C MET A 325 39.59 -2.16 3.87
N HIS A 326 39.89 -2.89 4.95
CA HIS A 326 39.97 -2.30 6.30
C HIS A 326 41.19 -1.37 6.35
N GLN A 327 40.95 -0.07 6.55
CA GLN A 327 42.01 0.98 6.70
C GLN A 327 42.92 1.02 5.49
N ASP A 328 42.52 0.41 4.38
CA ASP A 328 43.15 0.63 3.06
C ASP A 328 42.30 1.67 2.32
N LEU A 329 42.78 2.90 2.28
CA LEU A 329 42.06 4.02 1.63
C LEU A 329 42.88 4.57 0.48
N PRO A 330 42.22 5.05 -0.58
CA PRO A 330 42.91 5.79 -1.63
C PRO A 330 43.55 7.05 -1.01
N ARG A 331 44.69 7.45 -1.57
CA ARG A 331 45.35 8.70 -1.12
C ARG A 331 44.38 9.84 -1.33
N MET A 332 44.16 10.60 -0.27
CA MET A 332 43.22 11.74 -0.27
C MET A 332 43.90 12.91 -0.96
N GLU A 333 43.47 13.24 -2.17
CA GLU A 333 44.07 14.35 -2.95
C GLU A 333 42.94 15.25 -3.42
N PRO A 334 43.21 16.56 -3.61
CA PRO A 334 42.16 17.48 -4.02
C PRO A 334 41.53 17.08 -5.35
N ASP A 335 40.21 17.25 -5.42
CA ASP A 335 39.42 16.87 -6.61
C ASP A 335 39.64 17.93 -7.70
N MET A 336 38.98 17.71 -8.83
CA MET A 336 39.10 18.53 -10.04
C MET A 336 38.46 19.90 -9.81
N TYR A 337 37.40 19.95 -9.01
CA TYR A 337 36.65 21.18 -8.66
C TYR A 337 37.28 21.87 -7.46
N TRP A 338 38.43 21.43 -6.98
CA TRP A 338 39.00 21.88 -5.67
C TRP A 338 39.10 23.41 -5.62
N ASN A 339 39.76 24.03 -6.60
CA ASN A 339 39.87 25.52 -6.65
C ASN A 339 40.33 25.93 -8.05
N THR B 2 -1.10 -23.87 9.99
CA THR B 2 -1.01 -23.52 8.56
C THR B 2 -0.61 -24.74 7.73
N ILE B 3 -1.08 -24.79 6.50
CA ILE B 3 -0.67 -25.82 5.51
C ILE B 3 0.31 -25.16 4.56
N THR B 4 1.54 -25.65 4.55
CA THR B 4 2.65 -25.08 3.74
C THR B 4 2.87 -26.02 2.56
N TYR B 5 3.03 -25.45 1.37
CA TYR B 5 3.31 -26.23 0.13
C TYR B 5 4.32 -25.49 -0.74
N THR B 6 5.07 -24.55 -0.15
CA THR B 6 5.94 -23.59 -0.88
C THR B 6 7.01 -24.37 -1.62
N SER B 7 7.55 -25.40 -0.99
CA SER B 7 8.59 -26.25 -1.59
C SER B 7 8.00 -26.94 -2.82
N GLN B 8 6.77 -27.39 -2.75
CA GLN B 8 6.11 -28.18 -3.83
C GLN B 8 5.99 -27.30 -5.08
N VAL B 9 5.78 -26.01 -4.92
CA VAL B 9 5.56 -25.07 -6.04
C VAL B 9 6.81 -24.20 -6.30
N ALA B 10 8.01 -24.70 -5.99
CA ALA B 10 9.26 -23.95 -6.20
C ALA B 10 9.46 -23.65 -7.71
N ASN B 11 9.03 -24.53 -8.59
CA ASN B 11 9.24 -24.35 -10.06
C ASN B 11 7.88 -24.47 -10.74
N ALA B 12 7.60 -23.64 -11.73
CA ALA B 12 6.48 -23.83 -12.67
C ALA B 12 6.69 -25.14 -13.44
N ARG B 13 5.69 -26.02 -13.44
CA ARG B 13 5.75 -27.30 -14.18
C ARG B 13 4.37 -27.67 -14.69
N LEU B 14 4.27 -28.66 -15.57
CA LEU B 14 2.96 -29.11 -16.12
C LEU B 14 1.95 -29.44 -14.99
N GLY B 15 0.72 -28.94 -15.10
CA GLY B 15 -0.31 -29.11 -14.05
C GLY B 15 -0.05 -28.13 -12.93
N SER B 16 1.15 -28.20 -12.33
CA SER B 16 1.52 -27.31 -11.20
C SER B 16 0.46 -27.40 -10.09
N PHE B 17 -0.27 -26.31 -9.84
CA PHE B 17 -1.29 -26.29 -8.76
C PHE B 17 -2.28 -27.45 -8.92
N SER B 18 -2.21 -28.18 -10.03
CA SER B 18 -3.08 -29.32 -10.30
C SER B 18 -2.76 -30.49 -9.36
N ARG B 19 -1.56 -30.63 -8.87
CA ARG B 19 -1.24 -31.63 -7.85
C ARG B 19 -1.80 -31.17 -6.50
N LEU B 20 -2.08 -29.88 -6.37
CA LEU B 20 -2.58 -29.34 -5.07
C LEU B 20 -4.08 -29.61 -4.92
N LEU B 21 -4.77 -29.88 -6.04
CA LEU B 21 -6.21 -30.20 -6.01
C LEU B 21 -6.47 -31.43 -5.19
N LEU B 22 -5.48 -32.31 -5.06
CA LEU B 22 -5.62 -33.58 -4.30
C LEU B 22 -5.07 -33.38 -2.88
N CYS B 23 -5.65 -32.44 -2.14
CA CYS B 23 -5.19 -32.13 -0.79
C CYS B 23 -6.48 -31.90 -0.09
N TRP B 24 -6.59 -32.44 1.09
CA TRP B 24 -7.82 -32.35 1.87
C TRP B 24 -7.62 -31.36 3.01
N ARG B 25 -6.54 -31.50 3.74
CA ARG B 25 -6.30 -30.63 4.90
C ARG B 25 -6.07 -29.22 4.35
N GLY B 26 -6.80 -28.26 4.89
CA GLY B 26 -6.63 -26.88 4.45
C GLY B 26 -7.22 -26.62 3.07
N SER B 27 -8.12 -27.47 2.59
CA SER B 27 -8.62 -27.41 1.20
C SER B 27 -9.97 -26.70 1.14
N ILE B 28 -10.34 -26.33 -0.07
CA ILE B 28 -11.68 -25.73 -0.35
C ILE B 28 -12.77 -26.78 -0.15
N TYR B 29 -12.53 -28.06 -0.44
CA TYR B 29 -13.51 -29.16 -0.25
C TYR B 29 -13.92 -29.25 1.21
N LYS B 30 -12.95 -29.21 2.12
CA LYS B 30 -13.19 -29.27 3.58
C LYS B 30 -14.03 -28.06 4.01
N LEU B 31 -13.78 -26.89 3.43
CA LEU B 31 -14.49 -25.65 3.82
C LEU B 31 -15.88 -25.67 3.20
N LEU B 32 -16.08 -26.32 2.06
CA LEU B 32 -17.35 -26.17 1.30
C LEU B 32 -18.32 -27.34 1.46
N TYR B 33 -17.89 -28.55 1.82
CA TYR B 33 -18.74 -29.74 1.62
C TYR B 33 -20.09 -29.58 2.34
N GLY B 34 -20.15 -29.17 3.60
CA GLY B 34 -21.41 -29.14 4.39
C GLY B 34 -22.46 -28.20 3.83
N GLU B 35 -22.05 -26.98 3.52
CA GLU B 35 -22.93 -25.98 2.87
C GLU B 35 -23.32 -26.45 1.49
N PHE B 36 -22.39 -27.06 0.76
CA PHE B 36 -22.63 -27.60 -0.60
C PHE B 36 -23.66 -28.71 -0.50
N LEU B 37 -23.56 -29.56 0.49
CA LEU B 37 -24.49 -30.72 0.60
C LEU B 37 -25.87 -30.19 0.95
N ILE B 38 -25.95 -29.14 1.74
CA ILE B 38 -27.26 -28.53 2.08
C ILE B 38 -27.86 -27.89 0.81
N PHE B 39 -27.08 -27.18 0.03
CA PHE B 39 -27.51 -26.56 -1.25
C PHE B 39 -27.96 -27.66 -2.22
N LEU B 40 -27.19 -28.75 -2.31
CA LEU B 40 -27.48 -29.88 -3.22
C LEU B 40 -28.83 -30.49 -2.82
N LEU B 41 -29.10 -30.63 -1.53
CA LEU B 41 -30.35 -31.26 -1.05
C LEU B 41 -31.52 -30.34 -1.39
N CYS B 42 -31.39 -29.05 -1.09
CA CYS B 42 -32.46 -28.08 -1.33
C CYS B 42 -32.78 -28.02 -2.84
N TYR B 43 -31.77 -27.95 -3.68
CA TYR B 43 -31.97 -27.87 -5.14
C TYR B 43 -32.79 -29.06 -5.66
N TYR B 44 -32.45 -30.24 -5.25
CA TYR B 44 -33.08 -31.48 -5.77
C TYR B 44 -34.45 -31.65 -5.14
N ILE B 45 -34.63 -31.21 -3.90
CA ILE B 45 -35.97 -31.20 -3.27
C ILE B 45 -36.86 -30.30 -4.11
N ILE B 46 -36.39 -29.10 -4.45
CA ILE B 46 -37.19 -28.15 -5.26
C ILE B 46 -37.48 -28.76 -6.61
N ARG B 47 -36.51 -29.41 -7.25
CA ARG B 47 -36.72 -30.06 -8.57
C ARG B 47 -37.81 -31.12 -8.42
N PHE B 48 -37.72 -31.97 -7.42
CA PHE B 48 -38.68 -33.07 -7.21
C PHE B 48 -40.06 -32.49 -6.91
N ILE B 49 -40.15 -31.44 -6.11
CA ILE B 49 -41.47 -30.78 -5.83
C ILE B 49 -42.05 -30.30 -7.17
N TYR B 50 -41.25 -29.58 -7.95
CA TYR B 50 -41.71 -29.02 -9.22
C TYR B 50 -42.14 -30.13 -10.19
N ARG B 51 -41.42 -31.24 -10.23
CA ARG B 51 -41.64 -32.26 -11.29
C ARG B 51 -42.71 -33.27 -10.87
N LEU B 52 -42.87 -33.54 -9.58
CA LEU B 52 -43.77 -34.64 -9.13
C LEU B 52 -44.78 -34.17 -8.08
N ALA B 53 -44.97 -32.88 -7.86
CA ALA B 53 -45.93 -32.40 -6.84
C ALA B 53 -46.86 -31.35 -7.43
N LEU B 54 -46.35 -30.43 -8.25
CA LEU B 54 -47.16 -29.31 -8.76
C LEU B 54 -48.06 -29.81 -9.89
N THR B 55 -49.26 -29.23 -9.99
CA THR B 55 -50.16 -29.43 -11.14
C THR B 55 -49.68 -28.59 -12.33
N GLU B 56 -50.36 -28.73 -13.47
CA GLU B 56 -49.95 -28.11 -14.74
C GLU B 56 -49.88 -26.60 -14.58
N GLU B 57 -50.93 -25.97 -14.07
CA GLU B 57 -50.96 -24.49 -13.89
C GLU B 57 -49.91 -24.09 -12.84
N GLN B 58 -49.75 -24.92 -11.82
CA GLN B 58 -48.69 -24.67 -10.80
C GLN B 58 -47.31 -24.78 -11.47
N GLN B 59 -47.12 -25.74 -12.36
CA GLN B 59 -45.84 -25.87 -13.10
C GLN B 59 -45.62 -24.62 -13.96
N LEU B 60 -46.66 -24.08 -14.62
CA LEU B 60 -46.52 -22.85 -15.44
C LEU B 60 -46.09 -21.69 -14.54
N MET B 61 -46.70 -21.57 -13.37
CA MET B 61 -46.39 -20.45 -12.45
C MET B 61 -44.94 -20.59 -11.98
N PHE B 62 -44.53 -21.82 -11.65
CA PHE B 62 -43.17 -22.12 -11.17
C PHE B 62 -42.19 -21.75 -12.28
N GLU B 63 -42.53 -22.05 -13.53
CA GLU B 63 -41.62 -21.79 -14.66
C GLU B 63 -41.47 -20.28 -14.88
N LYS B 64 -42.56 -19.53 -14.72
CA LYS B 64 -42.53 -18.06 -14.81
C LYS B 64 -41.56 -17.56 -13.73
N LEU B 65 -41.72 -18.06 -12.50
CA LEU B 65 -40.88 -17.60 -11.36
C LEU B 65 -39.41 -17.97 -11.61
N THR B 66 -39.14 -19.14 -12.15
CA THR B 66 -37.77 -19.57 -12.53
C THR B 66 -37.13 -18.63 -13.55
N LEU B 67 -37.85 -18.30 -14.61
CA LEU B 67 -37.32 -17.38 -15.66
C LEU B 67 -37.12 -15.97 -15.09
N TYR B 68 -37.99 -15.53 -14.17
CA TYR B 68 -37.91 -14.20 -13.52
C TYR B 68 -36.63 -14.18 -12.68
N CYS B 69 -36.45 -15.21 -11.85
CA CYS B 69 -35.32 -15.28 -10.91
C CYS B 69 -34.03 -15.35 -11.71
N ASP B 70 -33.98 -16.18 -12.73
CA ASP B 70 -32.71 -16.32 -13.51
C ASP B 70 -32.42 -14.97 -14.19
N SER B 71 -33.44 -14.28 -14.67
CA SER B 71 -33.26 -12.93 -15.30
C SER B 71 -32.68 -11.92 -14.30
N TYR B 72 -33.16 -11.88 -13.05
CA TYR B 72 -32.74 -10.85 -12.05
C TYR B 72 -31.72 -11.42 -11.06
N ILE B 73 -30.95 -12.43 -11.46
CA ILE B 73 -29.80 -12.92 -10.65
C ILE B 73 -28.72 -11.83 -10.63
N GLN B 74 -28.54 -11.06 -11.70
CA GLN B 74 -27.38 -10.17 -11.89
C GLN B 74 -27.55 -8.87 -11.09
N LEU B 75 -28.73 -8.61 -10.52
CA LEU B 75 -28.94 -7.39 -9.67
C LEU B 75 -28.06 -7.49 -8.43
N ILE B 76 -27.65 -8.70 -8.04
CA ILE B 76 -26.89 -8.90 -6.78
C ILE B 76 -25.42 -8.61 -7.10
N PRO B 77 -24.84 -7.55 -6.49
CA PRO B 77 -23.45 -7.18 -6.74
C PRO B 77 -22.46 -8.12 -6.01
N ILE B 78 -22.58 -9.42 -6.25
CA ILE B 78 -21.85 -10.43 -5.45
C ILE B 78 -20.34 -10.25 -5.66
N SER B 79 -19.89 -10.14 -6.89
CA SER B 79 -18.46 -9.82 -7.22
C SER B 79 -18.01 -8.51 -6.54
N PHE B 80 -18.79 -7.45 -6.65
CA PHE B 80 -18.48 -6.13 -6.03
C PHE B 80 -18.22 -6.30 -4.53
N VAL B 81 -19.25 -6.66 -3.81
CA VAL B 81 -19.24 -6.82 -2.32
C VAL B 81 -18.14 -7.83 -1.92
N LEU B 82 -18.09 -8.98 -2.56
CA LEU B 82 -17.23 -10.09 -2.08
C LEU B 82 -15.77 -9.76 -2.38
N GLY B 83 -15.50 -9.04 -3.45
CA GLY B 83 -14.12 -8.63 -3.77
C GLY B 83 -13.59 -7.66 -2.77
N PHE B 84 -14.42 -6.68 -2.42
CA PHE B 84 -14.05 -5.67 -1.41
C PHE B 84 -13.75 -6.42 -0.11
N TYR B 85 -14.69 -7.25 0.33
CA TYR B 85 -14.57 -7.95 1.64
C TYR B 85 -13.28 -8.78 1.69
N VAL B 86 -13.00 -9.49 0.63
CA VAL B 86 -11.89 -10.47 0.61
C VAL B 86 -10.55 -9.71 0.60
N THR B 87 -10.47 -8.60 -0.09
CA THR B 87 -9.23 -7.82 -0.10
C THR B 87 -8.95 -7.27 1.32
N LEU B 88 -9.99 -6.82 2.00
CA LEU B 88 -9.90 -6.34 3.38
C LEU B 88 -9.40 -7.46 4.29
N VAL B 89 -9.98 -8.65 4.16
CA VAL B 89 -9.62 -9.79 5.03
C VAL B 89 -8.18 -10.21 4.78
N VAL B 90 -7.75 -10.27 3.55
CA VAL B 90 -6.39 -10.78 3.22
C VAL B 90 -5.33 -9.77 3.67
N THR B 91 -5.62 -8.50 3.50
CA THR B 91 -4.69 -7.45 3.99
C THR B 91 -4.53 -7.60 5.50
N ARG B 92 -5.64 -7.73 6.20
CA ARG B 92 -5.64 -7.77 7.67
C ARG B 92 -4.92 -9.05 8.09
N TRP B 93 -5.07 -10.13 7.34
CA TRP B 93 -4.51 -11.46 7.68
C TRP B 93 -3.00 -11.36 7.66
N TRP B 94 -2.46 -10.82 6.59
CA TRP B 94 -1.00 -10.72 6.51
C TRP B 94 -0.47 -9.68 7.51
N ASN B 95 -1.17 -8.58 7.72
CA ASN B 95 -0.79 -7.59 8.77
C ASN B 95 -0.76 -8.26 10.14
N GLN B 96 -1.70 -9.13 10.41
CA GLN B 96 -1.74 -9.88 11.68
C GLN B 96 -0.50 -10.75 11.78
N TYR B 97 -0.11 -11.41 10.72
CA TYR B 97 1.11 -12.26 10.79
C TYR B 97 2.37 -11.42 11.01
N GLU B 98 2.49 -10.28 10.34
CA GLU B 98 3.67 -9.41 10.49
C GLU B 98 3.82 -8.89 11.93
N ASN B 99 2.78 -8.90 12.72
CA ASN B 99 2.77 -8.34 14.09
C ASN B 99 2.82 -9.47 15.11
N LEU B 100 3.08 -10.71 14.70
CA LEU B 100 3.47 -11.76 15.68
C LEU B 100 4.86 -11.43 16.19
N PRO B 101 5.03 -11.28 17.50
CA PRO B 101 6.34 -10.89 18.02
C PRO B 101 7.30 -12.07 18.12
N TRP B 102 8.48 -11.89 17.54
CA TRP B 102 9.60 -12.87 17.64
C TRP B 102 10.66 -12.27 18.54
N PRO B 103 11.04 -12.92 19.64
CA PRO B 103 12.08 -12.38 20.53
C PRO B 103 13.54 -12.45 20.08
N ASP B 104 13.80 -12.84 18.81
CA ASP B 104 15.16 -13.15 18.33
C ASP B 104 16.07 -11.93 18.43
N ARG B 105 15.60 -10.79 17.92
CA ARG B 105 16.37 -9.53 18.04
C ARG B 105 16.67 -9.23 19.51
N LEU B 106 15.69 -9.40 20.38
CA LEU B 106 15.88 -9.09 21.81
C LEU B 106 16.78 -10.14 22.46
N MET B 107 16.59 -11.43 22.14
CA MET B 107 17.33 -12.49 22.87
C MET B 107 18.83 -12.40 22.56
N SER B 108 19.20 -12.06 21.33
CA SER B 108 20.61 -11.77 20.97
C SER B 108 21.18 -10.61 21.83
N LEU B 109 20.42 -9.51 22.02
CA LEU B 109 20.91 -8.38 22.87
C LEU B 109 20.99 -8.77 24.34
N VAL B 110 20.04 -9.57 24.82
CA VAL B 110 20.03 -9.96 26.25
C VAL B 110 21.18 -10.95 26.50
N SER B 111 21.48 -11.82 25.53
CA SER B 111 22.61 -12.77 25.62
C SER B 111 23.94 -12.02 25.61
N GLY B 112 24.07 -10.98 24.77
CA GLY B 112 25.32 -10.21 24.65
C GLY B 112 25.56 -9.19 25.77
N PHE B 113 24.58 -8.35 26.07
CA PHE B 113 24.80 -7.16 26.93
C PHE B 113 24.79 -7.52 28.41
N VAL B 114 23.91 -8.40 28.84
CA VAL B 114 23.69 -8.66 30.29
C VAL B 114 24.80 -9.60 30.81
N GLU B 115 25.76 -9.07 31.54
CA GLU B 115 27.04 -9.76 31.86
C GLU B 115 26.86 -10.71 33.04
N GLY B 116 27.73 -11.72 33.14
CA GLY B 116 27.78 -12.63 34.31
C GLY B 116 27.52 -14.07 33.94
N LYS B 117 28.50 -14.96 34.13
CA LYS B 117 28.33 -16.42 33.93
C LYS B 117 27.95 -17.10 35.24
N ASP B 118 27.74 -16.34 36.31
CA ASP B 118 27.31 -16.88 37.62
C ASP B 118 25.80 -17.10 37.63
N GLU B 119 25.28 -17.57 38.76
CA GLU B 119 23.84 -17.86 38.98
C GLU B 119 23.03 -16.59 38.72
N GLN B 120 23.43 -15.45 39.26
CA GLN B 120 22.63 -14.20 39.22
C GLN B 120 22.53 -13.66 37.78
N GLY B 121 23.61 -13.72 37.03
CA GLY B 121 23.59 -13.36 35.61
C GLY B 121 22.63 -14.24 34.81
N ARG B 122 22.70 -15.54 35.03
CA ARG B 122 21.80 -16.51 34.38
C ARG B 122 20.36 -16.15 34.70
N LEU B 123 20.10 -15.90 35.98
CA LEU B 123 18.71 -15.70 36.44
C LEU B 123 18.17 -14.41 35.81
N LEU B 124 18.99 -13.36 35.80
CA LEU B 124 18.62 -12.04 35.26
C LEU B 124 18.32 -12.15 33.76
N ARG B 125 19.19 -12.84 33.02
CA ARG B 125 19.00 -12.96 31.55
C ARG B 125 17.74 -13.78 31.26
N ARG B 126 17.51 -14.86 32.01
CA ARG B 126 16.35 -15.75 31.76
C ARG B 126 15.08 -14.96 32.10
N THR B 127 15.12 -14.16 33.14
CA THR B 127 13.88 -13.46 33.57
C THR B 127 13.58 -12.35 32.57
N LEU B 128 14.61 -11.69 32.02
CA LEU B 128 14.34 -10.61 31.03
C LEU B 128 13.66 -11.20 29.79
N ILE B 129 14.20 -12.26 29.23
CA ILE B 129 13.57 -12.86 28.04
C ILE B 129 12.23 -13.47 28.43
N ARG B 130 12.11 -13.98 29.65
CA ARG B 130 10.81 -14.51 30.09
C ARG B 130 9.78 -13.37 30.09
N TYR B 131 10.16 -12.16 30.50
CA TYR B 131 9.19 -11.05 30.50
C TYR B 131 8.73 -10.82 29.06
N ALA B 132 9.63 -10.87 28.10
CA ALA B 132 9.29 -10.67 26.68
C ALA B 132 8.28 -11.75 26.22
N ASN B 133 8.62 -13.01 26.46
CA ASN B 133 7.76 -14.18 26.13
C ASN B 133 6.44 -14.16 26.90
N LEU B 134 6.44 -13.68 28.14
CA LEU B 134 5.21 -13.59 28.97
C LEU B 134 4.29 -12.54 28.39
N GLY B 135 4.84 -11.38 28.02
CA GLY B 135 4.03 -10.35 27.36
C GLY B 135 3.38 -10.91 26.09
N ASN B 136 4.15 -11.59 25.29
CA ASN B 136 3.62 -12.17 24.04
C ASN B 136 2.52 -13.20 24.37
N VAL B 137 2.73 -14.08 25.33
CA VAL B 137 1.73 -15.15 25.60
C VAL B 137 0.47 -14.54 26.25
N LEU B 138 0.62 -13.50 27.04
CA LEU B 138 -0.59 -12.83 27.61
C LEU B 138 -1.43 -12.19 26.49
N ILE B 139 -0.80 -11.59 25.48
CA ILE B 139 -1.57 -10.98 24.39
C ILE B 139 -2.13 -12.10 23.52
N LEU B 140 -1.38 -13.18 23.34
CA LEU B 140 -1.80 -14.24 22.40
C LEU B 140 -2.99 -14.99 22.99
N ARG B 141 -2.99 -15.24 24.29
CA ARG B 141 -4.12 -15.96 24.89
C ARG B 141 -5.38 -15.10 24.81
N SER B 142 -5.25 -13.80 24.79
CA SER B 142 -6.38 -12.88 24.52
C SER B 142 -6.86 -13.02 23.06
N VAL B 143 -5.95 -12.99 22.12
CA VAL B 143 -6.32 -12.85 20.69
C VAL B 143 -6.43 -14.22 20.03
N SER B 144 -5.98 -15.28 20.71
CA SER B 144 -5.97 -16.64 20.11
C SER B 144 -6.78 -17.66 20.93
N THR B 145 -7.82 -18.25 20.34
CA THR B 145 -8.65 -19.29 20.97
C THR B 145 -7.84 -20.57 21.21
N ALA B 146 -6.92 -20.91 20.32
CA ALA B 146 -5.99 -22.03 20.50
C ALA B 146 -5.14 -21.87 21.78
N VAL B 147 -4.51 -20.71 21.94
CA VAL B 147 -3.63 -20.43 23.12
C VAL B 147 -4.47 -20.38 24.39
N TYR B 148 -5.65 -19.79 24.28
CA TYR B 148 -6.52 -19.69 25.47
C TYR B 148 -6.96 -21.10 25.91
N LYS B 149 -7.27 -21.96 24.95
CA LYS B 149 -7.65 -23.34 25.31
C LYS B 149 -6.45 -24.03 25.95
N ARG B 150 -5.24 -23.73 25.50
CA ARG B 150 -4.02 -24.31 26.10
C ARG B 150 -3.79 -23.71 27.50
N PHE B 151 -4.11 -22.43 27.67
CA PHE B 151 -3.85 -21.70 28.94
C PHE B 151 -5.14 -21.03 29.38
N PRO B 152 -6.13 -21.80 29.91
CA PRO B 152 -7.38 -21.19 30.34
C PRO B 152 -7.23 -20.13 31.45
N SER B 153 -6.28 -20.28 32.37
CA SER B 153 -6.01 -19.31 33.45
C SER B 153 -4.51 -18.98 33.55
N ALA B 154 -4.16 -17.98 34.36
CA ALA B 154 -2.75 -17.57 34.58
C ALA B 154 -1.96 -18.70 35.25
N GLN B 155 -2.64 -19.50 36.07
CA GLN B 155 -1.97 -20.64 36.76
C GLN B 155 -1.47 -21.66 35.73
N HIS B 156 -2.17 -21.79 34.60
CA HIS B 156 -1.73 -22.66 33.49
C HIS B 156 -0.42 -22.12 32.93
N LEU B 157 -0.28 -20.79 32.85
CA LEU B 157 1.00 -20.15 32.43
C LEU B 157 2.06 -20.44 33.47
N VAL B 158 1.68 -20.46 34.73
CA VAL B 158 2.65 -20.73 35.83
C VAL B 158 3.18 -22.16 35.68
N GLN B 159 2.33 -23.13 35.43
CA GLN B 159 2.77 -24.54 35.32
C GLN B 159 3.50 -24.77 33.99
N ALA B 160 3.40 -23.87 33.03
CA ALA B 160 4.07 -24.01 31.70
C ALA B 160 5.40 -23.25 31.64
N GLY B 161 5.83 -22.58 32.70
CA GLY B 161 7.15 -21.93 32.74
C GLY B 161 7.14 -20.48 32.27
N PHE B 162 6.00 -19.93 31.85
CA PHE B 162 5.97 -18.52 31.37
C PHE B 162 5.95 -17.56 32.56
N MET B 163 5.38 -18.00 33.65
CA MET B 163 5.10 -17.16 34.82
C MET B 163 5.57 -17.87 36.08
N THR B 164 6.23 -17.16 36.96
CA THR B 164 6.57 -17.69 38.32
C THR B 164 5.40 -17.40 39.25
N PRO B 165 5.27 -18.15 40.34
CA PRO B 165 4.27 -17.83 41.36
C PRO B 165 4.34 -16.39 41.88
N ALA B 166 5.54 -15.86 42.06
CA ALA B 166 5.74 -14.46 42.50
C ALA B 166 5.13 -13.54 41.43
N GLU B 167 5.45 -13.82 40.16
CA GLU B 167 4.93 -13.01 39.04
C GLU B 167 3.41 -13.11 39.04
N HIS B 168 2.89 -14.33 39.25
CA HIS B 168 1.42 -14.55 39.26
C HIS B 168 0.76 -13.70 40.36
N LYS B 169 1.28 -13.73 41.58
CA LYS B 169 0.63 -13.01 42.69
C LYS B 169 0.79 -11.49 42.48
N GLN B 170 1.92 -11.07 41.94
CA GLN B 170 2.14 -9.62 41.64
C GLN B 170 1.12 -9.17 40.60
N LEU B 171 0.84 -9.98 39.56
CA LEU B 171 -0.21 -9.62 38.58
C LEU B 171 -1.59 -9.60 39.22
N GLU B 172 -1.89 -10.53 40.11
CA GLU B 172 -3.21 -10.55 40.81
C GLU B 172 -3.36 -9.27 41.63
N LYS B 173 -2.27 -8.80 42.25
CA LYS B 173 -2.33 -7.57 43.07
C LYS B 173 -2.61 -6.36 42.18
N LEU B 174 -2.05 -6.32 40.96
CA LEU B 174 -2.20 -5.18 40.03
C LEU B 174 -3.48 -5.26 39.22
N SER B 175 -4.42 -6.17 39.53
CA SER B 175 -5.60 -6.46 38.66
C SER B 175 -6.33 -5.16 38.32
N LEU B 176 -6.63 -4.95 37.04
CA LEU B 176 -7.45 -3.83 36.54
C LEU B 176 -8.54 -4.42 35.66
N PRO B 177 -9.64 -3.69 35.41
CA PRO B 177 -10.72 -4.22 34.57
C PRO B 177 -10.23 -4.57 33.17
N HIS B 178 -9.27 -3.84 32.65
CA HIS B 178 -8.76 -4.08 31.26
C HIS B 178 -7.72 -5.17 31.25
N ASN B 179 -7.18 -5.46 30.06
CA ASN B 179 -6.22 -6.56 29.82
C ASN B 179 -4.85 -6.10 30.29
N MET B 180 -4.11 -6.99 30.91
CA MET B 180 -2.90 -6.66 31.69
C MET B 180 -1.69 -7.23 30.95
N PHE B 181 -1.78 -7.46 29.64
CA PHE B 181 -0.64 -7.88 28.81
C PHE B 181 0.51 -6.89 28.86
N TRP B 182 0.25 -5.61 29.14
CA TRP B 182 1.25 -4.55 29.14
C TRP B 182 2.22 -4.70 30.33
N VAL B 183 1.88 -5.43 31.39
CA VAL B 183 2.68 -5.41 32.67
C VAL B 183 4.09 -5.89 32.45
N PRO B 184 4.37 -7.02 31.76
CA PRO B 184 5.76 -7.47 31.64
C PRO B 184 6.68 -6.41 31.00
N TRP B 185 6.17 -5.51 30.15
CA TRP B 185 7.02 -4.45 29.58
C TRP B 185 7.51 -3.49 30.68
N VAL B 186 6.63 -3.13 31.60
CA VAL B 186 7.05 -2.28 32.74
C VAL B 186 8.00 -3.04 33.65
N TRP B 187 7.74 -4.32 33.85
CA TRP B 187 8.69 -5.20 34.58
C TRP B 187 10.05 -5.21 33.89
N PHE B 188 10.07 -5.42 32.57
CA PHE B 188 11.33 -5.49 31.76
C PHE B 188 12.09 -4.18 31.91
N ALA B 189 11.41 -3.04 31.80
CA ALA B 189 12.10 -1.73 31.89
C ALA B 189 12.71 -1.56 33.30
N ASN B 190 11.98 -1.85 34.34
CA ASN B 190 12.47 -1.68 35.74
C ASN B 190 13.58 -2.68 36.04
N LEU B 191 13.47 -3.91 35.53
CA LEU B 191 14.54 -4.90 35.77
C LEU B 191 15.82 -4.52 35.00
N SER B 192 15.68 -4.06 33.79
CA SER B 192 16.83 -3.70 32.94
C SER B 192 17.52 -2.45 33.53
N MET B 193 16.74 -1.53 34.08
CA MET B 193 17.31 -0.35 34.75
C MET B 193 18.06 -0.83 36.00
N LYS B 194 17.49 -1.75 36.75
CA LYS B 194 18.14 -2.27 37.99
C LYS B 194 19.46 -2.91 37.58
N ALA B 195 19.43 -3.69 36.48
CA ALA B 195 20.60 -4.46 35.99
C ALA B 195 21.72 -3.48 35.65
N TRP B 196 21.38 -2.41 34.93
CA TRP B 196 22.32 -1.34 34.55
C TRP B 196 22.89 -0.68 35.80
N LEU B 197 22.06 -0.33 36.75
CA LEU B 197 22.54 0.33 37.99
C LEU B 197 23.42 -0.64 38.79
N GLY B 198 23.13 -1.93 38.72
CA GLY B 198 23.88 -2.96 39.44
C GLY B 198 25.15 -3.40 38.73
N GLY B 199 25.44 -2.81 37.57
CA GLY B 199 26.65 -3.11 36.79
C GLY B 199 26.57 -4.34 35.91
N ARG B 200 25.45 -5.06 35.85
CA ARG B 200 25.32 -6.20 34.92
C ARG B 200 25.22 -5.68 33.48
N ILE B 201 24.68 -4.50 33.25
CA ILE B 201 24.77 -3.84 31.92
C ILE B 201 25.83 -2.74 32.02
N ARG B 202 26.82 -2.76 31.17
CA ARG B 202 28.02 -1.92 31.38
C ARG B 202 27.76 -0.47 30.95
N ASP B 203 26.95 -0.25 29.93
CA ASP B 203 26.76 1.13 29.38
C ASP B 203 25.28 1.36 29.10
N PRO B 204 24.75 2.56 29.37
CA PRO B 204 23.33 2.83 29.12
C PRO B 204 22.91 2.85 27.63
N ILE B 205 23.87 2.92 26.73
CA ILE B 205 23.60 2.75 25.28
C ILE B 205 23.06 1.32 25.03
N LEU B 206 23.63 0.30 25.71
CA LEU B 206 23.14 -1.09 25.56
C LEU B 206 21.77 -1.17 26.20
N LEU B 207 21.59 -0.43 27.30
CA LEU B 207 20.27 -0.39 27.99
C LEU B 207 19.24 0.22 27.03
N GLN B 208 19.59 1.32 26.35
CA GLN B 208 18.71 1.92 25.34
C GLN B 208 18.36 0.87 24.28
N SER B 209 19.35 0.13 23.81
CA SER B 209 19.18 -0.90 22.74
C SER B 209 18.21 -2.00 23.19
N LEU B 210 18.31 -2.46 24.44
CA LEU B 210 17.39 -3.48 25.01
C LEU B 210 15.95 -2.94 25.04
N LEU B 211 15.79 -1.70 25.50
CA LEU B 211 14.45 -1.14 25.68
C LEU B 211 13.80 -0.88 24.31
N ASN B 212 14.58 -0.50 23.31
CA ASN B 212 14.03 -0.32 21.95
C ASN B 212 13.48 -1.64 21.40
N GLU B 213 14.23 -2.73 21.55
CA GLU B 213 13.79 -4.05 21.06
C GLU B 213 12.54 -4.49 21.79
N MET B 214 12.57 -4.35 23.11
CA MET B 214 11.38 -4.75 23.90
C MET B 214 10.16 -3.91 23.46
N ASN B 215 10.34 -2.62 23.23
CA ASN B 215 9.23 -1.72 22.86
C ASN B 215 8.71 -2.05 21.46
N THR B 216 9.60 -2.50 20.58
CA THR B 216 9.16 -2.99 19.26
C THR B 216 8.15 -4.14 19.48
N LEU B 217 8.50 -5.11 20.34
CA LEU B 217 7.59 -6.23 20.63
C LEU B 217 6.27 -5.67 21.21
N ARG B 218 6.36 -4.65 22.05
CA ARG B 218 5.10 -4.05 22.58
C ARG B 218 4.23 -3.58 21.41
N THR B 219 4.77 -2.76 20.52
CA THR B 219 4.05 -2.22 19.37
C THR B 219 3.43 -3.35 18.52
N GLN B 220 4.15 -4.47 18.31
CA GLN B 220 3.57 -5.65 17.62
C GLN B 220 2.41 -6.26 18.39
N CYS B 221 2.58 -6.40 19.69
CA CYS B 221 1.51 -6.98 20.54
C CYS B 221 0.32 -6.04 20.47
N GLY B 222 0.55 -4.73 20.45
CA GLY B 222 -0.53 -3.76 20.41
C GLY B 222 -1.31 -3.89 19.14
N HIS B 223 -0.59 -4.08 18.04
CA HIS B 223 -1.26 -4.30 16.73
C HIS B 223 -2.15 -5.55 16.87
N LEU B 224 -1.63 -6.63 17.47
CA LEU B 224 -2.44 -7.84 17.59
C LEU B 224 -3.72 -7.53 18.40
N TYR B 225 -3.57 -6.84 19.51
CA TYR B 225 -4.69 -6.38 20.36
C TYR B 225 -5.71 -5.60 19.49
N ALA B 226 -5.23 -4.67 18.69
CA ALA B 226 -6.05 -3.82 17.82
C ALA B 226 -6.81 -4.69 16.83
N TYR B 227 -6.17 -5.63 16.15
CA TYR B 227 -6.88 -6.45 15.13
C TYR B 227 -7.91 -7.36 15.81
N ASP B 228 -7.64 -7.82 17.03
CA ASP B 228 -8.62 -8.63 17.77
C ASP B 228 -9.82 -7.77 18.18
N TRP B 229 -9.58 -6.55 18.61
CA TRP B 229 -10.64 -5.69 19.23
C TRP B 229 -11.47 -5.07 18.10
N ILE B 230 -10.84 -4.37 17.18
CA ILE B 230 -11.51 -3.70 16.05
C ILE B 230 -11.65 -4.69 14.93
N SER B 231 -12.76 -5.42 14.97
CA SER B 231 -13.18 -6.38 13.94
C SER B 231 -13.36 -5.65 12.62
N ILE B 232 -13.36 -6.39 11.51
CA ILE B 232 -13.93 -5.82 10.27
C ILE B 232 -15.34 -5.38 10.64
N PRO B 233 -15.79 -4.17 10.26
CA PRO B 233 -17.11 -3.70 10.65
C PRO B 233 -18.19 -4.75 10.37
N LEU B 234 -19.02 -5.01 11.38
CA LEU B 234 -20.05 -6.09 11.33
C LEU B 234 -20.99 -5.85 10.16
N VAL B 235 -21.23 -4.60 9.79
CA VAL B 235 -22.03 -4.25 8.58
C VAL B 235 -21.46 -4.97 7.34
N TYR B 236 -20.16 -4.98 7.16
CA TYR B 236 -19.57 -5.59 5.93
C TYR B 236 -19.75 -7.10 5.95
N THR B 237 -19.53 -7.71 7.08
CA THR B 237 -19.67 -9.18 7.20
C THR B 237 -21.14 -9.55 6.94
N GLN B 238 -22.06 -8.85 7.58
CA GLN B 238 -23.52 -9.05 7.33
C GLN B 238 -23.86 -8.88 5.84
N VAL B 239 -23.35 -7.83 5.21
CA VAL B 239 -23.71 -7.53 3.80
C VAL B 239 -23.17 -8.64 2.88
N VAL B 240 -21.95 -9.07 3.08
CA VAL B 240 -21.33 -10.05 2.16
C VAL B 240 -22.03 -11.41 2.40
N THR B 241 -22.42 -11.67 3.63
CA THR B 241 -23.15 -12.91 3.99
C THR B 241 -24.49 -12.91 3.27
N VAL B 242 -25.18 -11.79 3.32
CA VAL B 242 -26.51 -11.64 2.67
C VAL B 242 -26.33 -11.79 1.16
N ALA B 243 -25.30 -11.20 0.60
CA ALA B 243 -25.08 -11.24 -0.85
C ALA B 243 -24.93 -12.70 -1.29
N VAL B 244 -24.07 -13.45 -0.65
CA VAL B 244 -23.79 -14.85 -1.05
C VAL B 244 -25.04 -15.71 -0.86
N TYR B 245 -25.67 -15.62 0.30
CA TYR B 245 -26.89 -16.41 0.59
C TYR B 245 -28.04 -16.04 -0.35
N SER B 246 -28.22 -14.78 -0.69
CA SER B 246 -29.34 -14.34 -1.57
C SER B 246 -29.06 -14.87 -2.96
N PHE B 247 -27.83 -14.76 -3.41
CA PHE B 247 -27.46 -15.31 -4.73
C PHE B 247 -27.83 -16.81 -4.85
N PHE B 248 -27.53 -17.62 -3.84
CA PHE B 248 -27.70 -19.08 -3.99
C PHE B 248 -29.12 -19.46 -3.61
N LEU B 249 -29.78 -18.68 -2.77
CA LEU B 249 -31.22 -18.93 -2.48
C LEU B 249 -32.01 -18.67 -3.75
N THR B 250 -31.68 -17.62 -4.51
CA THR B 250 -32.38 -17.34 -5.79
C THR B 250 -31.96 -18.35 -6.85
N CYS B 251 -30.73 -18.88 -6.77
CA CYS B 251 -30.29 -19.95 -7.68
C CYS B 251 -31.10 -21.23 -7.40
N LEU B 252 -31.59 -21.43 -6.19
CA LEU B 252 -32.33 -22.67 -5.85
C LEU B 252 -33.54 -22.81 -6.77
N VAL B 253 -34.11 -21.69 -7.24
CA VAL B 253 -35.30 -21.69 -8.14
C VAL B 253 -34.92 -21.29 -9.57
N GLY B 254 -34.11 -20.24 -9.73
CA GLY B 254 -33.72 -19.72 -11.05
C GLY B 254 -32.91 -20.70 -11.85
N ARG B 255 -32.23 -21.64 -11.19
CA ARG B 255 -31.26 -22.52 -11.89
C ARG B 255 -31.85 -23.89 -11.99
N GLN B 256 -33.15 -24.04 -11.74
CA GLN B 256 -33.82 -25.35 -12.03
C GLN B 256 -33.85 -25.57 -13.54
N PHE B 257 -33.86 -26.82 -13.97
CA PHE B 257 -34.01 -27.18 -15.39
C PHE B 257 -35.49 -27.30 -15.62
N LEU B 258 -36.06 -26.29 -16.29
CA LEU B 258 -37.49 -26.28 -16.63
C LEU B 258 -37.78 -27.40 -17.63
N ASN B 259 -39.06 -27.70 -17.83
CA ASN B 259 -39.53 -28.73 -18.78
C ASN B 259 -38.97 -28.40 -20.16
N PRO B 260 -38.16 -29.29 -20.77
CA PRO B 260 -37.62 -29.00 -22.09
C PRO B 260 -38.67 -29.12 -23.20
N ALA B 261 -39.81 -29.76 -22.92
CA ALA B 261 -40.94 -29.85 -23.87
C ALA B 261 -41.43 -28.45 -24.26
N LYS B 262 -41.48 -27.52 -23.31
CA LYS B 262 -42.02 -26.17 -23.56
C LYS B 262 -41.02 -25.30 -24.31
N ALA B 263 -39.77 -25.75 -24.48
CA ALA B 263 -38.78 -25.11 -25.36
C ALA B 263 -38.60 -23.63 -24.95
N TYR B 264 -38.37 -23.38 -23.68
CA TYR B 264 -38.02 -22.02 -23.20
C TYR B 264 -36.62 -21.69 -23.71
N PRO B 265 -36.35 -20.41 -24.03
CA PRO B 265 -35.00 -20.00 -24.40
C PRO B 265 -34.01 -20.27 -23.25
N GLY B 266 -32.95 -21.02 -23.55
CA GLY B 266 -31.91 -21.39 -22.58
C GLY B 266 -32.29 -22.64 -21.78
N HIS B 267 -33.49 -23.18 -21.96
CA HIS B 267 -33.95 -24.36 -21.21
C HIS B 267 -34.24 -25.53 -22.16
N GLU B 268 -33.64 -25.53 -23.34
CA GLU B 268 -33.92 -26.56 -24.38
C GLU B 268 -33.39 -27.90 -23.87
N LEU B 269 -32.21 -27.88 -23.26
CA LEU B 269 -31.51 -29.13 -22.86
C LEU B 269 -31.61 -29.28 -21.35
N ASP B 270 -32.06 -30.46 -20.92
CA ASP B 270 -32.13 -30.79 -19.48
C ASP B 270 -30.95 -31.69 -19.10
N LEU B 271 -30.05 -31.18 -18.27
CA LEU B 271 -28.83 -31.92 -17.86
C LEU B 271 -28.95 -32.43 -16.42
N VAL B 272 -30.08 -32.15 -15.75
CA VAL B 272 -30.34 -32.59 -14.35
C VAL B 272 -29.35 -31.92 -13.40
N VAL B 273 -28.05 -32.03 -13.69
CA VAL B 273 -27.00 -31.47 -12.79
C VAL B 273 -26.61 -30.09 -13.28
N PRO B 274 -26.90 -29.03 -12.48
CA PRO B 274 -26.48 -27.66 -12.83
C PRO B 274 -25.00 -27.40 -12.52
N VAL B 275 -24.18 -27.86 -13.45
CA VAL B 275 -22.71 -27.90 -13.29
C VAL B 275 -22.21 -26.47 -13.07
N PHE B 276 -22.70 -25.51 -13.85
CA PHE B 276 -22.23 -24.13 -13.80
C PHE B 276 -22.70 -23.47 -12.50
N THR B 277 -23.88 -23.81 -12.03
CA THR B 277 -24.39 -23.31 -10.74
C THR B 277 -23.54 -23.88 -9.59
N PHE B 278 -23.17 -25.14 -9.67
CA PHE B 278 -22.25 -25.74 -8.68
C PHE B 278 -20.86 -25.11 -8.76
N LEU B 279 -20.40 -24.76 -9.96
CA LEU B 279 -19.09 -24.10 -10.12
C LEU B 279 -19.16 -22.72 -9.51
N GLN B 280 -20.25 -22.01 -9.72
CA GLN B 280 -20.41 -20.65 -9.14
C GLN B 280 -20.48 -20.79 -7.61
N PHE B 281 -21.15 -21.81 -7.09
CA PHE B 281 -21.17 -22.05 -5.64
C PHE B 281 -19.73 -22.23 -5.18
N PHE B 282 -18.99 -23.10 -5.84
CA PHE B 282 -17.57 -23.38 -5.50
C PHE B 282 -16.72 -22.10 -5.47
N PHE B 283 -16.75 -21.31 -6.50
CA PHE B 283 -16.04 -20.01 -6.54
C PHE B 283 -16.53 -19.06 -5.47
N TYR B 284 -17.81 -18.74 -5.40
CA TYR B 284 -18.33 -17.62 -4.57
C TYR B 284 -18.39 -18.04 -3.11
N VAL B 285 -18.92 -19.19 -2.85
CA VAL B 285 -19.10 -19.62 -1.44
C VAL B 285 -17.71 -20.01 -0.93
N GLY B 286 -16.87 -20.63 -1.74
CA GLY B 286 -15.51 -20.97 -1.36
C GLY B 286 -14.75 -19.71 -1.00
N TRP B 287 -14.94 -18.71 -1.78
CA TRP B 287 -14.34 -17.36 -1.58
C TRP B 287 -14.76 -16.71 -0.25
N LEU B 288 -16.04 -16.77 0.05
CA LEU B 288 -16.57 -16.35 1.36
C LEU B 288 -15.98 -17.21 2.48
N LYS B 289 -15.90 -18.52 2.28
CA LYS B 289 -15.47 -19.47 3.35
C LYS B 289 -13.97 -19.26 3.61
N VAL B 290 -13.23 -18.88 2.59
CA VAL B 290 -11.80 -18.53 2.80
C VAL B 290 -11.76 -17.29 3.69
N ALA B 291 -12.57 -16.29 3.38
CA ALA B 291 -12.64 -15.10 4.23
C ALA B 291 -13.04 -15.51 5.66
N GLU B 292 -13.95 -16.43 5.84
CA GLU B 292 -14.38 -16.85 7.19
C GLU B 292 -13.23 -17.51 7.94
N GLN B 293 -12.44 -18.31 7.24
CA GLN B 293 -11.23 -18.91 7.80
C GLN B 293 -10.19 -17.84 8.20
N LEU B 294 -9.94 -16.85 7.38
CA LEU B 294 -8.80 -15.92 7.55
C LEU B 294 -9.19 -14.75 8.45
N ILE B 295 -10.47 -14.53 8.70
CA ILE B 295 -10.92 -13.27 9.37
C ILE B 295 -10.32 -13.23 10.79
N ASN B 296 -10.19 -14.36 11.42
CA ASN B 296 -9.48 -14.57 12.69
C ASN B 296 -8.43 -15.66 12.47
N PRO B 297 -7.18 -15.30 12.15
CA PRO B 297 -6.18 -16.30 11.85
C PRO B 297 -5.59 -17.00 13.11
N PHE B 298 -6.12 -16.73 14.29
CA PHE B 298 -5.56 -17.26 15.56
C PHE B 298 -6.53 -18.27 16.16
N GLY B 299 -7.43 -18.81 15.34
CA GLY B 299 -8.34 -19.90 15.72
C GLY B 299 -7.68 -21.26 15.63
N GLU B 300 -8.46 -22.29 15.40
CA GLU B 300 -7.99 -23.69 15.31
C GLU B 300 -8.25 -24.26 13.92
N ASP B 301 -8.31 -23.37 12.93
CA ASP B 301 -8.49 -23.79 11.51
C ASP B 301 -7.18 -24.37 10.99
N ASP B 302 -7.28 -25.28 10.01
CA ASP B 302 -6.10 -25.93 9.38
C ASP B 302 -5.10 -24.83 8.95
N ASP B 303 -5.58 -23.77 8.34
CA ASP B 303 -4.72 -22.75 7.69
C ASP B 303 -4.53 -21.54 8.59
N ASP B 304 -5.04 -21.61 9.81
CA ASP B 304 -4.74 -20.61 10.85
C ASP B 304 -3.27 -20.73 11.30
N PHE B 305 -2.71 -19.65 11.80
CA PHE B 305 -1.31 -19.61 12.29
C PHE B 305 -1.12 -20.63 13.41
N GLU B 306 0.03 -21.24 13.40
CA GLU B 306 0.45 -22.22 14.44
C GLU B 306 0.95 -21.44 15.65
N THR B 307 0.06 -20.74 16.31
CA THR B 307 0.35 -19.84 17.43
C THR B 307 0.92 -20.62 18.62
N ASN B 308 0.39 -21.78 18.98
CA ASN B 308 0.97 -22.58 20.09
C ASN B 308 2.38 -23.01 19.75
N TRP B 309 2.60 -23.41 18.50
CA TRP B 309 3.95 -23.83 18.06
C TRP B 309 4.88 -22.64 18.23
N ILE B 310 4.42 -21.47 17.78
CA ILE B 310 5.23 -20.22 17.85
C ILE B 310 5.57 -19.90 19.31
N VAL B 311 4.62 -20.01 20.19
CA VAL B 311 4.82 -19.70 21.62
C VAL B 311 5.88 -20.64 22.21
N ASP B 312 5.73 -21.95 21.99
CA ASP B 312 6.68 -22.95 22.53
C ASP B 312 8.09 -22.73 21.96
N ARG B 313 8.17 -22.54 20.66
CA ARG B 313 9.46 -22.35 19.98
C ARG B 313 10.14 -21.11 20.54
N ASN B 314 9.35 -20.04 20.69
CA ASN B 314 9.89 -18.73 21.10
C ASN B 314 10.49 -18.92 22.50
N LEU B 315 9.82 -19.62 23.40
CA LEU B 315 10.29 -19.70 24.82
C LEU B 315 11.54 -20.58 24.85
N GLN B 316 11.51 -21.69 24.14
CA GLN B 316 12.67 -22.62 24.08
C GLN B 316 13.92 -21.91 23.52
N VAL B 317 13.77 -21.25 22.38
CA VAL B 317 14.88 -20.58 21.68
C VAL B 317 15.40 -19.39 22.52
N SER B 318 14.51 -18.60 23.08
CA SER B 318 14.89 -17.47 23.97
C SER B 318 15.73 -17.97 25.15
N LEU B 319 15.26 -19.00 25.83
CA LEU B 319 15.98 -19.47 27.04
C LEU B 319 17.32 -20.07 26.62
N LEU B 320 17.37 -20.76 25.49
CA LEU B 320 18.65 -21.35 25.04
C LEU B 320 19.64 -20.21 24.76
N ALA B 321 19.22 -19.29 23.89
CA ALA B 321 20.04 -18.16 23.39
C ALA B 321 20.61 -17.36 24.53
N VAL B 322 19.86 -17.14 25.60
CA VAL B 322 20.38 -16.22 26.64
C VAL B 322 21.07 -16.97 27.78
N ASP B 323 20.75 -18.24 28.00
CA ASP B 323 21.40 -18.97 29.10
C ASP B 323 22.58 -19.76 28.55
N GLU B 324 22.37 -20.75 27.71
CA GLU B 324 23.44 -21.70 27.30
C GLU B 324 24.37 -21.06 26.25
N MET B 325 23.89 -20.09 25.49
CA MET B 325 24.64 -19.45 24.39
C MET B 325 25.32 -18.15 24.83
N HIS B 326 25.11 -17.70 26.07
CA HIS B 326 25.76 -16.49 26.60
C HIS B 326 27.26 -16.75 26.74
N GLN B 327 28.08 -16.02 25.96
CA GLN B 327 29.56 -16.10 26.02
C GLN B 327 30.07 -17.52 25.74
N ASP B 328 29.21 -18.38 25.22
CA ASP B 328 29.64 -19.66 24.61
C ASP B 328 29.75 -19.46 23.11
N LEU B 329 30.97 -19.31 22.61
CA LEU B 329 31.23 -19.07 21.19
C LEU B 329 32.05 -20.20 20.61
N PRO B 330 31.84 -20.53 19.32
CA PRO B 330 32.72 -21.46 18.62
C PRO B 330 34.14 -20.88 18.61
N ARG B 331 35.13 -21.76 18.63
CA ARG B 331 36.54 -21.34 18.54
C ARG B 331 36.71 -20.60 17.22
N MET B 332 37.24 -19.39 17.29
CA MET B 332 37.46 -18.52 16.12
C MET B 332 38.69 -19.00 15.39
N GLU B 333 38.50 -19.62 14.23
CA GLU B 333 39.62 -20.16 13.42
C GLU B 333 39.48 -19.64 12.00
N PRO B 334 40.59 -19.50 11.27
CA PRO B 334 40.53 -18.95 9.91
C PRO B 334 39.65 -19.81 9.00
N ASP B 335 38.89 -19.13 8.15
CA ASP B 335 37.93 -19.78 7.23
C ASP B 335 38.73 -20.39 6.07
N MET B 336 37.99 -21.00 5.15
CA MET B 336 38.54 -21.74 3.99
C MET B 336 39.15 -20.77 2.99
N TYR B 337 38.56 -19.57 2.88
CA TYR B 337 39.00 -18.49 1.97
C TYR B 337 40.08 -17.63 2.64
N TRP B 338 40.58 -18.00 3.81
CA TRP B 338 41.45 -17.12 4.63
C TRP B 338 42.65 -16.60 3.83
N ASN B 339 43.43 -17.49 3.22
CA ASN B 339 44.58 -17.09 2.39
C ASN B 339 45.03 -18.28 1.53
N THR C 2 -17.08 0.24 19.47
CA THR C 2 -16.93 -0.80 18.44
C THR C 2 -17.66 -2.08 18.86
N ILE C 3 -18.16 -2.82 17.89
CA ILE C 3 -18.76 -4.17 18.12
C ILE C 3 -17.73 -5.20 17.68
N THR C 4 -17.27 -6.00 18.61
CA THR C 4 -16.22 -7.00 18.39
C THR C 4 -16.89 -8.38 18.34
N TYR C 5 -16.52 -9.20 17.36
CA TYR C 5 -17.04 -10.59 17.22
C TYR C 5 -15.93 -11.53 16.80
N THR C 6 -14.66 -11.13 17.00
CA THR C 6 -13.47 -11.82 16.46
C THR C 6 -13.42 -13.24 17.05
N SER C 7 -13.74 -13.37 18.33
CA SER C 7 -13.74 -14.67 19.02
C SER C 7 -14.79 -15.57 18.35
N GLN C 8 -15.93 -15.03 17.99
CA GLN C 8 -17.08 -15.81 17.45
C GLN C 8 -16.67 -16.42 16.12
N VAL C 9 -15.83 -15.74 15.35
CA VAL C 9 -15.42 -16.19 13.99
C VAL C 9 -13.98 -16.75 14.00
N ALA C 10 -13.52 -17.29 15.12
CA ALA C 10 -12.15 -17.84 15.22
C ALA C 10 -11.97 -19.03 14.24
N ASN C 11 -13.01 -19.80 13.98
CA ASN C 11 -12.92 -21.00 13.10
C ASN C 11 -14.00 -20.88 12.03
N ALA C 12 -13.68 -21.23 10.79
CA ALA C 12 -14.69 -21.45 9.73
C ALA C 12 -15.60 -22.60 10.14
N ARG C 13 -16.92 -22.39 10.12
CA ARG C 13 -17.91 -23.44 10.45
C ARG C 13 -19.16 -23.25 9.61
N LEU C 14 -20.07 -24.23 9.61
CA LEU C 14 -21.32 -24.15 8.83
C LEU C 14 -22.12 -22.85 9.18
N GLY C 15 -22.59 -22.13 8.16
CA GLY C 15 -23.26 -20.83 8.34
C GLY C 15 -22.25 -19.74 8.59
N SER C 16 -21.42 -19.92 9.64
CA SER C 16 -20.39 -18.92 10.00
C SER C 16 -21.02 -17.54 10.16
N PHE C 17 -20.68 -16.59 9.28
CA PHE C 17 -21.22 -15.20 9.37
C PHE C 17 -22.76 -15.21 9.44
N SER C 18 -23.38 -16.38 9.23
CA SER C 18 -24.83 -16.53 9.26
C SER C 18 -25.36 -16.35 10.69
N ARG C 19 -24.60 -16.64 11.71
CA ARG C 19 -25.00 -16.34 13.09
C ARG C 19 -24.88 -14.85 13.35
N LEU C 20 -24.09 -14.15 12.51
CA LEU C 20 -23.88 -12.69 12.72
C LEU C 20 -25.07 -11.89 12.16
N LEU C 21 -25.86 -12.51 11.28
CA LEU C 21 -27.05 -11.85 10.71
C LEU C 21 -28.04 -11.49 11.79
N LEU C 22 -28.00 -12.20 12.92
CA LEU C 22 -28.94 -11.96 14.04
C LEU C 22 -28.26 -11.06 15.08
N CYS C 23 -27.86 -9.86 14.67
CA CYS C 23 -27.16 -8.93 15.56
C CYS C 23 -27.77 -7.65 15.16
N TRP C 24 -28.10 -6.84 16.14
CA TRP C 24 -28.77 -5.56 15.89
C TRP C 24 -27.77 -4.44 16.12
N ARG C 25 -27.07 -4.47 17.22
CA ARG C 25 -26.12 -3.38 17.54
C ARG C 25 -25.00 -3.45 16.51
N GLY C 26 -24.72 -2.32 15.88
CA GLY C 26 -23.65 -2.27 14.89
C GLY C 26 -24.02 -2.97 13.59
N SER C 27 -25.30 -3.17 13.31
CA SER C 27 -25.75 -3.98 12.17
C SER C 27 -26.14 -3.09 10.98
N ILE C 28 -26.26 -3.72 9.84
CA ILE C 28 -26.74 -3.05 8.60
C ILE C 28 -28.22 -2.69 8.76
N TYR C 29 -29.03 -3.48 9.45
CA TYR C 29 -30.47 -3.21 9.69
C TYR C 29 -30.64 -1.87 10.41
N LYS C 30 -29.86 -1.64 11.46
CA LYS C 30 -29.89 -0.39 12.25
C LYS C 30 -29.51 0.79 11.35
N LEU C 31 -28.55 0.61 10.45
CA LEU C 31 -28.07 1.70 9.58
C LEU C 31 -29.09 1.93 8.48
N LEU C 32 -29.84 0.91 8.05
CA LEU C 32 -30.66 1.03 6.81
C LEU C 32 -32.15 1.25 7.08
N TYR C 33 -32.71 0.89 8.23
CA TYR C 33 -34.17 0.77 8.36
C TYR C 33 -34.87 2.09 7.98
N GLY C 34 -34.45 3.25 8.47
CA GLY C 34 -35.18 4.53 8.26
C GLY C 34 -35.27 4.96 6.81
N GLU C 35 -34.12 4.92 6.12
CA GLU C 35 -34.05 5.20 4.67
C GLU C 35 -34.83 4.15 3.90
N PHE C 36 -34.75 2.90 4.32
CA PHE C 36 -35.46 1.77 3.68
C PHE C 36 -36.96 2.00 3.83
N LEU C 37 -37.40 2.44 4.99
CA LEU C 37 -38.85 2.60 5.24
C LEU C 37 -39.34 3.78 4.39
N ILE C 38 -38.54 4.80 4.22
CA ILE C 38 -38.91 5.94 3.37
C ILE C 38 -39.01 5.48 1.90
N PHE C 39 -38.05 4.71 1.43
CA PHE C 39 -38.04 4.14 0.06
C PHE C 39 -39.26 3.23 -0.12
N LEU C 40 -39.55 2.38 0.86
CA LEU C 40 -40.69 1.44 0.82
C LEU C 40 -42.00 2.24 0.69
N LEU C 41 -42.12 3.35 1.41
CA LEU C 41 -43.36 4.16 1.41
C LEU C 41 -43.51 4.80 0.03
N CYS C 42 -42.44 5.41 -0.47
CA CYS C 42 -42.48 6.11 -1.76
C CYS C 42 -42.81 5.11 -2.88
N TYR C 43 -42.19 3.95 -2.89
CA TYR C 43 -42.43 2.94 -3.94
C TYR C 43 -43.92 2.54 -3.99
N TYR C 44 -44.52 2.28 -2.87
CA TYR C 44 -45.91 1.78 -2.80
C TYR C 44 -46.87 2.93 -3.06
N ILE C 45 -46.51 4.14 -2.65
CA ILE C 45 -47.34 5.34 -2.98
C ILE C 45 -47.36 5.45 -4.52
N ILE C 46 -46.21 5.34 -5.16
CA ILE C 46 -46.15 5.44 -6.64
C ILE C 46 -46.95 4.32 -7.27
N ARG C 47 -46.85 3.10 -6.75
CA ARG C 47 -47.63 1.96 -7.29
C ARG C 47 -49.12 2.26 -7.15
N PHE C 48 -49.56 2.71 -5.99
CA PHE C 48 -50.99 3.00 -5.74
C PHE C 48 -51.44 4.14 -6.65
N ILE C 49 -50.64 5.18 -6.82
CA ILE C 49 -51.00 6.30 -7.75
C ILE C 49 -51.19 5.72 -9.15
N TYR C 50 -50.23 4.95 -9.62
CA TYR C 50 -50.27 4.37 -10.97
C TYR C 50 -51.50 3.45 -11.13
N ARG C 51 -51.84 2.67 -10.12
CA ARG C 51 -52.86 1.60 -10.28
C ARG C 51 -54.26 2.14 -10.02
N LEU C 52 -54.42 3.14 -9.15
CA LEU C 52 -55.77 3.58 -8.71
C LEU C 52 -55.98 5.09 -8.90
N ALA C 53 -55.12 5.81 -9.63
CA ALA C 53 -55.29 7.26 -9.79
C ALA C 53 -55.21 7.65 -11.28
N LEU C 54 -54.29 7.05 -12.03
CA LEU C 54 -54.07 7.44 -13.44
C LEU C 54 -55.18 6.85 -14.32
N THR C 55 -55.56 7.59 -15.35
CA THR C 55 -56.45 7.09 -16.42
C THR C 55 -55.65 6.19 -17.37
N GLU C 56 -56.35 5.61 -18.35
CA GLU C 56 -55.77 4.60 -19.27
C GLU C 56 -54.59 5.21 -20.02
N GLU C 57 -54.77 6.37 -20.64
CA GLU C 57 -53.68 7.03 -21.42
C GLU C 57 -52.57 7.46 -20.44
N GLN C 58 -52.95 7.90 -19.25
CA GLN C 58 -51.93 8.22 -18.20
C GLN C 58 -51.17 6.95 -17.81
N GLN C 59 -51.85 5.82 -17.69
CA GLN C 59 -51.18 4.53 -17.39
C GLN C 59 -50.22 4.18 -18.52
N LEU C 60 -50.60 4.38 -19.79
CA LEU C 60 -49.69 4.08 -20.94
C LEU C 60 -48.45 4.96 -20.84
N MET C 61 -48.63 6.25 -20.53
CA MET C 61 -47.49 7.19 -20.45
C MET C 61 -46.57 6.77 -19.31
N PHE C 62 -47.16 6.39 -18.17
CA PHE C 62 -46.41 5.95 -16.97
C PHE C 62 -45.62 4.70 -17.34
N GLU C 63 -46.22 3.80 -18.10
CA GLU C 63 -45.55 2.52 -18.46
C GLU C 63 -44.37 2.80 -19.39
N LYS C 64 -44.54 3.75 -20.31
CA LYS C 64 -43.43 4.15 -21.22
C LYS C 64 -42.29 4.68 -20.33
N LEU C 65 -42.62 5.55 -19.38
CA LEU C 65 -41.59 6.18 -18.50
C LEU C 65 -40.91 5.09 -17.66
N THR C 66 -41.65 4.12 -17.16
CA THR C 66 -41.09 2.98 -16.40
C THR C 66 -40.10 2.15 -17.23
N LEU C 67 -40.46 1.81 -18.45
CA LEU C 67 -39.56 1.03 -19.34
C LEU C 67 -38.32 1.87 -19.72
N TYR C 68 -38.47 3.18 -19.88
CA TYR C 68 -37.36 4.10 -20.22
C TYR C 68 -36.40 4.11 -19.03
N CYS C 69 -36.93 4.32 -17.83
CA CYS C 69 -36.12 4.44 -16.61
C CYS C 69 -35.39 3.13 -16.37
N ASP C 70 -36.10 2.01 -16.47
CA ASP C 70 -35.45 0.70 -16.19
C ASP C 70 -34.34 0.48 -17.23
N SER C 71 -34.57 0.87 -18.49
CA SER C 71 -33.54 0.74 -19.54
C SER C 71 -32.29 1.57 -19.22
N TYR C 72 -32.42 2.81 -18.74
CA TYR C 72 -31.27 3.73 -18.52
C TYR C 72 -30.89 3.79 -17.04
N ILE C 73 -31.17 2.74 -16.27
CA ILE C 73 -30.66 2.61 -14.88
C ILE C 73 -29.13 2.44 -14.93
N GLN C 74 -28.58 1.76 -15.93
CA GLN C 74 -27.16 1.33 -15.95
C GLN C 74 -26.24 2.49 -16.32
N LEU C 75 -26.76 3.63 -16.75
CA LEU C 75 -25.92 4.83 -17.06
C LEU C 75 -25.24 5.31 -15.78
N ILE C 76 -25.81 4.99 -14.61
CA ILE C 76 -25.30 5.51 -13.32
C ILE C 76 -24.15 4.61 -12.89
N PRO C 77 -22.91 5.15 -12.84
CA PRO C 77 -21.75 4.37 -12.46
C PRO C 77 -21.67 4.10 -10.94
N ILE C 78 -22.74 3.53 -10.39
CA ILE C 78 -22.90 3.43 -8.92
C ILE C 78 -21.79 2.55 -8.34
N SER C 79 -21.55 1.38 -8.91
CA SER C 79 -20.40 0.50 -8.54
C SER C 79 -19.07 1.26 -8.64
N PHE C 80 -18.81 1.93 -9.75
CA PHE C 80 -17.57 2.71 -9.97
C PHE C 80 -17.33 3.70 -8.83
N VAL C 81 -18.20 4.67 -8.73
CA VAL C 81 -18.14 5.78 -7.72
C VAL C 81 -18.09 5.19 -6.31
N LEU C 82 -18.98 4.25 -5.99
CA LEU C 82 -19.17 3.81 -4.59
C LEU C 82 -17.98 2.94 -4.17
N GLY C 83 -17.40 2.20 -5.10
CA GLY C 83 -16.23 1.39 -4.80
C GLY C 83 -15.04 2.22 -4.48
N PHE C 84 -14.83 3.26 -5.28
CA PHE C 84 -13.72 4.21 -5.07
C PHE C 84 -13.91 4.82 -3.67
N TYR C 85 -15.09 5.37 -3.42
CA TYR C 85 -15.37 6.09 -2.15
C TYR C 85 -15.11 5.19 -0.95
N VAL C 86 -15.58 3.96 -1.03
CA VAL C 86 -15.55 3.04 0.13
C VAL C 86 -14.11 2.60 0.41
N THR C 87 -13.32 2.39 -0.62
CA THR C 87 -11.92 2.01 -0.42
C THR C 87 -11.16 3.17 0.26
N LEU C 88 -11.44 4.40 -0.15
CA LEU C 88 -10.87 5.61 0.46
C LEU C 88 -11.24 5.67 1.95
N VAL C 89 -12.52 5.46 2.24
CA VAL C 89 -13.02 5.57 3.64
C VAL C 89 -12.40 4.49 4.51
N VAL C 90 -12.30 3.28 4.02
CA VAL C 90 -11.79 2.13 4.84
C VAL C 90 -10.31 2.28 5.11
N THR C 91 -9.57 2.74 4.10
CA THR C 91 -8.14 3.01 4.28
C THR C 91 -7.95 4.06 5.37
N ARG C 92 -8.71 5.13 5.27
CA ARG C 92 -8.56 6.27 6.20
C ARG C 92 -8.97 5.79 7.59
N TRP C 93 -9.95 4.90 7.68
CA TRP C 93 -10.52 4.43 8.97
C TRP C 93 -9.44 3.68 9.70
N TRP C 94 -8.81 2.74 9.03
CA TRP C 94 -7.76 1.95 9.70
C TRP C 94 -6.53 2.82 9.99
N ASN C 95 -6.17 3.74 9.09
CA ASN C 95 -5.06 4.69 9.35
C ASN C 95 -5.37 5.52 10.60
N GLN C 96 -6.61 5.92 10.77
CA GLN C 96 -7.02 6.68 11.95
C GLN C 96 -6.83 5.83 13.19
N TYR C 97 -7.17 4.57 13.14
CA TYR C 97 -6.98 3.70 14.33
C TYR C 97 -5.49 3.51 14.66
N GLU C 98 -4.65 3.31 13.64
CA GLU C 98 -3.21 3.11 13.86
C GLU C 98 -2.56 4.35 14.51
N ASN C 99 -3.16 5.51 14.44
CA ASN C 99 -2.60 6.77 14.93
C ASN C 99 -3.27 7.17 16.24
N LEU C 100 -4.06 6.29 16.86
CA LEU C 100 -4.46 6.49 18.28
C LEU C 100 -3.23 6.29 19.14
N PRO C 101 -2.85 7.27 19.95
CA PRO C 101 -1.62 7.14 20.73
C PRO C 101 -1.84 6.33 22.00
N TRP C 102 -0.98 5.32 22.18
CA TRP C 102 -0.94 4.48 23.41
C TRP C 102 0.32 4.85 24.17
N PRO C 103 0.22 5.29 25.43
CA PRO C 103 1.42 5.63 26.21
C PRO C 103 2.28 4.50 26.76
N ASP C 104 2.02 3.25 26.35
CA ASP C 104 2.64 2.06 26.99
C ASP C 104 4.16 2.09 26.80
N ARG C 105 4.62 2.32 25.58
CA ARG C 105 6.08 2.45 25.32
C ARG C 105 6.68 3.55 26.20
N LEU C 106 6.00 4.68 26.31
CA LEU C 106 6.53 5.81 27.10
C LEU C 106 6.43 5.50 28.59
N MET C 107 5.32 4.91 29.04
CA MET C 107 5.12 4.73 30.51
C MET C 107 6.15 3.75 31.07
N SER C 108 6.50 2.71 30.32
CA SER C 108 7.61 1.79 30.69
C SER C 108 8.95 2.57 30.83
N LEU C 109 9.27 3.48 29.91
CA LEU C 109 10.53 4.28 30.02
C LEU C 109 10.47 5.26 31.19
N VAL C 110 9.31 5.86 31.44
CA VAL C 110 9.18 6.85 32.53
C VAL C 110 9.25 6.12 33.88
N SER C 111 8.71 4.90 33.95
CA SER C 111 8.77 4.06 35.17
C SER C 111 10.21 3.62 35.44
N GLY C 112 10.96 3.26 34.39
CA GLY C 112 12.35 2.77 34.54
C GLY C 112 13.38 3.89 34.75
N PHE C 113 13.39 4.91 33.92
CA PHE C 113 14.51 5.88 33.85
C PHE C 113 14.42 6.92 34.96
N VAL C 114 13.22 7.42 35.27
CA VAL C 114 13.07 8.58 36.19
C VAL C 114 13.18 8.09 37.65
N GLU C 115 14.30 8.36 38.29
CA GLU C 115 14.68 7.71 39.58
C GLU C 115 14.00 8.40 40.76
N GLY C 116 13.85 7.69 41.88
CA GLY C 116 13.36 8.26 43.15
C GLY C 116 12.07 7.62 43.64
N LYS C 117 12.11 6.96 44.79
CA LYS C 117 10.90 6.38 45.43
C LYS C 117 10.30 7.38 46.42
N ASP C 118 10.85 8.59 46.51
CA ASP C 118 10.32 9.65 47.39
C ASP C 118 9.14 10.36 46.72
N GLU C 119 8.60 11.36 47.40
CA GLU C 119 7.44 12.17 46.93
C GLU C 119 7.80 12.82 45.60
N GLN C 120 8.98 13.43 45.47
CA GLN C 120 9.35 14.24 44.29
C GLN C 120 9.51 13.35 43.04
N GLY C 121 10.10 12.17 43.20
CA GLY C 121 10.18 11.19 42.12
C GLY C 121 8.80 10.77 41.63
N ARG C 122 7.91 10.45 42.57
CA ARG C 122 6.52 10.07 42.26
C ARG C 122 5.87 11.20 41.47
N LEU C 123 6.02 12.43 41.96
CA LEU C 123 5.31 13.57 41.38
C LEU C 123 5.81 13.80 39.95
N LEU C 124 7.13 13.72 39.77
CA LEU C 124 7.79 13.95 38.47
C LEU C 124 7.33 12.88 37.46
N ARG C 125 7.32 11.61 37.88
CA ARG C 125 6.92 10.52 36.96
C ARG C 125 5.45 10.66 36.57
N ARG C 126 4.60 11.00 37.55
CA ARG C 126 3.13 11.10 37.30
C ARG C 126 2.90 12.29 36.37
N THR C 127 3.64 13.37 36.55
CA THR C 127 3.38 14.57 35.74
C THR C 127 3.88 14.33 34.31
N LEU C 128 4.99 13.60 34.14
CA LEU C 128 5.48 13.31 32.77
C LEU C 128 4.44 12.50 31.99
N ILE C 129 3.96 11.41 32.57
CA ILE C 129 2.95 10.60 31.85
C ILE C 129 1.66 11.40 31.73
N ARG C 130 1.35 12.24 32.70
CA ARG C 130 0.14 13.07 32.59
C ARG C 130 0.30 13.99 31.37
N TYR C 131 1.48 14.52 31.11
CA TYR C 131 1.65 15.42 29.94
C TYR C 131 1.34 14.60 28.69
N ALA C 132 1.79 13.37 28.62
CA ALA C 132 1.54 12.50 27.45
C ALA C 132 0.03 12.28 27.26
N ASN C 133 -0.65 11.87 28.32
CA ASN C 133 -2.11 11.64 28.35
C ASN C 133 -2.90 12.95 28.10
N LEU C 134 -2.40 14.08 28.57
CA LEU C 134 -3.06 15.40 28.37
C LEU C 134 -2.96 15.77 26.90
N GLY C 135 -1.79 15.60 26.29
CA GLY C 135 -1.66 15.86 24.86
C GLY C 135 -2.65 15.00 24.06
N ASN C 136 -2.73 13.73 24.39
CA ASN C 136 -3.66 12.83 23.68
C ASN C 136 -5.11 13.31 23.90
N VAL C 137 -5.50 13.66 25.11
CA VAL C 137 -6.93 14.01 25.36
C VAL C 137 -7.24 15.38 24.73
N LEU C 138 -6.28 16.29 24.68
CA LEU C 138 -6.53 17.58 23.98
C LEU C 138 -6.75 17.35 22.47
N ILE C 139 -6.02 16.45 21.86
CA ILE C 139 -6.21 16.20 20.41
C ILE C 139 -7.51 15.43 20.25
N LEU C 140 -7.82 14.53 21.17
CA LEU C 140 -9.00 13.64 20.99
C LEU C 140 -10.27 14.45 21.16
N ARG C 141 -10.31 15.40 22.10
CA ARG C 141 -11.51 16.21 22.27
C ARG C 141 -11.73 17.09 21.05
N SER C 142 -10.69 17.45 20.33
CA SER C 142 -10.81 18.14 19.03
C SER C 142 -11.40 17.18 17.97
N VAL C 143 -10.88 15.99 17.87
CA VAL C 143 -11.19 15.11 16.72
C VAL C 143 -12.36 14.18 17.06
N SER C 144 -12.75 14.12 18.33
CA SER C 144 -13.83 13.17 18.77
C SER C 144 -15.01 13.90 19.43
N THR C 145 -16.21 13.75 18.87
CA THR C 145 -17.46 14.33 19.42
C THR C 145 -17.83 13.66 20.75
N ALA C 146 -17.56 12.37 20.89
CA ALA C 146 -17.74 11.64 22.16
C ALA C 146 -16.90 12.27 23.30
N VAL C 147 -15.61 12.46 23.05
CA VAL C 147 -14.69 13.03 24.09
C VAL C 147 -15.06 14.48 24.37
N TYR C 148 -15.43 15.21 23.33
CA TYR C 148 -15.79 16.63 23.53
C TYR C 148 -17.06 16.71 24.38
N LYS C 149 -18.02 15.82 24.14
CA LYS C 149 -19.24 15.83 24.96
C LYS C 149 -18.88 15.47 26.40
N ARG C 150 -17.90 14.60 26.59
CA ARG C 150 -17.44 14.25 27.96
C ARG C 150 -16.69 15.43 28.58
N PHE C 151 -15.93 16.16 27.76
CA PHE C 151 -15.07 17.28 28.25
C PHE C 151 -15.39 18.52 27.43
N PRO C 152 -16.54 19.18 27.66
CA PRO C 152 -16.89 20.38 26.90
C PRO C 152 -15.88 21.54 27.04
N SER C 153 -15.24 21.71 28.20
CA SER C 153 -14.21 22.75 28.43
C SER C 153 -12.96 22.17 29.09
N ALA C 154 -11.89 22.96 29.19
CA ALA C 154 -10.63 22.54 29.84
C ALA C 154 -10.85 22.28 31.33
N GLN C 155 -11.79 23.00 31.94
CA GLN C 155 -12.10 22.80 33.38
C GLN C 155 -12.64 21.39 33.62
N HIS C 156 -13.34 20.83 32.64
CA HIS C 156 -13.82 19.42 32.70
C HIS C 156 -12.61 18.50 32.75
N LEU C 157 -11.55 18.82 32.00
CA LEU C 157 -10.28 18.04 32.06
C LEU C 157 -9.65 18.22 33.42
N VAL C 158 -9.77 19.40 34.00
CA VAL C 158 -9.19 19.66 35.34
C VAL C 158 -9.91 18.78 36.38
N GLN C 159 -11.22 18.70 36.34
CA GLN C 159 -11.98 17.89 37.34
C GLN C 159 -11.82 16.39 37.05
N ALA C 160 -11.33 16.00 35.88
CA ALA C 160 -11.15 14.57 35.52
C ALA C 160 -9.71 14.08 35.75
N GLY C 161 -8.80 14.93 36.23
CA GLY C 161 -7.44 14.51 36.58
C GLY C 161 -6.43 14.64 35.44
N PHE C 162 -6.84 15.08 34.25
CA PHE C 162 -5.87 15.21 33.12
C PHE C 162 -5.05 16.48 33.27
N MET C 163 -5.63 17.48 33.89
CA MET C 163 -5.05 18.83 33.94
C MET C 163 -5.12 19.33 35.39
N THR C 164 -4.05 19.92 35.86
CA THR C 164 -4.05 20.63 37.18
C THR C 164 -4.51 22.06 36.95
N PRO C 165 -5.02 22.74 37.99
CA PRO C 165 -5.33 24.17 37.88
C PRO C 165 -4.15 25.02 37.39
N ALA C 166 -2.94 24.72 37.83
CA ALA C 166 -1.73 25.45 37.38
C ALA C 166 -1.59 25.24 35.88
N GLU C 167 -1.73 23.99 35.43
CA GLU C 167 -1.62 23.64 34.01
C GLU C 167 -2.71 24.40 33.25
N HIS C 168 -3.91 24.42 33.80
CA HIS C 168 -5.06 25.11 33.15
C HIS C 168 -4.75 26.61 32.97
N LYS C 169 -4.28 27.28 34.01
CA LYS C 169 -4.05 28.74 33.91
C LYS C 169 -2.86 29.00 32.98
N GLN C 170 -1.85 28.14 33.01
CA GLN C 170 -0.69 28.28 32.11
C GLN C 170 -1.16 28.16 30.66
N LEU C 171 -2.06 27.20 30.35
CA LEU C 171 -2.61 27.10 28.97
C LEU C 171 -3.45 28.33 28.61
N GLU C 172 -4.23 28.86 29.55
CA GLU C 172 -5.04 30.07 29.27
C GLU C 172 -4.10 31.24 28.94
N LYS C 173 -2.96 31.33 29.63
CA LYS C 173 -1.99 32.42 29.37
C LYS C 173 -1.39 32.28 27.97
N LEU C 174 -1.13 31.05 27.50
CA LEU C 174 -0.50 30.79 26.19
C LEU C 174 -1.52 30.79 25.06
N SER C 175 -2.77 31.20 25.27
CA SER C 175 -3.88 31.02 24.29
C SER C 175 -3.46 31.59 22.93
N LEU C 176 -3.66 30.80 21.87
CA LEU C 176 -3.44 31.22 20.46
C LEU C 176 -4.71 30.90 19.70
N PRO C 177 -4.93 31.51 18.52
CA PRO C 177 -6.14 31.23 17.75
C PRO C 177 -6.24 29.75 17.36
N HIS C 178 -5.12 29.10 17.13
CA HIS C 178 -5.13 27.67 16.70
C HIS C 178 -5.23 26.75 17.90
N ASN C 179 -5.22 25.44 17.62
CA ASN C 179 -5.43 24.38 18.64
C ASN C 179 -4.10 24.19 19.38
N MET C 180 -4.20 23.99 20.67
CA MET C 180 -3.05 24.09 21.61
C MET C 180 -2.76 22.69 22.15
N PHE C 181 -3.14 21.64 21.43
CA PHE C 181 -2.79 20.25 21.79
C PHE C 181 -1.29 20.03 21.86
N TRP C 182 -0.49 20.82 21.13
CA TRP C 182 0.96 20.67 21.06
C TRP C 182 1.64 21.06 22.39
N VAL C 183 1.00 21.82 23.28
CA VAL C 183 1.71 22.42 24.46
C VAL C 183 2.27 21.35 25.37
N PRO C 184 1.54 20.28 25.77
CA PRO C 184 2.12 19.31 26.70
C PRO C 184 3.45 18.69 26.18
N TRP C 185 3.66 18.59 24.87
CA TRP C 185 4.94 18.08 24.35
C TRP C 185 6.10 19.01 24.72
N VAL C 186 5.90 20.32 24.60
CA VAL C 186 6.94 21.28 25.02
C VAL C 186 7.12 21.23 26.52
N TRP C 187 6.02 21.09 27.26
CA TRP C 187 6.11 20.88 28.73
C TRP C 187 6.92 19.63 29.05
N PHE C 188 6.63 18.51 28.37
CA PHE C 188 7.32 17.21 28.60
C PHE C 188 8.80 17.37 28.33
N ALA C 189 9.17 18.04 27.23
CA ALA C 189 10.60 18.19 26.89
C ALA C 189 11.31 19.04 27.97
N ASN C 190 10.73 20.14 28.38
CA ASN C 190 11.35 21.04 29.39
C ASN C 190 11.39 20.35 30.76
N LEU C 191 10.36 19.59 31.11
CA LEU C 191 10.37 18.90 32.41
C LEU C 191 11.42 17.76 32.40
N SER C 192 11.51 17.03 31.33
CA SER C 192 12.44 15.90 31.22
C SER C 192 13.89 16.44 31.21
N MET C 193 14.12 17.57 30.59
CA MET C 193 15.44 18.21 30.61
C MET C 193 15.74 18.64 32.05
N LYS C 194 14.77 19.21 32.75
CA LYS C 194 14.97 19.68 34.15
C LYS C 194 15.33 18.45 34.99
N ALA C 195 14.61 17.34 34.76
CA ALA C 195 14.77 16.10 35.53
C ALA C 195 16.19 15.58 35.36
N TRP C 196 16.67 15.56 34.10
CA TRP C 196 18.04 15.14 33.75
C TRP C 196 19.05 16.04 34.44
N LEU C 197 18.86 17.35 34.36
CA LEU C 197 19.82 18.29 34.98
C LEU C 197 19.79 18.13 36.51
N GLY C 198 18.64 17.78 37.07
CA GLY C 198 18.47 17.61 38.52
C GLY C 198 18.92 16.25 39.01
N GLY C 199 19.39 15.39 38.12
CA GLY C 199 19.89 14.06 38.47
C GLY C 199 18.83 12.98 38.62
N ARG C 200 17.55 13.27 38.40
CA ARG C 200 16.50 12.21 38.44
C ARG C 200 16.66 11.31 37.21
N ILE C 201 17.14 11.81 36.08
CA ILE C 201 17.52 10.95 34.93
C ILE C 201 19.04 10.86 34.92
N ARG C 202 19.60 9.67 34.94
CA ARG C 202 21.04 9.50 35.22
C ARG C 202 21.87 9.79 33.97
N ASP C 203 21.38 9.49 32.78
CA ASP C 203 22.20 9.63 31.54
C ASP C 203 21.34 10.25 30.45
N PRO C 204 21.91 11.14 29.62
CA PRO C 204 21.13 11.77 28.55
C PRO C 204 20.69 10.83 27.41
N ILE C 205 21.27 9.65 27.34
CA ILE C 205 20.79 8.59 26.41
C ILE C 205 19.35 8.20 26.80
N LEU C 206 19.07 8.08 28.11
CA LEU C 206 17.70 7.75 28.58
C LEU C 206 16.80 8.92 28.27
N LEU C 207 17.36 10.13 28.42
CA LEU C 207 16.58 11.36 28.11
C LEU C 207 16.22 11.37 26.62
N GLN C 208 17.19 11.02 25.75
CA GLN C 208 16.93 10.88 24.31
C GLN C 208 15.79 9.88 24.09
N SER C 209 15.85 8.73 24.78
CA SER C 209 14.86 7.64 24.63
C SER C 209 13.45 8.11 25.03
N LEU C 210 13.33 8.89 26.12
CA LEU C 210 12.04 9.47 26.57
C LEU C 210 11.48 10.41 25.50
N LEU C 211 12.33 11.28 24.95
CA LEU C 211 11.87 12.31 24.02
C LEU C 211 11.46 11.66 22.69
N ASN C 212 12.14 10.60 22.29
CA ASN C 212 11.75 9.88 21.05
C ASN C 212 10.35 9.28 21.19
N GLU C 213 10.06 8.63 22.33
CA GLU C 213 8.74 8.02 22.57
C GLU C 213 7.66 9.09 22.60
N MET C 214 7.96 10.16 23.33
CA MET C 214 6.97 11.26 23.41
C MET C 214 6.70 11.83 22.00
N ASN C 215 7.75 12.00 21.19
CA ASN C 215 7.63 12.60 19.84
C ASN C 215 6.87 11.64 18.91
N THR C 216 7.03 10.34 19.12
CA THR C 216 6.21 9.37 18.37
C THR C 216 4.72 9.67 18.64
N LEU C 217 4.34 9.82 19.91
CA LEU C 217 2.95 10.15 20.26
C LEU C 217 2.55 11.46 19.57
N ARG C 218 3.45 12.44 19.54
CA ARG C 218 3.12 13.71 18.83
C ARG C 218 2.74 13.40 17.38
N THR C 219 3.61 12.71 16.65
CA THR C 219 3.38 12.35 15.25
C THR C 219 2.04 11.62 15.07
N GLN C 220 1.67 10.70 15.97
CA GLN C 220 0.33 10.05 15.94
C GLN C 220 -0.79 11.05 16.14
N CYS C 221 -0.64 11.93 17.11
CA CYS C 221 -1.67 12.96 17.38
C CYS C 221 -1.79 13.85 16.16
N GLY C 222 -0.67 14.14 15.50
CA GLY C 222 -0.69 15.01 14.32
C GLY C 222 -1.45 14.36 13.21
N HIS C 223 -1.25 13.06 13.04
CA HIS C 223 -2.00 12.32 12.01
C HIS C 223 -3.50 12.45 12.35
N LEU C 224 -3.87 12.29 13.63
CA LEU C 224 -5.30 12.39 13.98
C LEU C 224 -5.82 13.78 13.60
N TYR C 225 -5.08 14.82 13.95
CA TYR C 225 -5.39 16.22 13.59
C TYR C 225 -5.60 16.34 12.07
N ALA C 226 -4.70 15.77 11.30
CA ALA C 226 -4.73 15.80 9.83
C ALA C 226 -6.00 15.12 9.34
N TYR C 227 -6.33 13.94 9.81
CA TYR C 227 -7.53 13.22 9.30
C TYR C 227 -8.80 13.98 9.69
N ASP C 228 -8.82 14.64 10.84
CA ASP C 228 -9.98 15.45 11.23
C ASP C 228 -10.10 16.68 10.34
N TRP C 229 -9.00 17.32 10.02
CA TRP C 229 -9.00 18.63 9.33
C TRP C 229 -9.23 18.40 7.83
N ILE C 230 -8.40 17.58 7.20
CA ILE C 230 -8.49 17.29 5.75
C ILE C 230 -9.45 16.14 5.57
N SER C 231 -10.72 16.48 5.44
CA SER C 231 -11.83 15.56 5.15
C SER C 231 -11.58 14.87 3.83
N ILE C 232 -12.24 13.75 3.57
CA ILE C 232 -12.35 13.27 2.18
C ILE C 232 -12.93 14.43 1.40
N PRO C 233 -12.40 14.78 0.22
CA PRO C 233 -12.87 15.94 -0.52
C PRO C 233 -14.40 15.92 -0.67
N LEU C 234 -15.04 17.04 -0.33
CA LEU C 234 -16.51 17.16 -0.29
C LEU C 234 -17.10 16.80 -1.65
N VAL C 235 -16.39 17.07 -2.74
CA VAL C 235 -16.81 16.65 -4.10
C VAL C 235 -17.11 15.14 -4.13
N TYR C 236 -16.26 14.32 -3.54
CA TYR C 236 -16.47 12.85 -3.61
C TYR C 236 -17.70 12.44 -2.81
N THR C 237 -17.87 13.00 -1.64
CA THR C 237 -19.03 12.67 -0.79
C THR C 237 -20.31 13.09 -1.52
N GLN C 238 -20.34 14.31 -2.03
CA GLN C 238 -21.48 14.80 -2.85
C GLN C 238 -21.76 13.87 -4.04
N VAL C 239 -20.73 13.47 -4.76
CA VAL C 239 -20.92 12.65 -5.98
C VAL C 239 -21.48 11.28 -5.61
N VAL C 240 -20.95 10.65 -4.58
CA VAL C 240 -21.38 9.27 -4.23
C VAL C 240 -22.81 9.36 -3.66
N THR C 241 -23.12 10.44 -2.97
CA THR C 241 -24.47 10.66 -2.42
C THR C 241 -25.45 10.79 -3.57
N VAL C 242 -25.08 11.58 -4.58
CA VAL C 242 -25.94 11.81 -5.76
C VAL C 242 -26.11 10.48 -6.51
N ALA C 243 -25.05 9.70 -6.63
CA ALA C 243 -25.10 8.44 -7.38
C ALA C 243 -26.13 7.51 -6.71
N VAL C 244 -26.03 7.32 -5.41
CA VAL C 244 -26.92 6.38 -4.69
C VAL C 244 -28.37 6.88 -4.75
N TYR C 245 -28.58 8.14 -4.43
CA TYR C 245 -29.94 8.73 -4.44
C TYR C 245 -30.55 8.71 -5.85
N SER C 246 -29.78 8.98 -6.89
CA SER C 246 -30.31 9.01 -8.29
C SER C 246 -30.68 7.59 -8.66
N PHE C 247 -29.84 6.65 -8.35
CA PHE C 247 -30.15 5.23 -8.63
C PHE C 247 -31.51 4.82 -8.02
N PHE C 248 -31.79 5.17 -6.77
CA PHE C 248 -32.99 4.65 -6.10
C PHE C 248 -34.18 5.55 -6.41
N LEU C 249 -33.93 6.81 -6.71
CA LEU C 249 -35.05 7.69 -7.15
C LEU C 249 -35.54 7.20 -8.51
N THR C 250 -34.64 6.79 -9.40
CA THR C 250 -35.07 6.25 -10.71
C THR C 250 -35.64 4.85 -10.54
N CYS C 251 -35.20 4.10 -9.53
CA CYS C 251 -35.81 2.79 -9.22
C CYS C 251 -37.25 2.99 -8.73
N LEU C 252 -37.58 4.12 -8.15
CA LEU C 252 -38.94 4.34 -7.61
C LEU C 252 -39.96 4.20 -8.74
N VAL C 253 -39.58 4.50 -9.98
CA VAL C 253 -40.48 4.41 -11.16
C VAL C 253 -40.10 3.24 -12.07
N GLY C 254 -38.81 3.04 -12.34
CA GLY C 254 -38.32 1.99 -13.24
C GLY C 254 -38.60 0.61 -12.72
N ARG C 255 -38.75 0.45 -11.41
CA ARG C 255 -38.83 -0.90 -10.79
C ARG C 255 -40.25 -1.14 -10.37
N GLN C 256 -41.20 -0.32 -10.82
CA GLN C 256 -42.65 -0.65 -10.59
C GLN C 256 -43.01 -1.90 -11.40
N PHE C 257 -43.98 -2.65 -10.93
CA PHE C 257 -44.52 -3.83 -11.66
C PHE C 257 -45.63 -3.28 -12.53
N LEU C 258 -45.33 -3.17 -13.83
CA LEU C 258 -46.32 -2.68 -14.82
C LEU C 258 -47.46 -3.70 -14.92
N ASN C 259 -48.55 -3.29 -15.56
CA ASN C 259 -49.74 -4.16 -15.78
C ASN C 259 -49.29 -5.41 -16.51
N PRO C 260 -49.47 -6.62 -15.92
CA PRO C 260 -49.06 -7.84 -16.60
C PRO C 260 -49.98 -8.21 -17.77
N ALA C 261 -51.18 -7.62 -17.84
CA ALA C 261 -52.12 -7.81 -18.97
C ALA C 261 -51.46 -7.39 -20.29
N LYS C 262 -50.70 -6.30 -20.28
CA LYS C 262 -50.09 -5.75 -21.52
C LYS C 262 -48.87 -6.56 -21.95
N ALA C 263 -48.39 -7.49 -21.12
CA ALA C 263 -47.36 -8.48 -21.50
C ALA C 263 -46.11 -7.75 -22.02
N TYR C 264 -45.62 -6.78 -21.26
CA TYR C 264 -44.34 -6.11 -21.58
C TYR C 264 -43.21 -7.12 -21.34
N PRO C 265 -42.13 -7.08 -22.14
CA PRO C 265 -40.97 -7.92 -21.88
C PRO C 265 -40.38 -7.62 -20.49
N GLY C 266 -40.26 -8.66 -19.67
CA GLY C 266 -39.72 -8.57 -18.30
C GLY C 266 -40.79 -8.17 -17.29
N HIS C 267 -42.01 -7.87 -17.72
CA HIS C 267 -43.10 -7.45 -16.82
C HIS C 267 -44.26 -8.45 -16.87
N GLU C 268 -44.00 -9.69 -17.27
CA GLU C 268 -45.07 -10.71 -17.44
C GLU C 268 -45.64 -11.04 -16.07
N LEU C 269 -44.77 -11.17 -15.08
CA LEU C 269 -45.16 -11.63 -13.73
C LEU C 269 -45.16 -10.45 -12.77
N ASP C 270 -46.28 -10.29 -12.06
CA ASP C 270 -46.41 -9.23 -11.02
C ASP C 270 -46.23 -9.86 -9.64
N LEU C 271 -45.16 -9.49 -8.95
CA LEU C 271 -44.84 -10.05 -7.61
C LEU C 271 -45.11 -9.04 -6.50
N VAL C 272 -45.58 -7.83 -6.87
CA VAL C 272 -45.91 -6.75 -5.90
C VAL C 272 -44.65 -6.28 -5.18
N VAL C 273 -43.90 -7.21 -4.60
CA VAL C 273 -42.67 -6.87 -3.82
C VAL C 273 -41.46 -6.97 -4.72
N PRO C 274 -40.77 -5.84 -5.01
CA PRO C 274 -39.54 -5.86 -5.79
C PRO C 274 -38.32 -6.30 -4.96
N VAL C 275 -38.22 -7.60 -4.82
CA VAL C 275 -37.25 -8.25 -3.90
C VAL C 275 -35.84 -7.84 -4.35
N PHE C 276 -35.56 -7.88 -5.65
CA PHE C 276 -34.22 -7.61 -6.18
C PHE C 276 -33.89 -6.12 -6.03
N THR C 277 -34.87 -5.25 -6.17
CA THR C 277 -34.69 -3.81 -5.94
C THR C 277 -34.41 -3.54 -4.46
N PHE C 278 -35.10 -4.22 -3.57
CA PHE C 278 -34.80 -4.12 -2.13
C PHE C 278 -33.42 -4.71 -1.79
N LEU C 279 -33.00 -5.76 -2.49
CA LEU C 279 -31.66 -6.34 -2.27
C LEU C 279 -30.62 -5.34 -2.74
N GLN C 280 -30.86 -4.71 -3.88
CA GLN C 280 -29.90 -3.69 -4.40
C GLN C 280 -29.85 -2.52 -3.43
N PHE C 281 -30.99 -2.11 -2.87
CA PHE C 281 -31.00 -1.04 -1.86
C PHE C 281 -30.13 -1.48 -0.70
N PHE C 282 -30.34 -2.69 -0.20
CA PHE C 282 -29.57 -3.25 0.93
C PHE C 282 -28.06 -3.22 0.67
N PHE C 283 -27.62 -3.74 -0.45
CA PHE C 283 -26.19 -3.70 -0.86
C PHE C 283 -25.70 -2.28 -1.02
N TYR C 284 -26.31 -1.45 -1.85
CA TYR C 284 -25.73 -0.15 -2.28
C TYR C 284 -25.91 0.88 -1.19
N VAL C 285 -27.08 0.98 -0.63
CA VAL C 285 -27.34 2.02 0.38
C VAL C 285 -26.64 1.57 1.66
N GLY C 286 -26.63 0.28 1.98
CA GLY C 286 -25.92 -0.24 3.14
C GLY C 286 -24.45 0.09 3.03
N TRP C 287 -23.93 -0.08 1.86
CA TRP C 287 -22.52 0.23 1.52
C TRP C 287 -22.17 1.71 1.72
N LEU C 288 -23.02 2.58 1.25
CA LEU C 288 -22.92 4.03 1.52
C LEU C 288 -23.02 4.31 3.02
N LYS C 289 -23.95 3.66 3.71
CA LYS C 289 -24.24 3.96 5.14
C LYS C 289 -23.06 3.46 5.99
N VAL C 290 -22.40 2.39 5.55
CA VAL C 290 -21.16 1.95 6.23
C VAL C 290 -20.11 3.05 6.06
N ALA C 291 -19.96 3.57 4.86
CA ALA C 291 -19.03 4.68 4.64
C ALA C 291 -19.43 5.86 5.53
N GLU C 292 -20.70 6.17 5.70
CA GLU C 292 -21.13 7.31 6.53
C GLU C 292 -20.75 7.08 7.99
N GLN C 293 -20.91 5.85 8.47
CA GLN C 293 -20.47 5.45 9.81
C GLN C 293 -18.94 5.59 9.97
N LEU C 294 -18.14 5.16 9.02
CA LEU C 294 -16.67 5.03 9.19
C LEU C 294 -15.97 6.32 8.85
N ILE C 295 -16.63 7.26 8.19
CA ILE C 295 -15.93 8.45 7.62
C ILE C 295 -15.32 9.27 8.78
N ASN C 296 -16.00 9.31 9.91
CA ASN C 296 -15.53 9.88 11.17
C ASN C 296 -15.65 8.79 12.23
N PRO C 297 -14.59 8.01 12.50
CA PRO C 297 -14.70 6.92 13.44
C PRO C 297 -14.67 7.35 14.93
N PHE C 298 -14.68 8.66 15.21
CA PHE C 298 -14.54 9.18 16.58
C PHE C 298 -15.85 9.80 17.03
N GLY C 299 -16.96 9.45 16.36
CA GLY C 299 -18.31 9.83 16.74
C GLY C 299 -18.88 8.96 17.84
N GLU C 300 -20.19 8.83 17.88
CA GLU C 300 -20.92 8.03 18.91
C GLU C 300 -21.68 6.88 18.26
N ASP C 301 -21.18 6.44 17.09
CA ASP C 301 -21.77 5.28 16.38
C ASP C 301 -21.39 3.99 17.11
N ASP C 302 -22.24 2.96 16.99
CA ASP C 302 -22.00 1.64 17.62
C ASP C 302 -20.58 1.16 17.26
N ASP C 303 -20.19 1.29 16.00
CA ASP C 303 -18.95 0.68 15.48
C ASP C 303 -17.84 1.72 15.42
N ASP C 304 -18.08 2.91 15.92
CA ASP C 304 -17.01 3.91 16.12
C ASP C 304 -16.07 3.47 17.26
N PHE C 305 -14.83 3.94 17.23
CA PHE C 305 -13.82 3.62 18.25
C PHE C 305 -14.30 4.04 19.63
N GLU C 306 -13.99 3.23 20.61
CA GLU C 306 -14.30 3.50 22.03
C GLU C 306 -13.24 4.45 22.58
N THR C 307 -13.26 5.67 22.10
CA THR C 307 -12.27 6.71 22.40
C THR C 307 -12.32 7.08 23.89
N ASN C 308 -13.48 7.24 24.51
CA ASN C 308 -13.55 7.55 25.96
C ASN C 308 -12.96 6.39 26.76
N TRP C 309 -13.26 5.17 26.36
CA TRP C 309 -12.73 3.98 27.06
C TRP C 309 -11.20 4.04 26.96
N ILE C 310 -10.70 4.33 25.75
CA ILE C 310 -9.24 4.39 25.49
C ILE C 310 -8.60 5.46 26.38
N VAL C 311 -9.22 6.62 26.48
CA VAL C 311 -8.67 7.75 27.27
C VAL C 311 -8.60 7.33 28.75
N ASP C 312 -9.68 6.79 29.29
CA ASP C 312 -9.72 6.38 30.73
C ASP C 312 -8.69 5.28 31.01
N ARG C 313 -8.65 4.28 30.14
CA ARG C 313 -7.72 3.15 30.31
C ARG C 313 -6.29 3.67 30.29
N ASN C 314 -6.01 4.55 29.32
CA ASN C 314 -4.64 5.05 29.10
C ASN C 314 -4.21 5.77 30.38
N LEU C 315 -5.07 6.58 30.99
CA LEU C 315 -4.64 7.42 32.14
C LEU C 315 -4.45 6.50 33.35
N GLN C 316 -5.37 5.58 33.55
CA GLN C 316 -5.29 4.61 34.69
C GLN C 316 -4.00 3.78 34.60
N VAL C 317 -3.76 3.18 33.44
CA VAL C 317 -2.59 2.29 33.20
C VAL C 317 -1.28 3.09 33.31
N SER C 318 -1.22 4.26 32.70
CA SER C 318 -0.04 5.15 32.78
C SER C 318 0.30 5.47 34.25
N LEU C 319 -0.69 5.89 35.01
CA LEU C 319 -0.41 6.31 36.40
C LEU C 319 -0.01 5.08 37.23
N LEU C 320 -0.62 3.94 36.96
CA LEU C 320 -0.25 2.72 37.73
C LEU C 320 1.21 2.38 37.43
N ALA C 321 1.51 2.23 36.13
CA ALA C 321 2.82 1.79 35.60
C ALA C 321 3.92 2.67 36.14
N VAL C 322 3.72 3.97 36.25
CA VAL C 322 4.87 4.84 36.62
C VAL C 322 4.91 5.11 38.12
N ASP C 323 3.79 5.02 38.83
CA ASP C 323 3.82 5.30 40.27
C ASP C 323 3.97 3.98 41.04
N GLU C 324 2.99 3.10 40.99
CA GLU C 324 2.97 1.90 41.87
C GLU C 324 3.93 0.81 41.35
N MET C 325 4.23 0.80 40.07
CA MET C 325 5.07 -0.24 39.43
C MET C 325 6.53 0.21 39.30
N HIS C 326 6.86 1.44 39.68
CA HIS C 326 8.25 1.93 39.64
C HIS C 326 9.08 1.18 40.68
N GLN C 327 10.07 0.40 40.23
CA GLN C 327 11.02 -0.35 41.09
C GLN C 327 10.28 -1.32 42.03
N ASP C 328 9.01 -1.58 41.76
CA ASP C 328 8.28 -2.72 42.37
C ASP C 328 8.33 -3.89 41.39
N LEU C 329 9.19 -4.85 41.66
CA LEU C 329 9.37 -6.02 40.79
C LEU C 329 9.02 -7.29 41.54
N PRO C 330 8.48 -8.30 40.84
CA PRO C 330 8.30 -9.62 41.43
C PRO C 330 9.67 -10.17 41.84
N ARG C 331 9.70 -10.96 42.90
CA ARG C 331 10.94 -11.62 43.35
C ARG C 331 11.43 -12.49 42.21
N MET C 332 12.69 -12.30 41.83
CA MET C 332 13.33 -13.03 40.73
C MET C 332 13.70 -14.41 41.22
N GLU C 333 13.00 -15.43 40.77
CA GLU C 333 13.25 -16.82 41.21
C GLU C 333 13.37 -17.69 39.97
N PRO C 334 14.13 -18.79 40.03
CA PRO C 334 14.33 -19.63 38.85
C PRO C 334 13.00 -20.19 38.33
N ASP C 335 12.89 -20.22 37.00
CA ASP C 335 11.66 -20.68 36.31
C ASP C 335 11.61 -22.21 36.38
N MET C 336 10.55 -22.77 35.80
CA MET C 336 10.23 -24.20 35.82
C MET C 336 11.24 -24.97 34.96
N TYR C 337 11.72 -24.36 33.88
CA TYR C 337 12.70 -24.93 32.93
C TYR C 337 14.13 -24.67 33.41
N TRP C 338 14.33 -24.14 34.62
CA TRP C 338 15.65 -23.62 35.06
C TRP C 338 16.74 -24.70 34.91
N ASN C 339 16.54 -25.88 35.48
CA ASN C 339 17.51 -27.00 35.35
C ASN C 339 16.83 -28.31 35.77
N THR D 2 -8.91 24.19 2.54
CA THR D 2 -9.70 22.94 2.61
C THR D 2 -11.08 23.22 3.22
N ILE D 3 -12.07 22.46 2.79
CA ILE D 3 -13.43 22.49 3.40
C ILE D 3 -13.56 21.26 4.29
N THR D 4 -13.72 21.48 5.57
CA THR D 4 -13.79 20.41 6.60
C THR D 4 -15.25 20.25 7.00
N TYR D 5 -15.72 19.02 7.09
CA TYR D 5 -17.11 18.69 7.54
C TYR D 5 -17.11 17.46 8.43
N THR D 6 -15.95 17.11 8.99
CA THR D 6 -15.72 15.84 9.72
C THR D 6 -16.65 15.78 10.93
N SER D 7 -16.81 16.91 11.61
CA SER D 7 -17.69 17.00 12.79
C SER D 7 -19.13 16.72 12.35
N GLN D 8 -19.53 17.21 11.20
CA GLN D 8 -20.95 17.11 10.72
C GLN D 8 -21.28 15.64 10.49
N VAL D 9 -20.31 14.84 10.06
CA VAL D 9 -20.53 13.40 9.73
C VAL D 9 -19.97 12.48 10.82
N ALA D 10 -19.93 12.93 12.07
CA ALA D 10 -19.41 12.11 13.19
C ALA D 10 -20.29 10.85 13.38
N ASN D 11 -21.57 10.92 13.13
CA ASN D 11 -22.49 9.76 13.34
C ASN D 11 -23.25 9.53 12.04
N ALA D 12 -23.45 8.27 11.66
CA ALA D 12 -24.41 7.88 10.60
C ALA D 12 -25.82 8.28 11.05
N ARG D 13 -26.55 9.02 10.20
CA ARG D 13 -27.94 9.43 10.49
C ARG D 13 -28.73 9.48 9.20
N LEU D 14 -30.05 9.62 9.28
CA LEU D 14 -30.93 9.68 8.09
C LEU D 14 -30.47 10.81 7.12
N GLY D 15 -30.37 10.49 5.82
CA GLY D 15 -29.85 11.43 4.80
C GLY D 15 -28.34 11.47 4.87
N SER D 16 -27.80 11.81 6.05
CA SER D 16 -26.32 11.90 6.24
C SER D 16 -25.71 12.83 5.18
N PHE D 17 -24.90 12.29 4.28
CA PHE D 17 -24.23 13.12 3.23
C PHE D 17 -25.25 13.94 2.45
N SER D 18 -26.55 13.71 2.68
CA SER D 18 -27.63 14.44 2.00
C SER D 18 -27.68 15.89 2.49
N ARG D 19 -27.27 16.20 3.68
CA ARG D 19 -27.14 17.59 4.13
C ARG D 19 -25.94 18.24 3.47
N LEU D 20 -25.00 17.42 2.98
CA LEU D 20 -23.76 17.97 2.37
C LEU D 20 -24.03 18.42 0.93
N LEU D 21 -25.11 17.93 0.32
CA LEU D 21 -25.50 18.32 -1.04
C LEU D 21 -25.76 19.81 -1.13
N LEU D 22 -26.13 20.42 -0.01
CA LEU D 22 -26.44 21.87 0.04
C LEU D 22 -25.20 22.64 0.51
N CYS D 23 -24.10 22.53 -0.23
CA CYS D 23 -22.85 23.18 0.14
C CYS D 23 -22.36 23.63 -1.19
N TRP D 24 -21.88 24.84 -1.24
CA TRP D 24 -21.41 25.43 -2.49
C TRP D 24 -19.89 25.47 -2.48
N ARG D 25 -19.31 25.97 -1.42
CA ARG D 25 -17.85 26.10 -1.35
C ARG D 25 -17.27 24.69 -1.34
N GLY D 26 -16.32 24.43 -2.23
CA GLY D 26 -15.70 23.12 -2.29
C GLY D 26 -16.60 22.05 -2.87
N SER D 27 -17.64 22.43 -3.60
CA SER D 27 -18.67 21.48 -4.07
C SER D 27 -18.42 21.06 -5.52
N ILE D 28 -19.10 20.01 -5.91
CA ILE D 28 -19.08 19.51 -7.32
C ILE D 28 -19.77 20.53 -8.24
N TYR D 29 -20.82 21.23 -7.77
CA TYR D 29 -21.55 22.24 -8.56
C TYR D 29 -20.60 23.35 -9.00
N LYS D 30 -19.78 23.85 -8.08
CA LYS D 30 -18.79 24.92 -8.34
C LYS D 30 -17.78 24.42 -9.37
N LEU D 31 -17.38 23.15 -9.30
CA LEU D 31 -16.35 22.59 -10.22
C LEU D 31 -17.00 22.33 -11.57
N LEU D 32 -18.30 22.04 -11.63
CA LEU D 32 -18.91 21.53 -12.89
C LEU D 32 -19.71 22.60 -13.66
N TYR D 33 -20.21 23.66 -13.04
CA TYR D 33 -21.26 24.48 -13.68
C TYR D 33 -20.79 24.98 -15.06
N GLY D 34 -19.61 25.56 -15.22
CA GLY D 34 -19.19 26.20 -16.48
C GLY D 34 -19.10 25.25 -17.66
N GLU D 35 -18.45 24.11 -17.45
CA GLU D 35 -18.36 23.03 -18.46
C GLU D 35 -19.75 22.47 -18.73
N PHE D 36 -20.56 22.33 -17.70
CA PHE D 36 -21.94 21.81 -17.81
C PHE D 36 -22.76 22.78 -18.65
N LEU D 37 -22.59 24.07 -18.44
CA LEU D 37 -23.42 25.06 -19.16
C LEU D 37 -22.98 25.06 -20.63
N ILE D 38 -21.71 24.85 -20.90
CA ILE D 38 -21.22 24.77 -22.30
C ILE D 38 -21.80 23.51 -22.96
N PHE D 39 -21.78 22.38 -22.28
CA PHE D 39 -22.35 21.10 -22.78
C PHE D 39 -23.86 21.28 -23.01
N LEU D 40 -24.56 21.92 -22.08
CA LEU D 40 -26.02 22.15 -22.16
C LEU D 40 -26.32 22.99 -23.39
N LEU D 41 -25.50 24.01 -23.68
CA LEU D 41 -25.73 24.92 -24.82
C LEU D 41 -25.53 24.14 -26.11
N CYS D 42 -24.42 23.40 -26.20
CA CYS D 42 -24.09 22.64 -27.41
C CYS D 42 -25.18 21.60 -27.69
N TYR D 43 -25.62 20.87 -26.68
CA TYR D 43 -26.65 19.83 -26.86
C TYR D 43 -27.93 20.43 -27.46
N TYR D 44 -28.40 21.53 -26.94
CA TYR D 44 -29.69 22.12 -27.35
C TYR D 44 -29.52 22.81 -28.70
N ILE D 45 -28.34 23.36 -28.97
CA ILE D 45 -28.05 23.93 -30.31
C ILE D 45 -28.17 22.78 -31.32
N ILE D 46 -27.55 21.65 -31.04
CA ILE D 46 -27.61 20.48 -31.95
C ILE D 46 -29.05 20.03 -32.11
N ARG D 47 -29.82 19.97 -31.04
CA ARG D 47 -31.24 19.55 -31.11
C ARG D 47 -31.99 20.52 -32.00
N PHE D 48 -31.82 21.82 -31.80
CA PHE D 48 -32.53 22.85 -32.58
C PHE D 48 -32.10 22.77 -34.05
N ILE D 49 -30.83 22.57 -34.33
CA ILE D 49 -30.35 22.42 -35.74
C ILE D 49 -31.07 21.22 -36.36
N TYR D 50 -31.05 20.08 -35.67
CA TYR D 50 -31.67 18.84 -36.18
C TYR D 50 -33.18 19.04 -36.39
N ARG D 51 -33.86 19.75 -35.50
CA ARG D 51 -35.35 19.77 -35.52
C ARG D 51 -35.85 20.89 -36.42
N LEU D 52 -35.13 21.99 -36.57
CA LEU D 52 -35.65 23.19 -37.29
C LEU D 52 -34.70 23.66 -38.39
N ALA D 53 -33.69 22.90 -38.79
CA ALA D 53 -32.75 23.35 -39.85
C ALA D 53 -32.59 22.28 -40.93
N LEU D 54 -32.52 21.01 -40.54
CA LEU D 54 -32.24 19.92 -41.52
C LEU D 54 -33.52 19.60 -42.29
N THR D 55 -33.36 19.24 -43.57
CA THR D 55 -34.45 18.69 -44.39
C THR D 55 -34.69 17.22 -44.02
N GLU D 56 -35.69 16.62 -44.65
CA GLU D 56 -36.16 15.25 -44.30
C GLU D 56 -35.02 14.25 -44.48
N GLU D 57 -34.35 14.26 -45.64
CA GLU D 57 -33.23 13.31 -45.91
C GLU D 57 -32.07 13.64 -44.97
N GLN D 58 -31.85 14.93 -44.70
CA GLN D 58 -30.81 15.34 -43.72
C GLN D 58 -31.19 14.82 -42.33
N GLN D 59 -32.46 14.89 -41.96
CA GLN D 59 -32.92 14.34 -40.66
C GLN D 59 -32.68 12.82 -40.62
N LEU D 60 -32.93 12.09 -41.71
CA LEU D 60 -32.68 10.62 -41.76
C LEU D 60 -31.19 10.35 -41.55
N MET D 61 -30.33 11.14 -42.20
CA MET D 61 -28.87 10.93 -42.09
C MET D 61 -28.43 11.21 -40.66
N PHE D 62 -28.96 12.28 -40.07
CA PHE D 62 -28.64 12.68 -38.68
C PHE D 62 -29.07 11.55 -37.74
N GLU D 63 -30.23 10.95 -38.00
CA GLU D 63 -30.76 9.90 -37.12
C GLU D 63 -29.88 8.65 -37.22
N LYS D 64 -29.41 8.33 -38.41
CA LYS D 64 -28.48 7.20 -38.62
C LYS D 64 -27.23 7.48 -37.77
N LEU D 65 -26.70 8.70 -37.88
CA LEU D 65 -25.44 9.06 -37.16
C LEU D 65 -25.69 9.01 -35.64
N THR D 66 -26.83 9.46 -35.17
CA THR D 66 -27.21 9.37 -33.74
C THR D 66 -27.25 7.92 -33.23
N LEU D 67 -27.89 7.03 -33.96
CA LEU D 67 -27.97 5.60 -33.57
C LEU D 67 -26.57 4.95 -33.62
N TYR D 68 -25.73 5.36 -34.57
CA TYR D 68 -24.35 4.83 -34.72
C TYR D 68 -23.55 5.26 -33.49
N CYS D 69 -23.61 6.56 -33.17
CA CYS D 69 -22.83 7.13 -32.05
C CYS D 69 -23.29 6.50 -30.75
N ASP D 70 -24.59 6.41 -30.54
CA ASP D 70 -25.08 5.84 -29.25
C ASP D 70 -24.64 4.38 -29.16
N SER D 71 -24.65 3.64 -30.28
CA SER D 71 -24.17 2.23 -30.30
C SER D 71 -22.70 2.12 -29.91
N TYR D 72 -21.81 2.99 -30.42
CA TYR D 72 -20.35 2.89 -30.21
C TYR D 72 -19.87 3.87 -29.13
N ILE D 73 -20.74 4.26 -28.21
CA ILE D 73 -20.33 5.05 -27.01
C ILE D 73 -19.44 4.16 -26.12
N GLN D 74 -19.68 2.86 -26.04
CA GLN D 74 -19.07 1.97 -25.03
C GLN D 74 -17.64 1.60 -25.44
N LEU D 75 -17.20 1.91 -26.66
CA LEU D 75 -15.79 1.64 -27.08
C LEU D 75 -14.84 2.47 -26.23
N ILE D 76 -15.31 3.57 -25.64
CA ILE D 76 -14.44 4.50 -24.89
C ILE D 76 -14.28 3.93 -23.48
N PRO D 77 -13.05 3.52 -23.10
CA PRO D 77 -12.80 2.95 -21.79
C PRO D 77 -12.77 4.01 -20.67
N ILE D 78 -13.84 4.80 -20.57
CA ILE D 78 -13.83 6.01 -19.71
C ILE D 78 -13.67 5.58 -18.25
N SER D 79 -14.43 4.60 -17.79
CA SER D 79 -14.27 4.00 -16.42
C SER D 79 -12.83 3.49 -16.22
N PHE D 80 -12.31 2.73 -17.14
CA PHE D 80 -10.93 2.17 -17.07
C PHE D 80 -9.90 3.28 -16.83
N VAL D 81 -9.76 4.14 -17.80
CA VAL D 81 -8.79 5.28 -17.80
C VAL D 81 -9.02 6.16 -16.56
N LEU D 82 -10.26 6.55 -16.31
CA LEU D 82 -10.55 7.60 -15.30
C LEU D 82 -10.34 7.01 -13.90
N GLY D 83 -10.61 5.74 -13.72
CA GLY D 83 -10.39 5.08 -12.43
C GLY D 83 -8.94 5.00 -12.09
N PHE D 84 -8.14 4.63 -13.07
CA PHE D 84 -6.67 4.55 -12.90
C PHE D 84 -6.19 5.95 -12.52
N TYR D 85 -6.54 6.95 -13.31
CA TYR D 85 -6.05 8.33 -13.11
C TYR D 85 -6.39 8.83 -11.71
N VAL D 86 -7.62 8.59 -11.29
CA VAL D 86 -8.14 9.17 -10.04
C VAL D 86 -7.46 8.50 -8.83
N THR D 87 -7.22 7.21 -8.92
CA THR D 87 -6.53 6.51 -7.83
C THR D 87 -5.09 7.05 -7.68
N LEU D 88 -4.43 7.30 -8.79
CA LEU D 88 -3.08 7.90 -8.83
C LEU D 88 -3.11 9.28 -8.16
N VAL D 89 -4.08 10.09 -8.54
CA VAL D 89 -4.17 11.48 -8.02
C VAL D 89 -4.45 11.47 -6.53
N VAL D 90 -5.32 10.62 -6.07
CA VAL D 90 -5.73 10.62 -4.63
C VAL D 90 -4.60 10.11 -3.76
N THR D 91 -3.89 9.11 -4.25
CA THR D 91 -2.71 8.59 -3.52
C THR D 91 -1.69 9.71 -3.37
N ARG D 92 -1.42 10.39 -4.47
CA ARG D 92 -0.37 11.44 -4.49
C ARG D 92 -0.84 12.57 -3.58
N TRP D 93 -2.13 12.85 -3.54
CA TRP D 93 -2.70 13.99 -2.78
C TRP D 93 -2.45 13.75 -1.31
N TRP D 94 -2.80 12.58 -0.83
CA TRP D 94 -2.59 12.29 0.59
C TRP D 94 -1.10 12.17 0.92
N ASN D 95 -0.29 11.60 0.03
CA ASN D 95 1.18 11.56 0.23
C ASN D 95 1.74 12.98 0.32
N GLN D 96 1.22 13.89 -0.46
CA GLN D 96 1.65 15.30 -0.42
C GLN D 96 1.30 15.88 0.94
N TYR D 97 0.13 15.58 1.47
CA TYR D 97 -0.24 16.13 2.80
C TYR D 97 0.66 15.54 3.91
N GLU D 98 0.95 14.24 3.86
CA GLU D 98 1.79 13.60 4.88
C GLU D 98 3.22 14.20 4.90
N ASN D 99 3.65 14.86 3.86
CA ASN D 99 5.02 15.39 3.72
C ASN D 99 5.01 16.90 3.92
N LEU D 100 3.92 17.49 4.39
CA LEU D 100 3.97 18.87 4.92
C LEU D 100 4.75 18.83 6.22
N PRO D 101 5.82 19.62 6.34
CA PRO D 101 6.64 19.57 7.55
C PRO D 101 6.04 20.38 8.69
N TRP D 102 5.89 19.74 9.84
CA TRP D 102 5.46 20.40 11.10
C TRP D 102 6.66 20.47 12.02
N PRO D 103 7.06 21.66 12.48
CA PRO D 103 8.21 21.77 13.39
C PRO D 103 8.02 21.37 14.86
N ASP D 104 6.88 20.75 15.20
CA ASP D 104 6.49 20.52 16.61
C ASP D 104 7.50 19.60 17.30
N ARG D 105 7.84 18.48 16.67
CA ARG D 105 8.87 17.58 17.22
C ARG D 105 10.19 18.33 17.42
N LEU D 106 10.58 19.16 16.47
CA LEU D 106 11.86 19.89 16.57
C LEU D 106 11.74 21.00 17.61
N MET D 107 10.62 21.73 17.63
CA MET D 107 10.52 22.93 18.52
C MET D 107 10.56 22.50 19.99
N SER D 108 9.94 21.36 20.34
CA SER D 108 10.05 20.77 21.69
C SER D 108 11.53 20.46 22.04
N LEU D 109 12.31 19.88 21.11
CA LEU D 109 13.76 19.59 21.39
C LEU D 109 14.57 20.87 21.49
N VAL D 110 14.27 21.88 20.67
CA VAL D 110 15.04 23.13 20.69
C VAL D 110 14.70 23.91 21.98
N SER D 111 13.46 23.83 22.44
CA SER D 111 13.03 24.47 23.70
C SER D 111 13.71 23.78 24.89
N GLY D 112 13.81 22.45 24.87
CA GLY D 112 14.39 21.68 25.99
C GLY D 112 15.93 21.70 26.02
N PHE D 113 16.59 21.39 24.91
CA PHE D 113 18.04 21.09 24.92
C PHE D 113 18.88 22.37 24.93
N VAL D 114 18.48 23.39 24.18
CA VAL D 114 19.34 24.60 23.98
C VAL D 114 19.23 25.52 25.21
N GLU D 115 20.24 25.53 26.06
CA GLU D 115 20.18 26.13 27.41
C GLU D 115 20.38 27.64 27.36
N GLY D 116 19.89 28.35 28.38
CA GLY D 116 20.13 29.80 28.56
C GLY D 116 18.86 30.62 28.54
N LYS D 117 18.53 31.28 29.65
CA LYS D 117 17.38 32.22 29.72
C LYS D 117 17.83 33.65 29.42
N ASP D 118 19.09 33.84 29.06
CA ASP D 118 19.62 35.17 28.70
C ASP D 118 19.28 35.50 27.24
N GLU D 119 19.73 36.66 26.77
CA GLU D 119 19.50 37.16 25.40
C GLU D 119 20.06 36.16 24.39
N GLN D 120 21.28 35.65 24.59
CA GLN D 120 21.98 34.81 23.60
C GLN D 120 21.28 33.45 23.45
N GLY D 121 20.84 32.86 24.55
CA GLY D 121 20.04 31.64 24.51
C GLY D 121 18.74 31.82 23.72
N ARG D 122 18.04 32.90 24.00
CA ARG D 122 16.79 33.25 23.29
C ARG D 122 17.09 33.35 21.80
N LEU D 123 18.15 34.08 21.46
CA LEU D 123 18.44 34.38 20.05
C LEU D 123 18.78 33.08 19.32
N LEU D 124 19.58 32.23 19.96
CA LEU D 124 20.03 30.95 19.40
C LEU D 124 18.82 30.03 19.15
N ARG D 125 17.93 29.94 20.14
CA ARG D 125 16.75 29.03 20.02
C ARG D 125 15.83 29.55 18.91
N ARG D 126 15.62 30.86 18.85
CA ARG D 126 14.69 31.45 17.86
C ARG D 126 15.29 31.25 16.47
N THR D 127 16.61 31.38 16.34
CA THR D 127 17.22 31.30 15.00
C THR D 127 17.21 29.83 14.54
N LEU D 128 17.39 28.88 15.47
CA LEU D 128 17.35 27.45 15.06
C LEU D 128 15.96 27.09 14.51
N ILE D 129 14.91 27.43 15.23
CA ILE D 129 13.55 27.11 14.74
C ILE D 129 13.26 27.95 13.50
N ARG D 130 13.79 29.16 13.43
CA ARG D 130 13.58 29.98 12.23
C ARG D 130 14.21 29.26 11.03
N TYR D 131 15.37 28.63 11.19
CA TYR D 131 16.00 27.94 10.05
C TYR D 131 15.04 26.83 9.60
N ALA D 132 14.42 26.12 10.53
CA ALA D 132 13.48 25.03 10.19
C ALA D 132 12.28 25.60 9.40
N ASN D 133 11.66 26.63 9.91
CA ASN D 133 10.52 27.33 9.28
C ASN D 133 10.92 27.99 7.95
N LEU D 134 12.15 28.48 7.84
CA LEU D 134 12.65 29.13 6.59
C LEU D 134 12.82 28.04 5.52
N GLY D 135 13.39 26.91 5.89
CA GLY D 135 13.51 25.80 4.94
C GLY D 135 12.12 25.40 4.42
N ASN D 136 11.17 25.26 5.32
CA ASN D 136 9.81 24.88 4.92
C ASN D 136 9.21 25.95 3.99
N VAL D 137 9.35 27.22 4.31
CA VAL D 137 8.69 28.28 3.50
C VAL D 137 9.42 28.42 2.14
N LEU D 138 10.71 28.19 2.09
CA LEU D 138 11.42 28.22 0.78
C LEU D 138 10.92 27.06 -0.12
N ILE D 139 10.67 25.89 0.43
CA ILE D 139 10.19 24.78 -0.41
C ILE D 139 8.72 25.05 -0.75
N LEU D 140 7.97 25.63 0.17
CA LEU D 140 6.51 25.79 -0.05
C LEU D 140 6.28 26.86 -1.11
N ARG D 141 7.06 27.94 -1.10
CA ARG D 141 6.87 28.97 -2.13
C ARG D 141 7.22 28.43 -3.50
N SER D 142 8.10 27.46 -3.59
CA SER D 142 8.37 26.72 -4.85
C SER D 142 7.15 25.87 -5.25
N VAL D 143 6.60 25.12 -4.33
CA VAL D 143 5.62 24.08 -4.68
C VAL D 143 4.20 24.63 -4.56
N SER D 144 4.04 25.81 -3.96
CA SER D 144 2.68 26.38 -3.71
C SER D 144 2.50 27.76 -4.37
N THR D 145 1.52 27.89 -5.27
CA THR D 145 1.18 29.15 -5.94
C THR D 145 0.60 30.17 -4.95
N ALA D 146 -0.15 29.70 -3.95
CA ALA D 146 -0.66 30.55 -2.86
C ALA D 146 0.49 31.22 -2.07
N VAL D 147 1.48 30.42 -1.65
CA VAL D 147 2.63 30.95 -0.86
C VAL D 147 3.48 31.87 -1.73
N TYR D 148 3.66 31.48 -3.00
CA TYR D 148 4.48 32.31 -3.90
C TYR D 148 3.79 33.66 -4.11
N LYS D 149 2.47 33.67 -4.25
CA LYS D 149 1.76 34.94 -4.41
C LYS D 149 1.91 35.77 -3.14
N ARG D 150 1.93 35.11 -1.97
CA ARG D 150 2.15 35.83 -0.70
C ARG D 150 3.59 36.32 -0.61
N PHE D 151 4.54 35.55 -1.13
CA PHE D 151 5.99 35.87 -1.03
C PHE D 151 6.60 35.82 -2.42
N PRO D 152 6.34 36.82 -3.28
CA PRO D 152 6.89 36.81 -4.63
C PRO D 152 8.44 36.80 -4.69
N SER D 153 9.13 37.43 -3.74
CA SER D 153 10.61 37.44 -3.67
C SER D 153 11.10 37.11 -2.25
N ALA D 154 12.40 36.92 -2.08
CA ALA D 154 13.02 36.63 -0.76
C ALA D 154 12.85 37.83 0.19
N GLN D 155 12.82 39.04 -0.37
CA GLN D 155 12.65 40.26 0.45
C GLN D 155 11.28 40.23 1.13
N HIS D 156 10.29 39.63 0.49
CA HIS D 156 8.94 39.45 1.10
C HIS D 156 9.08 38.55 2.32
N LEU D 157 9.92 37.53 2.25
CA LEU D 157 10.21 36.64 3.41
C LEU D 157 10.92 37.45 4.48
N VAL D 158 11.78 38.38 4.07
CA VAL D 158 12.51 39.22 5.04
C VAL D 158 11.51 40.09 5.81
N GLN D 159 10.57 40.72 5.12
CA GLN D 159 9.59 41.61 5.80
C GLN D 159 8.56 40.80 6.59
N ALA D 160 8.46 39.49 6.37
CA ALA D 160 7.49 38.63 7.09
C ALA D 160 8.12 37.89 8.28
N GLY D 161 9.41 38.10 8.56
CA GLY D 161 10.05 37.53 9.76
C GLY D 161 10.68 36.15 9.52
N PHE D 162 10.59 35.58 8.32
CA PHE D 162 11.19 34.24 8.08
C PHE D 162 12.69 34.36 7.87
N MET D 163 13.12 35.49 7.35
CA MET D 163 14.50 35.70 6.90
C MET D 163 14.99 37.03 7.45
N THR D 164 16.20 37.06 7.96
CA THR D 164 16.88 38.34 8.35
C THR D 164 17.60 38.89 7.13
N PRO D 165 17.88 40.19 7.09
CA PRO D 165 18.70 40.76 6.03
C PRO D 165 20.06 40.05 5.85
N ALA D 166 20.71 39.67 6.94
CA ALA D 166 22.00 38.94 6.89
C ALA D 166 21.75 37.62 6.18
N GLU D 167 20.69 36.92 6.56
CA GLU D 167 20.34 35.62 5.96
C GLU D 167 20.07 35.85 4.47
N HIS D 168 19.35 36.91 4.15
CA HIS D 168 19.02 37.23 2.74
C HIS D 168 20.31 37.44 1.91
N LYS D 169 21.23 38.24 2.41
CA LYS D 169 22.45 38.54 1.61
C LYS D 169 23.33 37.29 1.53
N GLN D 170 23.37 36.50 2.59
CA GLN D 170 24.15 35.24 2.58
C GLN D 170 23.56 34.30 1.53
N LEU D 171 22.23 34.19 1.42
CA LEU D 171 21.61 33.36 0.34
C LEU D 171 21.92 33.94 -1.05
N GLU D 172 21.89 35.26 -1.20
CA GLU D 172 22.21 35.87 -2.52
C GLU D 172 23.66 35.52 -2.90
N LYS D 173 24.57 35.51 -1.92
CA LYS D 173 25.99 35.18 -2.20
C LYS D 173 26.12 33.72 -2.64
N LEU D 174 25.33 32.80 -2.07
CA LEU D 174 25.41 31.35 -2.38
C LEU D 174 24.58 30.99 -3.61
N SER D 175 24.08 31.95 -4.40
CA SER D 175 23.10 31.69 -5.48
C SER D 175 23.63 30.60 -6.42
N LEU D 176 22.79 29.60 -6.70
CA LEU D 176 23.08 28.52 -7.69
C LEU D 176 21.90 28.47 -8.65
N PRO D 177 22.07 27.87 -9.85
CA PRO D 177 20.95 27.79 -10.79
C PRO D 177 19.75 27.04 -10.21
N HIS D 178 20.00 26.05 -9.37
CA HIS D 178 18.90 25.22 -8.80
C HIS D 178 18.29 25.90 -7.59
N ASN D 179 17.30 25.23 -6.99
CA ASN D 179 16.51 25.78 -5.86
C ASN D 179 17.34 25.62 -4.59
N MET D 180 17.28 26.61 -3.73
CA MET D 180 18.24 26.78 -2.61
C MET D 180 17.46 26.58 -1.30
N PHE D 181 16.35 25.85 -1.33
CA PHE D 181 15.61 25.48 -0.10
C PHE D 181 16.47 24.68 0.86
N TRP D 182 17.49 23.97 0.39
CA TRP D 182 18.34 23.10 1.21
C TRP D 182 19.23 23.94 2.16
N VAL D 183 19.47 25.22 1.90
CA VAL D 183 20.53 25.99 2.65
C VAL D 183 20.22 26.05 4.14
N PRO D 184 19.00 26.37 4.61
CA PRO D 184 18.78 26.47 6.06
C PRO D 184 19.15 25.17 6.82
N TRP D 185 19.07 23.99 6.19
CA TRP D 185 19.48 22.75 6.87
C TRP D 185 20.99 22.76 7.16
N VAL D 186 21.79 23.22 6.22
CA VAL D 186 23.26 23.34 6.46
C VAL D 186 23.52 24.42 7.50
N TRP D 187 22.77 25.51 7.44
CA TRP D 187 22.84 26.54 8.51
C TRP D 187 22.50 25.94 9.87
N PHE D 188 21.40 25.18 9.96
CA PHE D 188 20.93 24.56 11.23
C PHE D 188 22.01 23.63 11.77
N ALA D 189 22.62 22.80 10.91
CA ALA D 189 23.65 21.85 11.37
C ALA D 189 24.88 22.63 11.91
N ASN D 190 25.34 23.64 11.20
CA ASN D 190 26.54 24.41 11.63
C ASN D 190 26.23 25.23 12.89
N LEU D 191 25.02 25.77 12.99
CA LEU D 191 24.67 26.55 14.20
C LEU D 191 24.53 25.62 15.41
N SER D 192 23.93 24.47 15.24
CA SER D 192 23.71 23.52 16.33
C SER D 192 25.07 22.96 16.79
N MET D 193 25.99 22.73 15.86
CA MET D 193 27.34 22.29 16.21
C MET D 193 28.03 23.41 17.00
N LYS D 194 27.88 24.65 16.57
CA LYS D 194 28.52 25.80 17.26
C LYS D 194 27.96 25.87 18.68
N ALA D 195 26.64 25.68 18.80
CA ALA D 195 25.92 25.77 20.09
C ALA D 195 26.47 24.72 21.05
N TRP D 196 26.62 23.48 20.56
CA TRP D 196 27.18 22.36 21.32
C TRP D 196 28.61 22.69 21.75
N LEU D 197 29.43 23.17 20.84
CA LEU D 197 30.84 23.49 21.17
C LEU D 197 30.89 24.65 22.18
N GLY D 198 29.93 25.56 22.11
CA GLY D 198 29.86 26.72 23.00
C GLY D 198 29.22 26.42 24.34
N GLY D 199 28.80 25.18 24.55
CA GLY D 199 28.20 24.74 25.82
C GLY D 199 26.71 25.02 25.97
N ARG D 200 26.04 25.62 24.98
CA ARG D 200 24.57 25.83 25.06
C ARG D 200 23.86 24.48 24.92
N ILE D 201 24.42 23.51 24.21
CA ILE D 201 23.90 22.12 24.22
C ILE D 201 24.86 21.30 25.07
N ARG D 202 24.35 20.62 26.08
CA ARG D 202 25.23 20.03 27.13
C ARG D 202 25.85 18.72 26.64
N ASP D 203 25.16 17.93 25.83
CA ASP D 203 25.66 16.60 25.43
C ASP D 203 25.41 16.38 23.94
N PRO D 204 26.34 15.76 23.22
CA PRO D 204 26.16 15.53 21.78
C PRO D 204 25.04 14.54 21.41
N ILE D 205 24.55 13.78 22.36
CA ILE D 205 23.34 12.93 22.16
C ILE D 205 22.14 13.86 21.86
N LEU D 206 22.02 14.99 22.58
CA LEU D 206 20.91 15.95 22.33
C LEU D 206 21.14 16.58 20.97
N LEU D 207 22.42 16.81 20.65
CA LEU D 207 22.77 17.40 19.32
C LEU D 207 22.36 16.41 18.22
N GLN D 208 22.65 15.11 18.42
CA GLN D 208 22.19 14.07 17.48
C GLN D 208 20.68 14.14 17.32
N SER D 209 19.96 14.25 18.44
CA SER D 209 18.47 14.27 18.46
C SER D 209 17.92 15.48 17.67
N LEU D 210 18.54 16.66 17.82
CA LEU D 210 18.16 17.88 17.06
C LEU D 210 18.35 17.65 15.56
N LEU D 211 19.49 17.08 15.18
CA LEU D 211 19.83 16.93 13.76
C LEU D 211 18.92 15.89 13.11
N ASN D 212 18.55 14.85 13.85
CA ASN D 212 17.62 13.83 13.31
C ASN D 212 16.25 14.47 13.00
N GLU D 213 15.73 15.29 13.91
CA GLU D 213 14.41 15.95 13.71
C GLU D 213 14.49 16.90 12.53
N MET D 214 15.56 17.68 12.49
CA MET D 214 15.71 18.63 11.37
C MET D 214 15.79 17.85 10.04
N ASN D 215 16.51 16.74 10.01
CA ASN D 215 16.71 15.95 8.78
C ASN D 215 15.39 15.28 8.37
N THR D 216 14.57 14.91 9.34
CA THR D 216 13.22 14.43 9.01
C THR D 216 12.48 15.50 8.20
N LEU D 217 12.49 16.75 8.68
CA LEU D 217 11.83 17.86 7.96
C LEU D 217 12.45 17.98 6.56
N ARG D 218 13.77 17.81 6.44
CA ARG D 218 14.40 17.86 5.10
C ARG D 218 13.74 16.82 4.18
N THR D 219 13.74 15.56 4.62
CA THR D 219 13.15 14.45 3.85
C THR D 219 11.69 14.75 3.45
N GLN D 220 10.88 15.33 4.33
CA GLN D 220 9.50 15.78 3.98
C GLN D 220 9.51 16.86 2.91
N CYS D 221 10.38 17.84 3.06
CA CYS D 221 10.48 18.94 2.08
C CYS D 221 10.90 18.35 0.76
N GLY D 222 11.79 17.35 0.78
CA GLY D 222 12.27 16.73 -0.45
C GLY D 222 11.16 16.03 -1.16
N HIS D 223 10.32 15.35 -0.40
CA HIS D 223 9.14 14.67 -0.99
C HIS D 223 8.28 15.76 -1.66
N LEU D 224 8.07 16.90 -0.99
CA LEU D 224 7.23 17.95 -1.60
C LEU D 224 7.86 18.40 -2.92
N TYR D 225 9.15 18.65 -2.92
CA TYR D 225 9.93 19.02 -4.13
C TYR D 225 9.69 17.96 -5.23
N ALA D 226 9.80 16.69 -4.89
CA ALA D 226 9.62 15.57 -5.81
C ALA D 226 8.22 15.61 -6.40
N TYR D 227 7.18 15.74 -5.59
CA TYR D 227 5.79 15.71 -6.13
C TYR D 227 5.55 16.93 -7.02
N ASP D 228 6.16 18.07 -6.71
CA ASP D 228 6.02 19.26 -7.57
C ASP D 228 6.74 19.05 -8.89
N TRP D 229 7.91 18.43 -8.88
CA TRP D 229 8.79 18.34 -10.07
C TRP D 229 8.28 17.22 -10.96
N ILE D 230 8.16 16.01 -10.43
CA ILE D 230 7.71 14.82 -11.18
C ILE D 230 6.21 14.78 -11.13
N SER D 231 5.60 15.45 -12.09
CA SER D 231 4.14 15.49 -12.32
C SER D 231 3.65 14.07 -12.59
N ILE D 232 2.35 13.83 -12.44
CA ILE D 232 1.76 12.63 -13.06
C ILE D 232 2.13 12.72 -14.54
N PRO D 233 2.61 11.63 -15.16
CA PRO D 233 3.05 11.69 -16.55
C PRO D 233 1.99 12.36 -17.44
N LEU D 234 2.44 13.33 -18.24
CA LEU D 234 1.54 14.18 -19.07
C LEU D 234 0.73 13.29 -20.01
N VAL D 235 1.27 12.16 -20.44
CA VAL D 235 0.53 11.16 -21.26
C VAL D 235 -0.79 10.79 -20.56
N TYR D 236 -0.76 10.52 -19.25
CA TYR D 236 -1.99 10.07 -18.55
C TYR D 236 -3.01 11.20 -18.49
N THR D 237 -2.57 12.38 -18.19
CA THR D 237 -3.50 13.54 -18.10
C THR D 237 -4.13 13.78 -19.48
N GLN D 238 -3.31 13.80 -20.52
CA GLN D 238 -3.81 13.93 -21.91
C GLN D 238 -4.82 12.82 -22.24
N VAL D 239 -4.52 11.58 -21.89
CA VAL D 239 -5.39 10.44 -22.26
C VAL D 239 -6.73 10.55 -21.53
N VAL D 240 -6.72 10.88 -20.25
CA VAL D 240 -7.97 10.89 -19.46
C VAL D 240 -8.79 12.10 -19.94
N THR D 241 -8.13 13.18 -20.31
CA THR D 241 -8.79 14.38 -20.83
C THR D 241 -9.50 14.04 -22.13
N VAL D 242 -8.79 13.32 -23.01
CA VAL D 242 -9.33 12.91 -24.32
C VAL D 242 -10.51 11.96 -24.08
N ALA D 243 -10.39 11.05 -23.14
CA ALA D 243 -11.44 10.05 -22.89
C ALA D 243 -12.73 10.80 -22.49
N VAL D 244 -12.65 11.70 -21.54
CA VAL D 244 -13.85 12.40 -21.02
C VAL D 244 -14.46 13.28 -22.12
N TYR D 245 -13.63 14.07 -22.79
CA TYR D 245 -14.11 14.97 -23.86
C TYR D 245 -14.70 14.17 -25.03
N SER D 246 -14.12 13.05 -25.41
CA SER D 246 -14.61 12.23 -26.56
C SER D 246 -15.94 11.65 -26.17
N PHE D 247 -16.03 11.13 -24.97
CA PHE D 247 -17.32 10.59 -24.47
C PHE D 247 -18.46 11.63 -24.58
N PHE D 248 -18.23 12.87 -24.19
CA PHE D 248 -19.34 13.84 -24.11
C PHE D 248 -19.52 14.52 -25.46
N LEU D 249 -18.46 14.59 -26.25
CA LEU D 249 -18.61 15.12 -27.64
C LEU D 249 -19.46 14.14 -28.44
N THR D 250 -19.27 12.84 -28.26
CA THR D 250 -20.11 11.84 -28.96
C THR D 250 -21.49 11.79 -28.36
N CYS D 251 -21.63 12.10 -27.07
CA CYS D 251 -22.96 12.21 -26.43
C CYS D 251 -23.72 13.41 -27.03
N LEU D 252 -23.05 14.42 -27.50
CA LEU D 252 -23.72 15.63 -28.04
C LEU D 252 -24.64 15.22 -29.20
N VAL D 253 -24.31 14.15 -29.92
CA VAL D 253 -25.13 13.65 -31.06
C VAL D 253 -25.84 12.35 -30.73
N GLY D 254 -25.15 11.40 -30.09
CA GLY D 254 -25.70 10.08 -29.76
C GLY D 254 -26.84 10.16 -28.78
N ARG D 255 -26.91 11.21 -27.96
CA ARG D 255 -27.87 11.28 -26.85
C ARG D 255 -28.95 12.26 -27.21
N GLN D 256 -29.04 12.68 -28.47
CA GLN D 256 -30.21 13.49 -28.92
C GLN D 256 -31.48 12.61 -28.87
N PHE D 257 -32.62 13.23 -28.67
CA PHE D 257 -33.93 12.52 -28.71
C PHE D 257 -34.37 12.61 -30.15
N LEU D 258 -34.24 11.47 -30.86
CA LEU D 258 -34.68 11.37 -32.26
C LEU D 258 -36.20 11.53 -32.34
N ASN D 259 -36.71 11.74 -33.55
CA ASN D 259 -38.15 11.88 -33.82
C ASN D 259 -38.86 10.64 -33.28
N PRO D 260 -39.80 10.78 -32.32
CA PRO D 260 -40.50 9.62 -31.80
C PRO D 260 -41.53 9.05 -32.78
N ALA D 261 -41.90 9.82 -33.82
CA ALA D 261 -42.80 9.35 -34.89
C ALA D 261 -42.21 8.12 -35.59
N LYS D 262 -40.90 8.10 -35.81
CA LYS D 262 -40.23 7.01 -36.56
C LYS D 262 -40.08 5.77 -35.70
N ALA D 263 -40.34 5.85 -34.39
CA ALA D 263 -40.41 4.68 -33.49
C ALA D 263 -39.11 3.88 -33.56
N TYR D 264 -37.97 4.55 -33.42
CA TYR D 264 -36.67 3.86 -33.30
C TYR D 264 -36.63 3.14 -31.97
N PRO D 265 -35.97 1.96 -31.90
CA PRO D 265 -35.79 1.27 -30.62
C PRO D 265 -35.00 2.16 -29.64
N GLY D 266 -35.59 2.39 -28.47
CA GLY D 266 -35.00 3.21 -27.40
C GLY D 266 -35.30 4.70 -27.59
N HIS D 267 -35.95 5.09 -28.68
CA HIS D 267 -36.26 6.50 -28.96
C HIS D 267 -37.77 6.72 -29.04
N GLU D 268 -38.56 5.85 -28.41
CA GLU D 268 -40.04 5.91 -28.49
C GLU D 268 -40.50 7.18 -27.77
N LEU D 269 -39.90 7.46 -26.62
CA LEU D 269 -40.34 8.57 -25.74
C LEU D 269 -39.36 9.72 -25.85
N ASP D 270 -39.90 10.91 -26.12
CA ASP D 270 -39.09 12.15 -26.17
C ASP D 270 -39.26 12.93 -24.87
N LEU D 271 -38.19 13.05 -24.08
CA LEU D 271 -38.23 13.75 -22.77
C LEU D 271 -37.54 15.10 -22.84
N VAL D 272 -37.02 15.46 -24.02
CA VAL D 272 -36.32 16.77 -24.24
C VAL D 272 -35.05 16.83 -23.40
N VAL D 273 -35.16 16.59 -22.10
CA VAL D 273 -34.00 16.69 -21.17
C VAL D 273 -33.37 15.32 -21.00
N PRO D 274 -32.12 15.12 -21.48
CA PRO D 274 -31.40 13.86 -21.28
C PRO D 274 -30.81 13.74 -19.86
N VAL D 275 -31.69 13.35 -18.95
CA VAL D 275 -31.40 13.34 -17.50
C VAL D 275 -30.21 12.41 -17.26
N PHE D 276 -30.21 11.24 -17.88
CA PHE D 276 -29.17 10.21 -17.64
C PHE D 276 -27.84 10.68 -18.25
N THR D 277 -27.88 11.37 -19.36
CA THR D 277 -26.68 11.94 -19.98
C THR D 277 -26.11 13.04 -19.08
N PHE D 278 -26.97 13.87 -18.51
CA PHE D 278 -26.53 14.89 -17.53
C PHE D 278 -25.99 14.24 -16.25
N LEU D 279 -26.57 13.12 -15.82
CA LEU D 279 -26.07 12.41 -14.64
C LEU D 279 -24.70 11.83 -14.95
N GLN D 280 -24.53 11.28 -16.14
CA GLN D 280 -23.20 10.72 -16.54
C GLN D 280 -22.19 11.87 -16.61
N PHE D 281 -22.59 13.02 -17.12
CA PHE D 281 -21.69 14.19 -17.14
C PHE D 281 -21.29 14.50 -15.71
N PHE D 282 -22.26 14.60 -14.82
CA PHE D 282 -22.03 14.89 -13.38
C PHE D 282 -21.02 13.91 -12.75
N PHE D 283 -21.25 12.63 -12.88
CA PHE D 283 -20.31 11.58 -12.39
C PHE D 283 -18.96 11.70 -13.06
N TYR D 284 -18.86 11.63 -14.38
CA TYR D 284 -17.57 11.44 -15.09
C TYR D 284 -16.80 12.74 -15.12
N VAL D 285 -17.45 13.82 -15.47
CA VAL D 285 -16.73 15.11 -15.60
C VAL D 285 -16.43 15.59 -14.19
N GLY D 286 -17.34 15.41 -13.24
CA GLY D 286 -17.11 15.78 -11.85
C GLY D 286 -15.90 15.03 -11.32
N TRP D 287 -15.82 13.79 -11.64
CA TRP D 287 -14.69 12.90 -11.28
C TRP D 287 -13.34 13.38 -11.84
N LEU D 288 -13.33 13.76 -13.09
CA LEU D 288 -12.17 14.41 -13.72
C LEU D 288 -11.85 15.73 -13.02
N LYS D 289 -12.87 16.54 -12.72
CA LYS D 289 -12.67 17.92 -12.18
C LYS D 289 -12.14 17.79 -10.74
N VAL D 290 -12.54 16.74 -10.04
CA VAL D 290 -11.96 16.48 -8.70
C VAL D 290 -10.47 16.19 -8.88
N ALA D 291 -10.13 15.35 -9.84
CA ALA D 291 -8.72 15.07 -10.12
C ALA D 291 -8.01 16.39 -10.49
N GLU D 292 -8.62 17.27 -11.24
CA GLU D 292 -7.96 18.54 -11.63
C GLU D 292 -7.71 19.40 -10.40
N GLN D 293 -8.65 19.44 -9.49
CA GLN D 293 -8.50 20.13 -8.21
C GLN D 293 -7.36 19.52 -7.36
N LEU D 294 -7.25 18.22 -7.26
CA LEU D 294 -6.35 17.55 -6.29
C LEU D 294 -4.96 17.37 -6.88
N ILE D 295 -4.80 17.51 -8.19
CA ILE D 295 -3.53 17.10 -8.85
C ILE D 295 -2.37 17.98 -8.31
N ASN D 296 -2.67 19.22 -8.01
CA ASN D 296 -1.79 20.17 -7.31
C ASN D 296 -2.54 20.69 -6.10
N PRO D 297 -2.37 20.08 -4.91
CA PRO D 297 -3.13 20.51 -3.76
C PRO D 297 -2.61 21.81 -3.09
N PHE D 298 -1.63 22.47 -3.69
CA PHE D 298 -0.99 23.66 -3.09
C PHE D 298 -1.36 24.91 -3.88
N GLY D 299 -2.44 24.84 -4.67
CA GLY D 299 -3.01 25.97 -5.40
C GLY D 299 -3.90 26.82 -4.52
N GLU D 300 -4.87 27.49 -5.13
CA GLU D 300 -5.81 28.39 -4.43
C GLU D 300 -7.24 27.87 -4.55
N ASP D 301 -7.38 26.56 -4.73
CA ASP D 301 -8.71 25.91 -4.81
C ASP D 301 -9.32 25.84 -3.40
N ASP D 302 -10.65 25.83 -3.32
CA ASP D 302 -11.40 25.76 -2.03
C ASP D 302 -10.84 24.57 -1.22
N ASP D 303 -10.63 23.43 -1.85
CA ASP D 303 -10.31 22.17 -1.15
C ASP D 303 -8.81 21.90 -1.19
N ASP D 304 -8.04 22.83 -1.72
CA ASP D 304 -6.57 22.78 -1.61
C ASP D 304 -6.13 23.03 -0.15
N PHE D 305 -4.96 22.53 0.22
CA PHE D 305 -4.40 22.71 1.57
C PHE D 305 -4.24 24.18 1.90
N GLU D 306 -4.51 24.52 3.13
CA GLU D 306 -4.36 25.88 3.68
C GLU D 306 -2.89 26.08 4.02
N THR D 307 -2.05 26.13 3.00
CA THR D 307 -0.60 26.22 3.11
C THR D 307 -0.18 27.54 3.78
N ASN D 308 -0.76 28.68 3.43
CA ASN D 308 -0.42 29.96 4.10
C ASN D 308 -0.77 29.89 5.58
N TRP D 309 -1.93 29.31 5.89
CA TRP D 309 -2.35 29.18 7.30
C TRP D 309 -1.30 28.33 8.02
N ILE D 310 -0.90 27.22 7.38
CA ILE D 310 0.10 26.28 7.97
C ILE D 310 1.41 27.02 8.23
N VAL D 311 1.86 27.80 7.29
CA VAL D 311 3.15 28.54 7.39
C VAL D 311 3.08 29.51 8.57
N ASP D 312 2.02 30.31 8.65
CA ASP D 312 1.85 31.31 9.74
C ASP D 312 1.77 30.64 11.10
N ARG D 313 0.96 29.59 11.18
CA ARG D 313 0.77 28.85 12.45
C ARG D 313 2.10 28.28 12.90
N ASN D 314 2.82 27.68 11.94
CA ASN D 314 4.08 26.97 12.24
C ASN D 314 5.04 28.01 12.83
N LEU D 315 5.14 29.20 12.27
CA LEU D 315 6.18 30.17 12.70
C LEU D 315 5.78 30.70 14.08
N GLN D 316 4.51 31.03 14.25
CA GLN D 316 3.98 31.54 15.55
C GLN D 316 4.23 30.52 16.67
N VAL D 317 3.81 29.28 16.45
CA VAL D 317 3.90 28.19 17.46
C VAL D 317 5.38 27.86 17.75
N SER D 318 6.21 27.77 16.73
CA SER D 318 7.66 27.51 16.89
C SER D 318 8.30 28.60 17.78
N LEU D 319 8.04 29.85 17.47
CA LEU D 319 8.70 30.95 18.22
C LEU D 319 8.16 30.97 19.65
N LEU D 320 6.89 30.68 19.83
CA LEU D 320 6.33 30.67 21.21
C LEU D 320 7.02 29.56 22.01
N ALA D 321 6.95 28.34 21.47
CA ALA D 321 7.44 27.10 22.11
C ALA D 321 8.89 27.25 22.51
N VAL D 322 9.72 27.89 21.71
CA VAL D 322 11.17 27.89 22.03
C VAL D 322 11.58 29.14 22.81
N ASP D 323 10.85 30.24 22.70
CA ASP D 323 11.24 31.45 23.43
C ASP D 323 10.46 31.53 24.74
N GLU D 324 9.16 31.69 24.70
CA GLU D 324 8.36 31.99 25.93
C GLU D 324 8.15 30.72 26.77
N MET D 325 8.19 29.54 26.16
CA MET D 325 7.90 28.25 26.82
C MET D 325 9.20 27.55 27.27
N HIS D 326 10.37 28.10 26.96
CA HIS D 326 11.65 27.51 27.39
C HIS D 326 11.78 27.65 28.91
N GLN D 327 11.81 26.51 29.62
CA GLN D 327 11.99 26.45 31.10
C GLN D 327 10.90 27.23 31.83
N ASP D 328 9.83 27.58 31.15
CA ASP D 328 8.58 28.06 31.79
C ASP D 328 7.64 26.86 31.90
N LEU D 329 7.54 26.30 33.10
CA LEU D 329 6.69 25.11 33.35
C LEU D 329 5.61 25.46 34.36
N PRO D 330 4.43 24.84 34.24
CA PRO D 330 3.41 24.94 35.27
C PRO D 330 3.97 24.37 36.58
N ARG D 331 3.53 24.91 37.71
CA ARG D 331 3.93 24.41 39.03
C ARG D 331 3.49 22.96 39.10
N MET D 332 4.42 22.08 39.44
CA MET D 332 4.19 20.63 39.53
C MET D 332 3.47 20.34 40.85
N GLU D 333 2.20 20.02 40.79
CA GLU D 333 1.39 19.75 42.01
C GLU D 333 0.70 18.41 41.82
N PRO D 334 0.39 17.69 42.92
CA PRO D 334 -0.23 16.38 42.80
C PRO D 334 -1.58 16.46 42.09
N ASP D 335 -1.85 15.47 41.26
CA ASP D 335 -3.08 15.40 40.44
C ASP D 335 -4.23 14.97 41.36
N MET D 336 -5.42 14.86 40.76
CA MET D 336 -6.68 14.54 41.44
C MET D 336 -6.67 13.09 41.90
N TYR D 337 -6.03 12.21 41.14
CA TYR D 337 -5.90 10.76 41.43
C TYR D 337 -4.71 10.49 42.34
N TRP D 338 -4.04 11.51 42.86
CA TRP D 338 -2.73 11.35 43.54
C TRP D 338 -2.81 10.30 44.66
N ASN D 339 -3.75 10.45 45.60
CA ASN D 339 -3.93 9.47 46.69
C ASN D 339 -5.30 9.71 47.35
N THR E 2 12.12 14.87 -17.40
CA THR E 2 10.69 14.91 -17.05
C THR E 2 10.04 16.20 -17.58
N ILE E 3 8.78 16.11 -17.93
CA ILE E 3 7.95 17.30 -18.30
C ILE E 3 7.08 17.65 -17.11
N THR E 4 7.28 18.81 -16.55
CA THR E 4 6.57 19.28 -15.34
C THR E 4 5.52 20.30 -15.78
N TYR E 5 4.31 20.19 -15.25
CA TYR E 5 3.20 21.15 -15.54
C TYR E 5 2.41 21.43 -14.27
N THR E 6 2.99 21.15 -13.10
CA THR E 6 2.29 21.16 -11.80
C THR E 6 1.77 22.58 -11.53
N SER E 7 2.57 23.58 -11.85
CA SER E 7 2.20 24.99 -11.66
C SER E 7 0.97 25.29 -12.53
N GLN E 8 0.93 24.77 -13.74
CA GLN E 8 -0.14 25.08 -14.73
C GLN E 8 -1.46 24.57 -14.19
N VAL E 9 -1.47 23.47 -13.46
CA VAL E 9 -2.70 22.82 -12.94
C VAL E 9 -2.88 23.09 -11.43
N ALA E 10 -2.37 24.19 -10.92
CA ALA E 10 -2.50 24.52 -9.48
C ALA E 10 -3.99 24.69 -9.09
N ASN E 11 -4.82 25.18 -9.98
CA ASN E 11 -6.27 25.43 -9.66
C ASN E 11 -7.09 24.72 -10.72
N ALA E 12 -8.19 24.09 -10.33
CA ALA E 12 -9.25 23.63 -11.25
C ALA E 12 -9.84 24.84 -11.97
N ARG E 13 -9.89 24.80 -13.31
CA ARG E 13 -10.48 25.90 -14.12
C ARG E 13 -11.12 25.31 -15.37
N LEU E 14 -11.90 26.10 -16.10
CA LEU E 14 -12.58 25.63 -17.34
C LEU E 14 -11.56 25.02 -18.33
N GLY E 15 -11.87 23.84 -18.89
CA GLY E 15 -10.96 23.09 -19.78
C GLY E 15 -9.92 22.38 -18.95
N SER E 16 -9.16 23.14 -18.14
CA SER E 16 -8.09 22.56 -17.29
C SER E 16 -7.13 21.73 -18.14
N PHE E 17 -7.09 20.42 -17.95
CA PHE E 17 -6.16 19.54 -18.70
C PHE E 17 -6.32 19.74 -20.22
N SER E 18 -7.34 20.50 -20.63
CA SER E 18 -7.60 20.78 -22.05
C SER E 18 -6.51 21.68 -22.63
N ARG E 19 -5.87 22.51 -21.87
CA ARG E 19 -4.71 23.27 -22.34
C ARG E 19 -3.51 22.36 -22.47
N LEU E 20 -3.54 21.22 -21.79
CA LEU E 20 -2.38 20.28 -21.83
C LEU E 20 -2.40 19.44 -23.10
N LEU E 21 -3.56 19.36 -23.77
CA LEU E 21 -3.69 18.62 -25.04
C LEU E 21 -2.79 19.19 -26.10
N LEU E 22 -2.44 20.48 -25.97
CA LEU E 22 -1.58 21.17 -26.97
C LEU E 22 -0.14 21.16 -26.46
N CYS E 23 0.43 19.98 -26.26
CA CYS E 23 1.79 19.84 -25.74
C CYS E 23 2.28 18.70 -26.55
N TRP E 24 3.49 18.82 -27.03
CA TRP E 24 4.09 17.80 -27.89
C TRP E 24 5.14 17.04 -27.10
N ARG E 25 6.02 17.74 -26.43
CA ARG E 25 7.10 17.09 -25.67
C ARG E 25 6.45 16.31 -24.53
N GLY E 26 6.78 15.05 -24.42
CA GLY E 26 6.23 14.22 -23.34
C GLY E 26 4.78 13.86 -23.56
N SER E 27 4.27 13.95 -24.78
CA SER E 27 2.83 13.80 -25.07
C SER E 27 2.52 12.39 -25.57
N ILE E 28 1.24 12.07 -25.55
CA ILE E 28 0.72 10.79 -26.11
C ILE E 28 0.90 10.78 -27.63
N TYR E 29 0.76 11.91 -28.32
CA TYR E 29 0.93 12.02 -29.79
C TYR E 29 2.33 11.56 -30.20
N LYS E 30 3.35 12.04 -29.48
CA LYS E 30 4.76 11.69 -29.74
C LYS E 30 4.95 10.18 -29.53
N LEU E 31 4.30 9.60 -28.53
CA LEU E 31 4.46 8.16 -28.22
C LEU E 31 3.67 7.34 -29.22
N LEU E 32 2.59 7.86 -29.79
CA LEU E 32 1.66 7.01 -30.59
C LEU E 32 1.82 7.18 -32.11
N TYR E 33 2.34 8.29 -32.62
CA TYR E 33 2.15 8.62 -34.05
C TYR E 33 2.68 7.47 -34.94
N GLY E 34 3.86 6.93 -34.74
CA GLY E 34 4.47 5.94 -35.65
C GLY E 34 3.70 4.64 -35.77
N GLU E 35 3.31 4.08 -34.62
CA GLU E 35 2.46 2.87 -34.55
C GLU E 35 1.09 3.18 -35.14
N PHE E 36 0.57 4.36 -34.86
CA PHE E 36 -0.76 4.81 -35.36
C PHE E 36 -0.68 4.91 -36.88
N LEU E 37 0.40 5.43 -37.42
CA LEU E 37 0.49 5.63 -38.88
C LEU E 37 0.61 4.25 -39.54
N ILE E 38 1.27 3.32 -38.90
CA ILE E 38 1.37 1.93 -39.43
C ILE E 38 -0.02 1.28 -39.41
N PHE E 39 -0.75 1.41 -38.33
CA PHE E 39 -2.14 0.89 -38.19
C PHE E 39 -3.04 1.55 -39.25
N LEU E 40 -2.93 2.85 -39.42
CA LEU E 40 -3.74 3.63 -40.39
C LEU E 40 -3.47 3.09 -41.80
N LEU E 41 -2.21 2.80 -42.12
CA LEU E 41 -1.83 2.34 -43.48
C LEU E 41 -2.42 0.95 -43.69
N CYS E 42 -2.24 0.06 -42.73
CA CYS E 42 -2.72 -1.33 -42.84
C CYS E 42 -4.24 -1.34 -42.99
N TYR E 43 -4.95 -0.57 -42.18
CA TYR E 43 -6.43 -0.54 -42.23
C TYR E 43 -6.92 -0.14 -43.63
N TYR E 44 -6.36 0.88 -44.21
CA TYR E 44 -6.83 1.44 -45.50
C TYR E 44 -6.37 0.52 -46.63
N ILE E 45 -5.21 -0.11 -46.49
CA ILE E 45 -4.76 -1.12 -47.48
C ILE E 45 -5.80 -2.24 -47.49
N ILE E 46 -6.20 -2.73 -46.31
CA ILE E 46 -7.20 -3.82 -46.22
C ILE E 46 -8.51 -3.35 -46.82
N ARG E 47 -8.94 -2.13 -46.54
CA ARG E 47 -10.21 -1.59 -47.10
C ARG E 47 -10.10 -1.57 -48.63
N PHE E 48 -9.01 -1.05 -49.17
CA PHE E 48 -8.82 -0.95 -50.63
C PHE E 48 -8.77 -2.35 -51.24
N ILE E 49 -8.09 -3.30 -50.61
CA ILE E 49 -8.06 -4.71 -51.13
C ILE E 49 -9.50 -5.23 -51.18
N TYR E 50 -10.23 -5.09 -50.09
CA TYR E 50 -11.61 -5.59 -50.00
C TYR E 50 -12.51 -4.91 -51.06
N ARG E 51 -12.33 -3.63 -51.30
CA ARG E 51 -13.31 -2.86 -52.13
C ARG E 51 -12.94 -2.92 -53.60
N LEU E 52 -11.66 -3.04 -53.94
CA LEU E 52 -11.21 -2.92 -55.36
C LEU E 52 -10.36 -4.12 -55.81
N ALA E 53 -10.30 -5.22 -55.06
CA ALA E 53 -9.47 -6.37 -55.46
C ALA E 53 -10.28 -7.67 -55.40
N LEU E 54 -11.11 -7.84 -54.38
CA LEU E 54 -11.85 -9.11 -54.19
C LEU E 54 -13.02 -9.18 -55.16
N THR E 55 -13.33 -10.39 -55.64
CA THR E 55 -14.56 -10.66 -56.40
C THR E 55 -15.75 -10.75 -55.44
N GLU E 56 -16.95 -10.93 -56.01
CA GLU E 56 -18.22 -10.88 -55.25
C GLU E 56 -18.21 -11.95 -54.16
N GLU E 57 -17.89 -13.20 -54.52
CA GLU E 57 -17.88 -14.31 -53.52
C GLU E 57 -16.75 -14.07 -52.52
N GLN E 58 -15.63 -13.53 -52.99
CA GLN E 58 -14.51 -13.16 -52.08
C GLN E 58 -14.98 -12.05 -51.13
N GLN E 59 -15.74 -11.08 -51.62
CA GLN E 59 -16.30 -10.01 -50.76
C GLN E 59 -17.24 -10.63 -49.72
N LEU E 60 -18.07 -11.60 -50.10
CA LEU E 60 -18.99 -12.26 -49.13
C LEU E 60 -18.17 -12.96 -48.05
N MET E 61 -17.10 -13.65 -48.44
CA MET E 61 -16.26 -14.39 -47.47
C MET E 61 -15.59 -13.40 -46.53
N PHE E 62 -15.09 -12.29 -47.08
CA PHE E 62 -14.42 -11.23 -46.30
C PHE E 62 -15.43 -10.67 -45.29
N GLU E 63 -16.66 -10.47 -45.72
CA GLU E 63 -17.70 -9.87 -44.85
C GLU E 63 -18.03 -10.82 -43.71
N LYS E 64 -18.09 -12.12 -44.00
CA LYS E 64 -18.33 -13.14 -42.96
C LYS E 64 -17.19 -13.03 -41.94
N LEU E 65 -15.95 -12.97 -42.43
CA LEU E 65 -14.76 -12.93 -41.53
C LEU E 65 -14.78 -11.63 -40.71
N THR E 66 -15.16 -10.51 -41.30
CA THR E 66 -15.31 -9.22 -40.58
C THR E 66 -16.33 -9.30 -39.45
N LEU E 67 -17.50 -9.85 -39.72
CA LEU E 67 -18.56 -9.99 -38.67
C LEU E 67 -18.11 -10.97 -37.58
N TYR E 68 -17.36 -12.02 -37.94
CA TYR E 68 -16.85 -13.03 -36.99
C TYR E 68 -15.85 -12.33 -36.06
N CYS E 69 -14.90 -11.60 -36.66
CA CYS E 69 -13.82 -10.93 -35.91
C CYS E 69 -14.43 -9.89 -34.99
N ASP E 70 -15.35 -9.09 -35.50
CA ASP E 70 -15.95 -8.01 -34.65
C ASP E 70 -16.71 -8.67 -33.50
N SER E 71 -17.39 -9.79 -33.75
CA SER E 71 -18.11 -10.53 -32.69
C SER E 71 -17.16 -11.04 -31.59
N TYR E 72 -15.99 -11.59 -31.94
CA TYR E 72 -15.06 -12.22 -30.96
C TYR E 72 -13.90 -11.28 -30.63
N ILE E 73 -14.08 -9.98 -30.76
CA ILE E 73 -13.09 -8.97 -30.27
C ILE E 73 -13.03 -9.04 -28.74
N GLN E 74 -14.15 -9.29 -28.06
CA GLN E 74 -14.27 -9.13 -26.59
C GLN E 74 -13.64 -10.31 -25.86
N LEU E 75 -13.25 -11.39 -26.55
CA LEU E 75 -12.56 -12.55 -25.90
C LEU E 75 -11.22 -12.09 -25.35
N ILE E 76 -10.66 -11.00 -25.89
CA ILE E 76 -9.30 -10.54 -25.50
C ILE E 76 -9.45 -9.72 -24.23
N PRO E 77 -8.88 -10.19 -23.10
CA PRO E 77 -8.98 -9.48 -21.83
C PRO E 77 -8.04 -8.26 -21.76
N ILE E 78 -8.16 -7.35 -22.73
CA ILE E 78 -7.18 -6.27 -22.91
C ILE E 78 -7.20 -5.36 -21.68
N SER E 79 -8.37 -4.93 -21.24
CA SER E 79 -8.54 -4.15 -19.98
C SER E 79 -7.93 -4.90 -18.78
N PHE E 80 -8.26 -6.17 -18.61
CA PHE E 80 -7.74 -7.01 -17.50
C PHE E 80 -6.21 -6.97 -17.46
N VAL E 81 -5.60 -7.51 -18.48
CA VAL E 81 -4.11 -7.63 -18.63
C VAL E 81 -3.47 -6.24 -18.52
N LEU E 82 -3.98 -5.26 -19.26
CA LEU E 82 -3.28 -3.95 -19.41
C LEU E 82 -3.41 -3.16 -18.10
N GLY E 83 -4.51 -3.33 -17.39
CA GLY E 83 -4.68 -2.65 -16.10
C GLY E 83 -3.73 -3.15 -15.08
N PHE E 84 -3.59 -4.47 -15.02
CA PHE E 84 -2.65 -5.12 -14.08
C PHE E 84 -1.25 -4.59 -14.41
N TYR E 85 -0.85 -4.70 -15.67
CA TYR E 85 0.52 -4.33 -16.09
C TYR E 85 0.82 -2.87 -15.72
N VAL E 86 -0.12 -1.99 -15.98
CA VAL E 86 0.11 -0.53 -15.84
C VAL E 86 0.21 -0.17 -14.35
N THR E 87 -0.59 -0.82 -13.51
CA THR E 87 -0.51 -0.54 -12.08
C THR E 87 0.87 -0.99 -11.53
N LEU E 88 1.36 -2.12 -12.00
CA LEU E 88 2.69 -2.63 -11.64
C LEU E 88 3.77 -1.63 -12.06
N VAL E 89 3.67 -1.15 -13.29
CA VAL E 89 4.70 -0.22 -13.84
C VAL E 89 4.68 1.10 -13.07
N VAL E 90 3.53 1.62 -12.77
CA VAL E 90 3.43 2.96 -12.11
C VAL E 90 3.91 2.89 -10.67
N THR E 91 3.58 1.79 -9.99
CA THR E 91 4.08 1.57 -8.62
C THR E 91 5.60 1.55 -8.64
N ARG E 92 6.15 0.78 -9.57
CA ARG E 92 7.62 0.57 -9.63
C ARG E 92 8.25 1.91 -9.99
N TRP E 93 7.59 2.72 -10.82
CA TRP E 93 8.14 4.00 -11.33
C TRP E 93 8.31 4.94 -10.17
N TRP E 94 7.27 5.09 -9.37
CA TRP E 94 7.37 6.02 -8.23
C TRP E 94 8.32 5.46 -7.16
N ASN E 95 8.33 4.14 -6.93
CA ASN E 95 9.31 3.52 -6.00
C ASN E 95 10.74 3.80 -6.47
N GLN E 96 10.97 3.76 -7.76
CA GLN E 96 12.28 4.06 -8.33
C GLN E 96 12.64 5.51 -8.03
N TYR E 97 11.71 6.42 -8.17
CA TYR E 97 12.02 7.84 -7.87
C TYR E 97 12.33 8.05 -6.38
N GLU E 98 11.56 7.42 -5.49
CA GLU E 98 11.77 7.56 -4.04
C GLU E 98 13.17 7.04 -3.62
N ASN E 99 13.81 6.22 -4.40
CA ASN E 99 15.09 5.60 -4.06
C ASN E 99 16.22 6.27 -4.82
N LEU E 100 15.98 7.41 -5.47
CA LEU E 100 17.10 8.27 -5.94
C LEU E 100 17.75 8.88 -4.70
N PRO E 101 19.05 8.69 -4.51
CA PRO E 101 19.70 9.19 -3.31
C PRO E 101 20.04 10.67 -3.42
N TRP E 102 19.61 11.44 -2.42
CA TRP E 102 19.95 12.87 -2.28
C TRP E 102 20.92 13.00 -1.11
N PRO E 103 22.11 13.56 -1.31
CA PRO E 103 23.07 13.72 -0.21
C PRO E 103 22.82 14.83 0.82
N ASP E 104 21.65 15.48 0.77
CA ASP E 104 21.39 16.72 1.56
C ASP E 104 21.47 16.42 3.06
N ARG E 105 20.80 15.36 3.51
CA ARG E 105 20.89 14.95 4.93
C ARG E 105 22.35 14.69 5.32
N LEU E 106 23.10 14.03 4.46
CA LEU E 106 24.51 13.69 4.78
C LEU E 106 25.37 14.94 4.70
N MET E 107 25.16 15.79 3.68
CA MET E 107 26.08 16.95 3.47
C MET E 107 25.96 17.94 4.64
N SER E 108 24.76 18.14 5.18
CA SER E 108 24.56 18.94 6.41
C SER E 108 25.36 18.34 7.59
N LEU E 109 25.34 17.01 7.79
CA LEU E 109 26.12 16.39 8.90
C LEU E 109 27.63 16.48 8.65
N VAL E 110 28.06 16.34 7.40
CA VAL E 110 29.51 16.39 7.08
C VAL E 110 30.00 17.84 7.24
N SER E 111 29.18 18.82 6.89
CA SER E 111 29.50 20.25 7.06
C SER E 111 29.59 20.61 8.55
N GLY E 112 28.68 20.07 9.37
CA GLY E 112 28.64 20.39 10.82
C GLY E 112 29.68 19.63 11.65
N PHE E 113 29.76 18.31 11.52
CA PHE E 113 30.51 17.45 12.46
C PHE E 113 32.01 17.47 12.18
N VAL E 114 32.41 17.45 10.91
CA VAL E 114 33.84 17.26 10.54
C VAL E 114 34.59 18.59 10.69
N GLU E 115 35.38 18.73 11.74
CA GLU E 115 35.94 20.04 12.18
C GLU E 115 37.17 20.42 11.37
N GLY E 116 37.49 21.71 11.31
CA GLY E 116 38.74 22.22 10.70
C GLY E 116 38.49 23.14 9.52
N LYS E 117 38.89 24.40 9.64
CA LYS E 117 38.82 25.38 8.51
C LYS E 117 40.13 25.40 7.73
N ASP E 118 41.08 24.54 8.08
CA ASP E 118 42.37 24.43 7.36
C ASP E 118 42.20 23.57 6.11
N GLU E 119 43.30 23.37 5.38
CA GLU E 119 43.35 22.59 4.12
C GLU E 119 42.87 21.16 4.40
N GLN E 120 43.34 20.52 5.47
CA GLN E 120 43.06 19.08 5.74
C GLN E 120 41.58 18.86 6.08
N GLY E 121 40.98 19.76 6.84
CA GLY E 121 39.55 19.71 7.11
C GLY E 121 38.72 19.83 5.82
N ARG E 122 39.08 20.79 4.98
CA ARG E 122 38.41 20.99 3.68
C ARG E 122 38.52 19.70 2.87
N LEU E 123 39.71 19.14 2.81
CA LEU E 123 39.97 17.98 1.93
C LEU E 123 39.15 16.80 2.44
N LEU E 124 39.14 16.59 3.75
CA LEU E 124 38.42 15.47 4.40
C LEU E 124 36.91 15.59 4.14
N ARG E 125 36.37 16.80 4.32
CA ARG E 125 34.90 17.00 4.15
C ARG E 125 34.53 16.78 2.68
N ARG E 126 35.35 17.29 1.76
CA ARG E 126 35.05 17.20 0.30
C ARG E 126 35.14 15.72 -0.10
N THR E 127 36.09 14.99 0.46
CA THR E 127 36.27 13.59 0.02
C THR E 127 35.14 12.74 0.59
N LEU E 128 34.67 13.05 1.80
CA LEU E 128 33.55 12.26 2.37
C LEU E 128 32.30 12.42 1.50
N ILE E 129 31.92 13.65 1.19
CA ILE E 129 30.73 13.85 0.34
C ILE E 129 31.00 13.32 -1.06
N ARG E 130 32.23 13.40 -1.53
CA ARG E 130 32.55 12.85 -2.84
C ARG E 130 32.30 11.34 -2.81
N TYR E 131 32.63 10.65 -1.72
CA TYR E 131 32.40 9.19 -1.68
C TYR E 131 30.90 8.95 -1.81
N ALA E 132 30.07 9.76 -1.17
CA ALA E 132 28.61 9.60 -1.24
C ALA E 132 28.13 9.79 -2.69
N ASN E 133 28.53 10.88 -3.32
CA ASN E 133 28.21 11.21 -4.73
C ASN E 133 28.80 10.18 -5.71
N LEU E 134 29.98 9.62 -5.41
CA LEU E 134 30.63 8.61 -6.27
C LEU E 134 29.82 7.31 -6.20
N GLY E 135 29.41 6.92 -5.00
CA GLY E 135 28.56 5.73 -4.87
C GLY E 135 27.28 5.90 -5.70
N ASN E 136 26.65 7.05 -5.57
CA ASN E 136 25.41 7.32 -6.33
C ASN E 136 25.69 7.26 -7.83
N VAL E 137 26.77 7.87 -8.32
CA VAL E 137 27.00 7.94 -9.78
C VAL E 137 27.42 6.55 -10.30
N LEU E 138 28.12 5.75 -9.51
CA LEU E 138 28.44 4.37 -9.93
C LEU E 138 27.17 3.53 -10.08
N ILE E 139 26.20 3.69 -9.19
CA ILE E 139 24.96 2.90 -9.30
C ILE E 139 24.15 3.47 -10.46
N LEU E 140 24.17 4.79 -10.64
CA LEU E 140 23.29 5.42 -11.65
C LEU E 140 23.80 5.08 -13.04
N ARG E 141 25.10 5.05 -13.25
CA ARG E 141 25.62 4.70 -14.58
C ARG E 141 25.30 3.24 -14.91
N SER E 142 25.15 2.39 -13.92
CA SER E 142 24.65 1.01 -14.11
C SER E 142 23.16 1.05 -14.52
N VAL E 143 22.35 1.78 -13.81
CA VAL E 143 20.88 1.66 -13.94
C VAL E 143 20.35 2.68 -14.94
N SER E 144 21.19 3.65 -15.37
CA SER E 144 20.73 4.73 -16.27
C SER E 144 21.54 4.78 -17.57
N THR E 145 20.88 4.62 -18.72
CA THR E 145 21.50 4.70 -20.06
C THR E 145 21.97 6.13 -20.35
N ALA E 146 21.25 7.14 -19.88
CA ALA E 146 21.66 8.55 -19.98
C ALA E 146 23.02 8.80 -19.28
N VAL E 147 23.14 8.35 -18.03
CA VAL E 147 24.39 8.55 -17.24
C VAL E 147 25.53 7.75 -17.85
N TYR E 148 25.22 6.54 -18.31
CA TYR E 148 26.26 5.69 -18.89
C TYR E 148 26.77 6.34 -20.19
N LYS E 149 25.88 6.91 -20.98
CA LYS E 149 26.32 7.59 -22.21
C LYS E 149 27.18 8.80 -21.83
N ARG E 150 26.86 9.47 -20.73
CA ARG E 150 27.67 10.60 -20.25
C ARG E 150 29.02 10.10 -19.72
N PHE E 151 29.02 8.93 -19.07
CA PHE E 151 30.23 8.37 -18.42
C PHE E 151 30.43 6.95 -18.92
N PRO E 152 30.90 6.76 -20.16
CA PRO E 152 31.10 5.40 -20.68
C PRO E 152 32.11 4.55 -19.88
N SER E 153 33.15 5.15 -19.30
CA SER E 153 34.16 4.46 -18.47
C SER E 153 34.41 5.22 -17.16
N ALA E 154 35.16 4.60 -16.24
CA ALA E 154 35.52 5.22 -14.94
C ALA E 154 36.40 6.45 -15.16
N GLN E 155 37.20 6.45 -16.22
CA GLN E 155 38.08 7.60 -16.53
C GLN E 155 37.23 8.83 -16.83
N HIS E 156 36.05 8.64 -17.40
CA HIS E 156 35.09 9.74 -17.65
C HIS E 156 34.66 10.33 -16.31
N LEU E 157 34.47 9.48 -15.30
CA LEU E 157 34.14 9.95 -13.92
C LEU E 157 35.34 10.70 -13.36
N VAL E 158 36.54 10.25 -13.69
CA VAL E 158 37.77 10.92 -13.20
C VAL E 158 37.84 12.34 -13.79
N GLN E 159 37.59 12.50 -15.07
CA GLN E 159 37.67 13.84 -15.71
C GLN E 159 36.47 14.71 -15.30
N ALA E 160 35.42 14.14 -14.72
CA ALA E 160 34.23 14.91 -14.31
C ALA E 160 34.25 15.28 -12.81
N GLY E 161 35.29 14.90 -12.06
CA GLY E 161 35.44 15.31 -10.66
C GLY E 161 34.83 14.33 -9.66
N PHE E 162 34.21 13.23 -10.11
CA PHE E 162 33.59 12.28 -9.14
C PHE E 162 34.66 11.39 -8.54
N MET E 163 35.71 11.14 -9.30
CA MET E 163 36.74 10.14 -8.94
C MET E 163 38.11 10.79 -9.13
N THR E 164 39.00 10.57 -8.19
CA THR E 164 40.44 10.95 -8.32
C THR E 164 41.18 9.81 -9.01
N PRO E 165 42.31 10.09 -9.65
CA PRO E 165 43.15 9.01 -10.19
C PRO E 165 43.52 7.94 -9.16
N ALA E 166 43.80 8.33 -7.92
CA ALA E 166 44.12 7.38 -6.83
C ALA E 166 42.91 6.49 -6.62
N GLU E 167 41.72 7.10 -6.55
CA GLU E 167 40.46 6.37 -6.34
C GLU E 167 40.28 5.41 -7.53
N HIS E 168 40.54 5.90 -8.73
CA HIS E 168 40.38 5.07 -9.95
C HIS E 168 41.29 3.83 -9.89
N LYS E 169 42.56 4.01 -9.56
CA LYS E 169 43.50 2.86 -9.56
C LYS E 169 43.17 1.91 -8.41
N GLN E 170 42.74 2.45 -7.28
CA GLN E 170 42.32 1.62 -6.13
C GLN E 170 41.12 0.77 -6.53
N LEU E 171 40.14 1.33 -7.26
CA LEU E 171 38.99 0.52 -7.75
C LEU E 171 39.45 -0.52 -8.77
N GLU E 172 40.38 -0.19 -9.65
CA GLU E 172 40.89 -1.18 -10.64
C GLU E 172 41.56 -2.33 -9.89
N LYS E 173 42.26 -2.05 -8.79
CA LYS E 173 42.94 -3.11 -8.02
C LYS E 173 41.90 -4.02 -7.36
N LEU E 174 40.78 -3.48 -6.90
CA LEU E 174 39.71 -4.26 -6.19
C LEU E 174 38.76 -4.92 -7.17
N SER E 175 39.03 -4.95 -8.48
CA SER E 175 38.05 -5.39 -9.51
C SER E 175 37.50 -6.77 -9.16
N LEU E 176 36.17 -6.90 -9.19
CA LEU E 176 35.45 -8.19 -9.02
C LEU E 176 34.52 -8.36 -10.20
N PRO E 177 34.04 -9.59 -10.48
CA PRO E 177 33.13 -9.78 -11.61
C PRO E 177 31.84 -8.97 -11.46
N HIS E 178 31.38 -8.77 -10.25
CA HIS E 178 30.10 -8.03 -10.00
C HIS E 178 30.34 -6.54 -9.98
N ASN E 179 29.26 -5.79 -9.76
CA ASN E 179 29.26 -4.30 -9.81
C ASN E 179 29.86 -3.80 -8.50
N MET E 180 30.65 -2.74 -8.59
CA MET E 180 31.55 -2.30 -7.50
C MET E 180 31.03 -0.95 -7.00
N PHE E 181 29.75 -0.64 -7.19
CA PHE E 181 29.13 0.57 -6.62
C PHE E 181 29.23 0.62 -5.10
N TRP E 182 29.34 -0.52 -4.43
CA TRP E 182 29.36 -0.61 -2.97
C TRP E 182 30.68 -0.04 -2.40
N VAL E 183 31.76 0.07 -3.18
CA VAL E 183 33.12 0.38 -2.61
C VAL E 183 33.13 1.72 -1.90
N PRO E 184 32.61 2.83 -2.46
CA PRO E 184 32.71 4.11 -1.75
C PRO E 184 32.10 4.08 -0.33
N TRP E 185 31.11 3.23 -0.07
CA TRP E 185 30.54 3.11 1.30
C TRP E 185 31.59 2.57 2.27
N VAL E 186 32.36 1.57 1.86
CA VAL E 186 33.45 1.05 2.72
C VAL E 186 34.54 2.10 2.87
N TRP E 187 34.83 2.81 1.79
CA TRP E 187 35.77 3.97 1.87
C TRP E 187 35.27 5.00 2.86
N PHE E 188 33.98 5.39 2.77
CA PHE E 188 33.36 6.41 3.66
C PHE E 188 33.47 5.96 5.11
N ALA E 189 33.16 4.69 5.40
CA ALA E 189 33.20 4.19 6.79
C ALA E 189 34.66 4.25 7.32
N ASN E 190 35.63 3.79 6.55
CA ASN E 190 37.04 3.78 6.99
C ASN E 190 37.59 5.20 7.11
N LEU E 191 37.19 6.09 6.21
CA LEU E 191 37.67 7.49 6.30
C LEU E 191 37.04 8.20 7.51
N SER E 192 35.78 7.98 7.76
CA SER E 192 35.05 8.63 8.86
C SER E 192 35.61 8.09 10.20
N MET E 193 35.94 6.82 10.26
CA MET E 193 36.57 6.23 11.46
C MET E 193 37.94 6.89 11.65
N LYS E 194 38.71 7.04 10.58
CA LYS E 194 40.06 7.65 10.67
C LYS E 194 39.90 9.07 11.19
N ALA E 195 38.89 9.79 10.67
CA ALA E 195 38.64 11.20 11.02
C ALA E 195 38.35 11.31 12.51
N TRP E 196 37.48 10.42 13.01
CA TRP E 196 37.12 10.35 14.43
C TRP E 196 38.36 10.06 15.27
N LEU E 197 39.16 9.09 14.87
CA LEU E 197 40.38 8.73 15.64
C LEU E 197 41.38 9.90 15.61
N GLY E 198 41.40 10.65 14.51
CA GLY E 198 42.31 11.78 14.34
C GLY E 198 41.82 13.06 14.98
N GLY E 199 40.66 13.02 15.62
CA GLY E 199 40.08 14.17 16.32
C GLY E 199 39.32 15.15 15.44
N ARG E 200 39.19 14.93 14.14
CA ARG E 200 38.37 15.82 13.28
C ARG E 200 36.89 15.61 13.61
N ILE E 201 36.47 14.43 14.03
CA ILE E 201 35.10 14.23 14.58
C ILE E 201 35.24 14.14 16.09
N ARG E 202 34.52 14.96 16.83
CA ARG E 202 34.80 15.12 18.28
C ARG E 202 34.19 13.97 19.08
N ASP E 203 33.06 13.43 18.68
CA ASP E 203 32.36 12.39 19.49
C ASP E 203 31.86 11.28 18.58
N PRO E 204 31.94 10.01 19.01
CA PRO E 204 31.47 8.91 18.17
C PRO E 204 29.96 8.85 17.92
N ILE E 205 29.18 9.59 18.69
CA ILE E 205 27.73 9.77 18.41
C ILE E 205 27.57 10.47 17.04
N LEU E 206 28.41 11.48 16.75
CA LEU E 206 28.34 12.18 15.45
C LEU E 206 28.80 11.21 14.37
N LEU E 207 29.78 10.38 14.72
CA LEU E 207 30.29 9.36 13.76
C LEU E 207 29.16 8.37 13.45
N GLN E 208 28.42 7.93 14.48
CA GLN E 208 27.24 7.07 14.28
C GLN E 208 26.26 7.76 13.33
N SER E 209 25.99 9.05 13.56
CA SER E 209 25.02 9.84 12.76
C SER E 209 25.44 9.91 11.29
N LEU E 210 26.74 10.12 11.02
CA LEU E 210 27.29 10.14 9.63
C LEU E 210 27.07 8.77 8.96
N LEU E 211 27.38 7.70 9.66
CA LEU E 211 27.33 6.35 9.07
C LEU E 211 25.87 5.96 8.81
N ASN E 212 24.95 6.37 9.67
CA ASN E 212 23.51 6.09 9.43
C ASN E 212 23.03 6.76 8.14
N GLU E 213 23.39 8.03 7.93
CA GLU E 213 22.98 8.78 6.72
C GLU E 213 23.58 8.13 5.49
N MET E 214 24.87 7.82 5.58
CA MET E 214 25.53 7.19 4.42
C MET E 214 24.85 5.83 4.11
N ASN E 215 24.51 5.06 5.13
CA ASN E 215 23.93 3.72 4.95
C ASN E 215 22.50 3.85 4.39
N THR E 216 21.80 4.91 4.75
CA THR E 216 20.50 5.18 4.12
C THR E 216 20.70 5.30 2.59
N LEU E 217 21.68 6.10 2.16
CA LEU E 217 21.96 6.24 0.73
C LEU E 217 22.30 4.86 0.13
N ARG E 218 23.04 4.04 0.87
CA ARG E 218 23.35 2.68 0.35
C ARG E 218 22.03 1.94 0.06
N THR E 219 21.15 1.85 1.06
CA THR E 219 19.85 1.17 0.93
C THR E 219 19.05 1.71 -0.28
N GLN E 220 19.05 3.03 -0.52
CA GLN E 220 18.41 3.62 -1.73
C GLN E 220 19.08 3.15 -3.01
N CYS E 221 20.40 3.16 -3.02
CA CYS E 221 21.16 2.71 -4.22
C CYS E 221 20.85 1.24 -4.44
N GLY E 222 20.72 0.46 -3.37
CA GLY E 222 20.44 -0.96 -3.50
C GLY E 222 19.09 -1.19 -4.11
N HIS E 223 18.12 -0.39 -3.70
CA HIS E 223 16.77 -0.47 -4.30
C HIS E 223 16.92 -0.18 -5.80
N LEU E 224 17.68 0.84 -6.18
CA LEU E 224 17.83 1.15 -7.61
C LEU E 224 18.42 -0.06 -8.34
N TYR E 225 19.47 -0.64 -7.79
CA TYR E 225 20.12 -1.87 -8.32
C TYR E 225 19.05 -2.96 -8.50
N ALA E 226 18.22 -3.19 -7.50
CA ALA E 226 17.17 -4.21 -7.49
C ALA E 226 16.19 -3.93 -8.63
N TYR E 227 15.69 -2.71 -8.77
CA TYR E 227 14.68 -2.42 -9.83
C TYR E 227 15.31 -2.58 -11.21
N ASP E 228 16.59 -2.26 -11.36
CA ASP E 228 17.27 -2.47 -12.65
C ASP E 228 17.44 -3.95 -12.95
N TRP E 229 17.77 -4.74 -11.95
CA TRP E 229 18.15 -6.17 -12.15
C TRP E 229 16.87 -6.99 -12.31
N ILE E 230 15.97 -6.92 -11.34
CA ILE E 230 14.71 -7.69 -11.34
C ILE E 230 13.68 -6.88 -12.10
N SER E 231 13.65 -7.10 -13.40
CA SER E 231 12.68 -6.52 -14.34
C SER E 231 11.27 -6.95 -13.94
N ILE E 232 10.25 -6.25 -14.41
CA ILE E 232 8.90 -6.84 -14.40
C ILE E 232 9.04 -8.16 -15.14
N PRO E 233 8.48 -9.27 -14.64
CA PRO E 233 8.66 -10.57 -15.28
C PRO E 233 8.34 -10.50 -16.78
N LEU E 234 9.26 -11.02 -17.60
CA LEU E 234 9.18 -10.92 -19.07
C LEU E 234 7.87 -11.54 -19.56
N VAL E 235 7.35 -12.55 -18.87
CA VAL E 235 6.02 -13.14 -19.18
C VAL E 235 4.95 -12.04 -19.24
N TYR E 236 4.93 -11.12 -18.28
CA TYR E 236 3.86 -10.09 -18.24
C TYR E 236 4.01 -9.13 -19.41
N THR E 237 5.21 -8.71 -19.69
CA THR E 237 5.46 -7.76 -20.81
C THR E 237 5.04 -8.44 -22.12
N GLN E 238 5.49 -9.68 -22.33
CA GLN E 238 5.08 -10.47 -23.52
C GLN E 238 3.55 -10.59 -23.61
N VAL E 239 2.88 -10.89 -22.51
CA VAL E 239 1.42 -11.12 -22.54
C VAL E 239 0.70 -9.81 -22.88
N VAL E 240 1.09 -8.71 -22.28
CA VAL E 240 0.36 -7.43 -22.48
C VAL E 240 0.65 -6.97 -23.92
N THR E 241 1.84 -7.24 -24.42
CA THR E 241 2.22 -6.89 -25.81
C THR E 241 1.33 -7.67 -26.77
N VAL E 242 1.18 -8.96 -26.51
CA VAL E 242 0.35 -9.85 -27.35
C VAL E 242 -1.10 -9.38 -27.28
N ALA E 243 -1.57 -9.01 -26.12
CA ALA E 243 -2.98 -8.61 -25.94
C ALA E 243 -3.25 -7.38 -26.82
N VAL E 244 -2.42 -6.37 -26.72
CA VAL E 244 -2.64 -5.10 -27.47
C VAL E 244 -2.53 -5.35 -28.98
N TYR E 245 -1.48 -6.03 -29.40
CA TYR E 245 -1.27 -6.32 -30.84
C TYR E 245 -2.39 -7.21 -31.40
N SER E 246 -2.87 -8.19 -30.66
CA SER E 246 -3.93 -9.12 -31.15
C SER E 246 -5.21 -8.32 -31.27
N PHE E 247 -5.50 -7.50 -30.29
CA PHE E 247 -6.70 -6.64 -30.36
C PHE E 247 -6.71 -5.78 -31.66
N PHE E 248 -5.60 -5.17 -32.02
CA PHE E 248 -5.62 -4.21 -33.14
C PHE E 248 -5.40 -4.93 -34.44
N LEU E 249 -4.73 -6.09 -34.40
CA LEU E 249 -4.61 -6.91 -35.63
C LEU E 249 -5.99 -7.43 -36.00
N THR E 250 -6.80 -7.84 -35.02
CA THR E 250 -8.18 -8.30 -35.32
C THR E 250 -9.07 -7.12 -35.66
N CYS E 251 -8.78 -5.93 -35.13
CA CYS E 251 -9.51 -4.71 -35.53
C CYS E 251 -9.22 -4.37 -37.00
N LEU E 252 -8.06 -4.76 -37.53
CA LEU E 252 -7.70 -4.41 -38.92
C LEU E 252 -8.75 -4.98 -39.87
N VAL E 253 -9.40 -6.09 -39.51
CA VAL E 253 -10.45 -6.73 -40.35
C VAL E 253 -11.85 -6.55 -39.76
N GLY E 254 -12.00 -6.73 -38.45
CA GLY E 254 -13.30 -6.63 -37.78
C GLY E 254 -13.90 -5.25 -37.83
N ARG E 255 -13.06 -4.22 -37.99
CA ARG E 255 -13.53 -2.82 -37.87
C ARG E 255 -13.57 -2.22 -39.24
N GLN E 256 -13.47 -3.01 -40.30
CA GLN E 256 -13.71 -2.48 -41.68
C GLN E 256 -15.19 -2.09 -41.81
N PHE E 257 -15.48 -1.13 -42.66
CA PHE E 257 -16.87 -0.73 -42.97
C PHE E 257 -17.28 -1.60 -44.13
N LEU E 258 -18.12 -2.60 -43.83
CA LEU E 258 -18.64 -3.52 -44.86
C LEU E 258 -19.55 -2.75 -45.82
N ASN E 259 -19.88 -3.36 -46.95
CA ASN E 259 -20.78 -2.78 -47.97
C ASN E 259 -22.10 -2.41 -47.30
N PRO E 260 -22.50 -1.13 -47.30
CA PRO E 260 -23.77 -0.75 -46.68
C PRO E 260 -24.99 -1.20 -47.49
N ALA E 261 -24.80 -1.54 -48.77
CA ALA E 261 -25.87 -2.08 -49.63
C ALA E 261 -26.46 -3.36 -49.02
N LYS E 262 -25.62 -4.22 -48.45
CA LYS E 262 -26.07 -5.52 -47.90
C LYS E 262 -26.78 -5.36 -46.56
N ALA E 263 -26.73 -4.16 -45.96
CA ALA E 263 -27.54 -3.82 -44.77
C ALA E 263 -27.26 -4.82 -43.64
N TYR E 264 -26.00 -5.06 -43.34
CA TYR E 264 -25.62 -5.89 -42.16
C TYR E 264 -25.97 -5.11 -40.90
N PRO E 265 -26.38 -5.80 -39.82
CA PRO E 265 -26.62 -5.12 -38.55
C PRO E 265 -25.32 -4.45 -38.04
N GLY E 266 -25.41 -3.15 -37.78
CA GLY E 266 -24.27 -2.33 -37.30
C GLY E 266 -23.41 -1.82 -38.45
N HIS E 267 -23.69 -2.20 -39.68
CA HIS E 267 -22.88 -1.78 -40.86
C HIS E 267 -23.74 -0.98 -41.84
N GLU E 268 -24.84 -0.38 -41.36
CA GLU E 268 -25.78 0.34 -42.25
C GLU E 268 -25.08 1.57 -42.80
N LEU E 269 -24.33 2.26 -41.94
CA LEU E 269 -23.72 3.56 -42.29
C LEU E 269 -22.22 3.36 -42.51
N ASP E 270 -21.74 3.84 -43.65
CA ASP E 270 -20.30 3.80 -43.97
C ASP E 270 -19.68 5.18 -43.73
N LEU E 271 -18.79 5.29 -42.76
CA LEU E 271 -18.14 6.57 -42.39
C LEU E 271 -16.70 6.62 -42.85
N VAL E 272 -16.22 5.56 -43.50
CA VAL E 272 -14.82 5.47 -44.03
C VAL E 272 -13.82 5.49 -42.88
N VAL E 273 -13.92 6.49 -42.00
CA VAL E 273 -12.96 6.66 -40.88
C VAL E 273 -13.54 5.99 -39.63
N PRO E 274 -12.90 4.91 -39.13
CA PRO E 274 -13.32 4.26 -37.89
C PRO E 274 -12.85 5.03 -36.64
N VAL E 275 -13.61 6.05 -36.33
CA VAL E 275 -13.25 7.04 -35.29
C VAL E 275 -13.12 6.30 -33.95
N PHE E 276 -14.05 5.42 -33.64
CA PHE E 276 -14.08 4.72 -32.35
C PHE E 276 -12.93 3.71 -32.27
N THR E 277 -12.58 3.09 -33.37
CA THR E 277 -11.42 2.18 -33.44
C THR E 277 -10.13 2.98 -33.23
N PHE E 278 -10.02 4.15 -33.83
CA PHE E 278 -8.86 5.03 -33.60
C PHE E 278 -8.83 5.54 -32.15
N LEU E 279 -9.98 5.79 -31.55
CA LEU E 279 -10.04 6.22 -30.14
C LEU E 279 -9.58 5.07 -29.26
N GLN E 280 -10.02 3.86 -29.56
CA GLN E 280 -9.59 2.67 -28.77
C GLN E 280 -8.08 2.49 -28.95
N PHE E 281 -7.56 2.69 -30.15
CA PHE E 281 -6.10 2.60 -30.36
C PHE E 281 -5.44 3.63 -29.45
N PHE E 282 -5.91 4.87 -29.49
CA PHE E 282 -5.36 5.97 -28.67
C PHE E 282 -5.34 5.62 -27.17
N PHE E 283 -6.45 5.19 -26.62
CA PHE E 283 -6.53 4.73 -25.20
C PHE E 283 -5.63 3.54 -24.95
N TYR E 284 -5.76 2.44 -25.67
CA TYR E 284 -5.12 1.14 -25.29
C TYR E 284 -3.65 1.17 -25.66
N VAL E 285 -3.34 1.59 -26.85
CA VAL E 285 -1.93 1.56 -27.30
C VAL E 285 -1.21 2.69 -26.57
N GLY E 286 -1.84 3.84 -26.37
CA GLY E 286 -1.25 4.93 -25.61
C GLY E 286 -0.92 4.47 -24.21
N TRP E 287 -1.82 3.75 -23.64
CA TRP E 287 -1.67 3.15 -22.29
C TRP E 287 -0.49 2.18 -22.18
N LEU E 288 -0.35 1.31 -23.17
CA LEU E 288 0.82 0.45 -23.30
C LEU E 288 2.10 1.28 -23.49
N LYS E 289 2.04 2.32 -24.32
CA LYS E 289 3.25 3.11 -24.69
C LYS E 289 3.68 3.92 -23.46
N VAL E 290 2.73 4.33 -22.62
CA VAL E 290 3.08 4.99 -21.35
C VAL E 290 3.85 3.98 -20.49
N ALA E 291 3.34 2.76 -20.40
CA ALA E 291 4.04 1.72 -19.65
C ALA E 291 5.45 1.51 -20.27
N GLU E 292 5.60 1.54 -21.57
CA GLU E 292 6.92 1.33 -22.20
C GLU E 292 7.87 2.45 -21.82
N GLN E 293 7.37 3.67 -21.79
CA GLN E 293 8.14 4.84 -21.33
C GLN E 293 8.56 4.70 -19.86
N LEU E 294 7.68 4.29 -18.97
CA LEU E 294 7.90 4.35 -17.51
C LEU E 294 8.63 3.10 -17.02
N ILE E 295 8.69 2.04 -17.81
CA ILE E 295 9.15 0.72 -17.29
C ILE E 295 10.63 0.85 -16.86
N ASN E 296 11.39 1.66 -17.56
CA ASN E 296 12.75 2.09 -17.21
C ASN E 296 12.78 3.61 -17.19
N PRO E 297 12.59 4.24 -16.03
CA PRO E 297 12.53 5.69 -15.98
C PRO E 297 13.91 6.38 -16.05
N PHE E 298 14.99 5.64 -16.29
CA PHE E 298 16.36 6.18 -16.27
C PHE E 298 16.93 6.18 -17.69
N GLY E 299 16.07 6.09 -18.70
CA GLY E 299 16.43 6.20 -20.11
C GLY E 299 16.56 7.65 -20.55
N GLU E 300 16.33 7.90 -21.83
CA GLU E 300 16.45 9.24 -22.44
C GLU E 300 15.10 9.71 -22.98
N ASP E 301 14.03 9.19 -22.39
CA ASP E 301 12.65 9.59 -22.77
C ASP E 301 12.36 10.98 -22.19
N ASP E 302 11.47 11.73 -22.86
CA ASP E 302 11.07 13.10 -22.44
C ASP E 302 10.68 13.05 -20.95
N ASP E 303 9.89 12.05 -20.55
CA ASP E 303 9.26 12.01 -19.21
C ASP E 303 10.06 11.11 -18.28
N ASP E 304 11.20 10.63 -18.73
CA ASP E 304 12.16 9.93 -17.84
C ASP E 304 12.82 10.93 -16.87
N PHE E 305 13.26 10.45 -15.73
CA PHE E 305 13.93 11.28 -14.70
C PHE E 305 15.16 11.96 -15.28
N GLU E 306 15.37 13.18 -14.87
CA GLU E 306 16.54 14.00 -15.26
C GLU E 306 17.72 13.57 -14.39
N THR E 307 18.18 12.37 -14.58
CA THR E 307 19.24 11.73 -13.79
C THR E 307 20.56 12.48 -13.93
N ASN E 308 20.97 12.89 -15.11
CA ASN E 308 22.21 13.69 -15.27
C ASN E 308 22.11 15.01 -14.53
N TRP E 309 20.95 15.65 -14.62
CA TRP E 309 20.74 16.92 -13.92
C TRP E 309 20.90 16.66 -12.42
N ILE E 310 20.28 15.58 -11.94
CA ILE E 310 20.32 15.21 -10.49
C ILE E 310 21.78 14.98 -10.07
N VAL E 311 22.53 14.27 -10.86
CA VAL E 311 23.95 13.94 -10.53
C VAL E 311 24.76 15.25 -10.43
N ASP E 312 24.64 16.13 -11.42
CA ASP E 312 25.41 17.40 -11.43
C ASP E 312 25.01 18.28 -10.25
N ARG E 313 23.72 18.40 -10.02
CA ARG E 313 23.19 19.25 -8.92
C ARG E 313 23.71 18.71 -7.60
N ASN E 314 23.64 17.39 -7.45
CA ASN E 314 24.00 16.74 -6.17
C ASN E 314 25.47 17.06 -5.90
N LEU E 315 26.34 16.96 -6.88
CA LEU E 315 27.81 17.10 -6.64
C LEU E 315 28.09 18.58 -6.33
N GLN E 316 27.51 19.47 -7.09
CA GLN E 316 27.68 20.94 -6.88
C GLN E 316 27.23 21.35 -5.47
N VAL E 317 26.02 20.96 -5.11
CA VAL E 317 25.40 21.34 -3.81
C VAL E 317 26.18 20.69 -2.65
N SER E 318 26.54 19.43 -2.76
CA SER E 318 27.35 18.72 -1.74
C SER E 318 28.67 19.46 -1.50
N LEU E 319 29.38 19.77 -2.56
CA LEU E 319 30.72 20.40 -2.39
C LEU E 319 30.54 21.81 -1.82
N LEU E 320 29.50 22.52 -2.23
CA LEU E 320 29.28 23.88 -1.68
C LEU E 320 29.03 23.77 -0.17
N ALA E 321 28.02 22.96 0.18
CA ALA E 321 27.51 22.79 1.55
C ALA E 321 28.64 22.40 2.49
N VAL E 322 29.57 21.56 2.07
CA VAL E 322 30.57 21.07 3.05
C VAL E 322 31.86 21.90 3.01
N ASP E 323 32.16 22.57 1.90
CA ASP E 323 33.41 23.34 1.84
C ASP E 323 33.10 24.81 2.18
N GLU E 324 32.34 25.51 1.36
CA GLU E 324 32.17 26.98 1.52
C GLU E 324 31.19 27.32 2.66
N MET E 325 30.29 26.42 2.99
CA MET E 325 29.23 26.64 4.00
C MET E 325 29.63 26.08 5.37
N HIS E 326 30.78 25.42 5.49
CA HIS E 326 31.26 24.90 6.78
C HIS E 326 31.62 26.07 7.69
N GLN E 327 30.89 26.23 8.81
CA GLN E 327 31.14 27.27 9.84
C GLN E 327 31.08 28.68 9.24
N ASP E 328 30.54 28.81 8.04
CA ASP E 328 30.13 30.12 7.49
C ASP E 328 28.63 30.30 7.75
N LEU E 329 28.29 31.09 8.76
CA LEU E 329 26.89 31.32 9.15
C LEU E 329 26.54 32.78 8.99
N PRO E 330 25.28 33.09 8.64
CA PRO E 330 24.80 34.46 8.66
C PRO E 330 24.91 35.00 10.10
N ARG E 331 25.15 36.30 10.22
CA ARG E 331 25.20 36.95 11.54
C ARG E 331 23.85 36.75 12.19
N MET E 332 23.87 36.23 13.41
CA MET E 332 22.66 35.93 14.19
C MET E 332 22.14 37.24 14.78
N GLU E 333 21.03 37.74 14.25
CA GLU E 333 20.44 39.01 14.72
C GLU E 333 18.97 38.77 15.01
N PRO E 334 18.38 39.54 15.94
CA PRO E 334 16.98 39.31 16.30
C PRO E 334 16.05 39.49 15.10
N ASP E 335 15.04 38.63 15.03
CA ASP E 335 14.07 38.62 13.91
C ASP E 335 13.09 39.78 14.11
N MET E 336 12.15 39.88 13.18
CA MET E 336 11.16 40.96 13.09
C MET E 336 10.15 40.83 14.23
N TYR E 337 9.84 39.60 14.63
CA TYR E 337 8.90 39.25 15.71
C TYR E 337 9.60 39.25 17.07
N TRP E 338 10.86 39.67 17.15
CA TRP E 338 11.70 39.47 18.37
C TRP E 338 11.02 40.04 19.61
N ASN E 339 10.61 41.30 19.59
CA ASN E 339 9.89 41.92 20.73
C ASN E 339 9.23 43.22 20.26
C32 MC3 F . 10.34 -26.44 -27.23
C33 MC3 F . 8.89 -26.27 -26.82
C34 MC3 F . 8.01 -25.72 -27.93
C35 MC3 F . 7.31 -26.80 -28.71
C36 MC3 F . 6.36 -26.28 -29.78
C1 MC3 G . 17.36 -18.01 -27.71
C2 MC3 G . 16.84 -19.15 -28.57
C3 MC3 G . 16.88 -20.49 -27.86
C11 MC3 G . 15.54 -22.43 -27.61
C12 MC3 G . 14.35 -23.17 -28.13
C13 MC3 G . 13.25 -22.28 -28.63
C14 MC3 G . 11.88 -22.97 -28.61
C15 MC3 G . 11.22 -23.08 -29.96
C16 MC3 G . 10.63 -21.79 -30.49
C17 MC3 G . 9.22 -21.44 -30.01
C18 MC3 G . 8.21 -22.57 -30.16
C19 MC3 G . 6.77 -22.21 -29.92
C20 MC3 G . 6.45 -21.82 -28.48
C21 MC3 G . 5.20 -22.43 -27.85
C22 MC3 G . 4.05 -21.47 -27.64
C23 MC3 G . 2.78 -22.14 -27.21
C24 MC3 G . 1.67 -21.20 -26.74
C31 MC3 G . 15.36 -17.96 -30.01
C32 MC3 G . 14.80 -16.64 -29.55
C33 MC3 G . 13.38 -16.75 -29.10
C34 MC3 G . 12.60 -17.80 -29.87
C35 MC3 G . 11.38 -18.30 -29.15
C36 MC3 G . 10.21 -17.37 -29.24
C37 MC3 G . 9.39 -17.57 -30.47
C38 MC3 G . 8.26 -16.58 -30.64
C39 MC3 G . 6.85 -17.09 -30.55
C40 MC3 G . 6.69 -18.53 -30.14
C41 MC3 G . 5.26 -18.95 -29.99
C42 MC3 G . 4.65 -19.55 -31.23
O2 MC3 G . 15.50 -18.84 -29.02
O3 MC3 G . 15.68 -21.23 -28.19
O11 MC3 G . 16.30 -22.85 -26.78
O31 MC3 G . 15.63 -18.24 -31.14
O1P MC3 G . 15.90 -16.35 -24.56
O2P MC3 G . 16.11 -15.14 -26.83
O3P MC3 G . 16.38 -17.63 -26.69
O4P MC3 G . 18.15 -16.12 -25.68
P MC3 G . 16.56 -16.23 -25.91
C31 MC3 H . -24.27 -40.14 -27.81
C32 MC3 H . -24.50 -38.88 -27.01
C33 MC3 H . -23.25 -38.14 -26.68
C34 MC3 H . -22.65 -37.43 -27.87
C35 MC3 H . -21.86 -36.19 -27.54
C36 MC3 H . -20.49 -36.48 -26.92
C37 MC3 H . -20.38 -36.22 -25.44
C38 MC3 H . -18.98 -35.91 -24.94
C39 MC3 H . -18.95 -35.42 -23.53
C40 MC3 H . -18.53 -33.96 -23.35
C41 MC3 H . -17.34 -33.82 -22.42
C42 MC3 H . -15.99 -34.01 -23.07
C43 MC3 H . -14.82 -33.64 -22.19
C44 MC3 H . -14.82 -32.22 -21.63
C33 MC3 I . 3.41 -35.71 -17.03
C34 MC3 I . 3.66 -35.73 -18.53
C35 MC3 I . 2.41 -35.84 -19.40
C36 MC3 I . 1.13 -35.37 -18.74
C37 MC3 I . -0.03 -35.11 -19.67
C38 MC3 I . -1.32 -35.77 -19.24
C39 MC3 I . -2.51 -35.45 -20.11
C40 MC3 I . -3.78 -35.15 -19.32
C41 MC3 I . -5.05 -35.72 -19.92
C42 MC3 I . -5.78 -34.78 -20.86
C43 MC3 I . -7.03 -34.17 -20.30
C44 MC3 I . -6.78 -33.09 -19.27
C31 MC3 J . -11.61 -29.68 -42.07
C32 MC3 J . -10.40 -30.50 -41.68
C33 MC3 J . -9.65 -29.95 -40.51
C34 MC3 J . -8.98 -31.03 -39.69
C35 MC3 J . -7.48 -31.14 -39.92
C36 MC3 J . -6.63 -30.21 -39.08
C37 MC3 J . -6.93 -30.24 -37.59
C38 MC3 J . -5.74 -29.91 -36.72
C39 MC3 J . -5.03 -28.62 -37.07
C40 MC3 J . -4.22 -28.05 -35.94
C41 MC3 J . -3.91 -26.59 -36.10
C42 MC3 J . -3.04 -25.98 -35.01
C43 MC3 J . -3.61 -24.69 -34.47
C44 MC3 J . -2.62 -23.87 -33.63
C33 MC3 K . -10.45 -23.58 -42.86
C34 MC3 K . -9.47 -22.43 -42.78
C35 MC3 K . -8.10 -22.84 -42.28
C36 MC3 K . -7.21 -21.70 -41.79
C37 MC3 K . -7.80 -20.73 -40.76
C38 MC3 K . -7.06 -20.59 -39.46
C39 MC3 K . -5.99 -19.53 -39.48
C40 MC3 K . -4.91 -19.70 -38.45
C41 MC3 K . -4.28 -21.10 -38.37
C42 MC3 K . -2.78 -21.09 -38.11
CA CA L . 9.46 -20.29 -8.95
C31 MC3 M . 7.67 -28.51 -18.14
C32 MC3 M . 7.87 -29.44 -16.96
C33 MC3 M . 8.49 -30.77 -17.32
C34 MC3 M . 7.50 -31.79 -17.88
C35 MC3 M . 7.66 -32.11 -19.35
C36 MC3 M . 7.21 -31.02 -20.29
C37 MC3 M . 6.92 -31.47 -21.69
C38 MC3 M . 5.60 -32.17 -21.88
C39 MC3 M . 4.44 -31.27 -22.27
C40 MC3 M . 3.20 -32.02 -22.68
C41 MC3 M . 3.39 -32.78 -23.97
C42 MC3 M . 2.21 -32.71 -24.88
C43 MC3 M . 1.02 -33.48 -24.41
C44 MC3 M . -0.06 -33.57 -25.43
C1 MC3 N . 11.45 -2.57 -35.48
C2 MC3 N . 10.21 -3.40 -35.25
C3 MC3 N . 10.40 -4.48 -34.22
C11 MC3 N . 11.43 -6.60 -34.28
C12 MC3 N . 10.64 -7.58 -33.47
C13 MC3 N . 9.44 -8.13 -34.17
C14 MC3 N . 8.14 -7.61 -33.59
C15 MC3 N . 7.11 -8.68 -33.30
C16 MC3 N . 5.69 -8.21 -33.47
C17 MC3 N . 4.67 -9.34 -33.44
C18 MC3 N . 3.26 -8.89 -33.16
C19 MC3 N . 2.46 -9.85 -32.31
C20 MC3 N . 1.39 -10.59 -33.06
C21 MC3 N . 0.60 -11.54 -32.21
C22 MC3 N . -0.78 -11.05 -31.85
C23 MC3 N . -1.87 -12.01 -32.24
C24 MC3 N . -1.51 -12.97 -33.35
C31 MC3 N . 7.88 -2.94 -35.03
C32 MC3 N . 7.30 -2.37 -36.29
C33 MC3 N . 5.84 -2.12 -36.21
C34 MC3 N . 5.45 -1.37 -34.95
C35 MC3 N . 4.14 -1.84 -34.36
C36 MC3 N . 3.12 -2.28 -35.37
C37 MC3 N . 1.90 -1.40 -35.42
C38 MC3 N . 1.07 -1.42 -34.16
C39 MC3 N . -0.41 -1.56 -34.39
C40 MC3 N . -1.04 -2.76 -33.72
C41 MC3 N . -1.36 -3.89 -34.67
C42 MC3 N . -1.82 -3.44 -36.04
C43 MC3 N . -0.76 -3.57 -37.11
C44 MC3 N . -0.93 -2.66 -38.29
O2 MC3 N . 9.14 -2.52 -34.81
O3 MC3 N . 10.64 -5.74 -34.90
O11 MC3 N . 12.63 -6.57 -34.36
O31 MC3 N . 7.30 -3.68 -34.28
C1 MC3 O . 1.54 -34.64 -13.93
C2 MC3 O . 0.12 -34.10 -13.97
C3 MC3 O . -0.43 -33.77 -12.60
C11 MC3 O . -1.30 -35.07 -10.85
C12 MC3 O . -2.45 -34.36 -10.20
C13 MC3 O . -3.74 -34.48 -10.96
C14 MC3 O . -4.15 -33.18 -11.61
C15 MC3 O . -5.59 -32.78 -11.35
C16 MC3 O . -6.23 -32.02 -12.49
C17 MC3 O . -7.72 -31.86 -12.36
C18 MC3 O . -8.30 -30.75 -13.20
C19 MC3 O . -9.44 -30.00 -12.56
C20 MC3 O . -10.79 -30.29 -13.16
C21 MC3 O . -11.92 -29.54 -12.50
C22 MC3 O . -12.44 -28.39 -13.30
C23 MC3 O . -13.91 -28.45 -13.57
C24 MC3 O . -14.50 -29.84 -13.49
C31 MC3 O . -1.07 -32.57 -15.35
C32 MC3 O . -1.18 -33.07 -16.77
C33 MC3 O . -1.97 -32.17 -17.65
C34 MC3 O . -1.53 -30.72 -17.53
C35 MC3 O . -2.68 -29.73 -17.59
C36 MC3 O . -3.80 -30.15 -18.50
C37 MC3 O . -3.98 -29.26 -19.70
C38 MC3 O . -4.39 -27.85 -19.36
C39 MC3 O . -5.51 -27.32 -20.22
C40 MC3 O . -6.74 -26.88 -19.45
C41 MC3 O . -7.89 -27.84 -19.53
C42 MC3 O . -8.03 -28.53 -20.87
C43 MC3 O . -7.55 -29.96 -20.87
C44 MC3 O . -7.13 -30.48 -22.22
O2 MC3 O . 0.09 -32.91 -14.79
O3 MC3 O . -1.26 -34.86 -12.16
O11 MC3 O . -0.49 -35.74 -10.27
O31 MC3 O . -1.91 -31.94 -14.78
C32 MC3 P . -15.76 -35.77 4.47
C33 MC3 P . -16.56 -34.64 3.86
C34 MC3 P . -16.88 -34.87 2.38
C35 MC3 P . -18.23 -35.49 2.16
C36 MC3 P . -18.61 -35.66 0.70
C1 MC3 Q . -4.94 -36.87 3.01
C2 MC3 Q . -6.22 -37.68 2.88
C3 MC3 Q . -7.10 -37.61 4.11
C11 MC3 Q . -9.38 -37.37 4.68
C12 MC3 Q . -10.79 -37.41 4.17
C13 MC3 Q . -10.93 -36.94 2.75
C14 MC3 Q . -12.35 -36.45 2.43
C15 MC3 Q . -13.03 -37.21 1.32
C16 MC3 Q . -12.54 -36.88 -0.07
C17 MC3 Q . -13.17 -35.66 -0.74
C18 MC3 Q . -14.69 -35.64 -0.71
C19 MC3 Q . -15.36 -34.58 -1.55
C20 MC3 Q . -15.12 -33.16 -1.07
C21 MC3 Q . -16.33 -32.23 -1.00
C22 MC3 Q . -16.37 -31.14 -2.05
C23 MC3 Q . -17.65 -30.37 -2.08
C24 MC3 Q . -17.65 -29.12 -2.94
C31 MC3 Q . -6.51 -37.64 0.51
C32 MC3 Q . -5.86 -36.54 -0.28
C33 MC3 Q . -6.83 -35.49 -0.71
C34 MC3 Q . -8.22 -36.05 -0.97
C35 MC3 Q . -9.32 -35.03 -0.91
C36 MC3 Q . -9.42 -34.18 -2.13
C37 MC3 Q . -10.27 -34.78 -3.20
C38 MC3 Q . -10.32 -33.99 -4.49
C39 MC3 Q . -11.63 -33.36 -4.89
C40 MC3 Q . -12.73 -33.46 -3.89
C41 MC3 Q . -13.98 -32.74 -4.31
C42 MC3 Q . -14.99 -33.60 -5.03
O2 MC3 Q . -6.95 -37.23 1.70
O3 MC3 Q . -8.48 -37.49 3.70
O11 MC3 Q . -9.10 -37.26 5.85
O31 MC3 Q . -6.67 -38.77 0.13
O1P MC3 Q . -4.32 -33.09 3.17
O2P MC3 Q . -3.56 -34.57 1.20
O3P MC3 Q . -5.19 -35.45 2.88
O4P MC3 Q . -2.78 -35.06 3.56
P MC3 Q . -3.96 -34.44 2.64
C31 MC3 R . -49.01 -23.03 -6.41
C32 MC3 R . -48.15 -21.84 -6.79
C33 MC3 R . -46.73 -21.98 -6.34
C34 MC3 R . -45.94 -22.99 -7.16
C35 MC3 R . -44.47 -22.72 -7.26
C36 MC3 R . -43.69 -23.04 -5.98
C37 MC3 R . -43.25 -21.83 -5.18
C38 MC3 R . -42.04 -22.06 -4.30
C39 MC3 R . -41.48 -20.79 -3.72
C40 MC3 R . -40.11 -20.38 -4.23
C41 MC3 R . -39.10 -20.22 -3.12
C42 MC3 R . -38.42 -21.49 -2.67
C43 MC3 R . -37.25 -21.28 -1.73
C44 MC3 R . -36.14 -20.35 -2.23
C33 MC3 S . -25.99 -27.34 12.40
C34 MC3 S . -26.01 -28.66 11.61
C35 MC3 S . -27.03 -28.74 10.49
C36 MC3 S . -27.47 -27.39 9.93
C37 MC3 S . -28.16 -27.45 8.59
C38 MC3 S . -29.46 -26.67 8.55
C39 MC3 S . -30.12 -26.62 7.19
C40 MC3 S . -30.65 -25.24 6.81
C41 MC3 S . -31.98 -25.25 6.11
C42 MC3 S . -31.90 -25.30 4.60
C43 MC3 S . -32.22 -23.99 3.91
C44 MC3 S . -31.14 -22.95 4.03
C31 MC3 T . -34.56 -37.18 -14.41
C32 MC3 T . -34.32 -37.78 -13.05
C33 MC3 T . -33.28 -37.07 -12.26
C34 MC3 T . -33.52 -37.14 -10.76
C35 MC3 T . -32.63 -38.13 -10.04
C36 MC3 T . -31.28 -37.60 -9.61
C37 MC3 T . -31.32 -36.29 -8.85
C38 MC3 T . -30.19 -36.09 -7.87
C39 MC3 T . -28.81 -36.30 -8.47
C40 MC3 T . -27.70 -35.64 -7.68
C41 MC3 T . -26.44 -35.42 -8.47
C42 MC3 T . -25.29 -34.81 -7.70
C43 MC3 T . -24.66 -33.65 -8.43
C44 MC3 T . -23.30 -33.21 -7.87
C33 MC3 U . -29.41 -36.32 -17.84
C34 MC3 U . -27.90 -36.37 -17.94
C35 MC3 U . -27.22 -36.83 -16.67
C36 MC3 U . -25.74 -36.51 -16.55
C37 MC3 U . -25.30 -35.07 -16.82
C38 MC3 U . -24.55 -34.37 -15.71
C39 MC3 U . -23.05 -34.58 -15.77
C40 MC3 U . -22.33 -34.40 -14.47
C41 MC3 U . -22.93 -35.13 -13.27
C42 MC3 U . -21.90 -35.70 -12.30
CA CA V . -9.66 -18.86 11.52
C31 MC3 W . -17.99 -27.95 9.78
C32 MC3 W . -18.39 -27.45 11.15
C33 MC3 W . -19.00 -28.50 12.04
C34 MC3 W . -20.48 -28.78 11.77
C35 MC3 W . -20.78 -30.14 11.15
C36 MC3 W . -20.39 -30.27 9.70
C37 MC3 W . -21.08 -31.37 8.96
C38 MC3 W . -22.51 -31.07 8.55
C39 MC3 W . -22.66 -30.47 7.16
C40 MC3 W . -24.08 -30.42 6.68
C41 MC3 W . -24.67 -31.78 6.46
C42 MC3 W . -25.52 -31.86 5.22
C43 MC3 W . -26.83 -31.13 5.32
C44 MC3 W . -27.73 -31.41 4.17
C1 MC3 X . -26.09 -23.58 12.65
C2 MC3 X . -26.64 -22.70 11.55
C3 MC3 X . -26.59 -21.22 11.88
C11 MC3 X . -27.92 -19.85 13.25
C12 MC3 X . -28.09 -18.50 12.61
C13 MC3 X . -29.13 -18.46 11.53
C14 MC3 X . -28.54 -18.31 10.16
C15 MC3 X . -29.17 -17.25 9.31
C16 MC3 X . -29.17 -17.54 7.83
C17 MC3 X . -30.04 -16.62 7.01
C18 MC3 X . -29.71 -16.60 5.54
C19 MC3 X . -29.84 -15.25 4.88
C20 MC3 X . -31.02 -15.12 3.96
C21 MC3 X . -31.16 -13.76 3.32
C22 MC3 X . -30.74 -13.73 1.87
C23 MC3 X . -31.81 -13.20 0.96
C24 MC3 X . -33.22 -13.31 1.51
C31 MC3 X . -26.47 -22.65 9.17
C32 MC3 X . -27.09 -23.86 8.55
C33 MC3 X . -27.05 -23.84 7.06
C34 MC3 X . -25.68 -23.48 6.52
C35 MC3 X . -25.73 -22.60 5.29
C36 MC3 X . -26.89 -22.87 4.37
C37 MC3 X . -26.50 -23.42 3.03
C38 MC3 X . -25.70 -22.46 2.19
C39 MC3 X . -26.16 -22.37 0.76
C40 MC3 X . -26.57 -20.98 0.31
C41 MC3 X . -28.05 -20.78 0.20
C42 MC3 X . -28.81 -21.99 -0.28
C43 MC3 X . -29.54 -22.74 0.81
C44 MC3 X . -29.80 -24.20 0.52
O2 MC3 X . -25.87 -22.92 10.34
O3 MC3 X . -27.90 -20.82 12.35
O11 MC3 X . -27.81 -20.04 14.43
O31 MC3 X . -26.50 -21.55 8.70
C32 MC3 Y . -36.27 -0.59 15.22
C33 MC3 Y . -36.04 -0.27 13.75
C34 MC3 Y . -36.60 -1.34 12.82
C35 MC3 Y . -37.99 -1.03 12.33
C36 MC3 Y . -38.55 -2.05 11.34
C1 MC3 Z . -30.04 -7.70 20.78
C2 MC3 Z . -31.50 -7.42 20.49
C3 MC3 Z . -31.88 -5.98 20.72
C11 MC3 Z . -33.17 -4.27 19.70
C12 MC3 Z . -34.20 -3.97 18.67
C13 MC3 Z . -34.11 -4.84 17.45
C14 MC3 Z . -34.74 -4.19 16.21
C15 MC3 Z . -35.89 -4.97 15.62
C16 MC3 Z . -35.47 -6.20 14.83
C17 MC3 Z . -35.08 -5.98 13.37
C18 MC3 Z . -36.08 -5.16 12.57
C19 MC3 Z . -35.85 -5.12 11.08
C20 MC3 Z . -34.59 -4.39 10.67
C21 MC3 Z . -34.70 -3.39 9.52
C22 MC3 Z . -34.05 -3.82 8.22
C23 MC3 Z . -34.35 -2.92 7.07
C24 MC3 Z . -33.53 -3.16 5.80
C31 MC3 Z . -31.94 -9.12 18.87
C32 MC3 Z . -30.79 -9.70 18.09
C33 MC3 Z . -30.72 -9.16 16.69
C34 MC3 Z . -32.09 -8.86 16.11
C35 MC3 Z . -32.06 -7.89 14.97
C36 MC3 Z . -31.66 -8.50 13.67
C37 MC3 Z . -32.79 -9.10 12.92
C38 MC3 Z . -32.39 -9.83 11.65
C39 MC3 Z . -32.86 -9.25 10.34
C40 MC3 Z . -33.55 -7.93 10.41
C41 MC3 Z . -33.91 -7.37 9.07
C42 MC3 Z . -35.30 -7.71 8.59
O2 MC3 Z . -31.79 -7.81 19.11
O3 MC3 Z . -32.77 -5.54 19.66
O11 MC3 Z . -32.76 -3.46 20.50
O31 MC3 Z . -32.92 -9.72 19.21
O1P MC3 Z . -26.82 -6.61 19.00
O2P MC3 Z . -27.63 -9.05 19.06
O3P MC3 Z . -29.17 -7.19 19.73
O4P MC3 Z . -27.19 -7.76 21.21
P MC3 Z . -27.64 -7.67 19.66
C31 MC3 AA . -50.41 12.40 -16.67
C32 MC3 AA . -49.01 12.06 -17.13
C33 MC3 AA . -48.11 11.63 -16.02
C34 MC3 AA . -48.43 10.24 -15.51
C35 MC3 AA . -47.25 9.49 -14.94
C36 MC3 AA . -46.81 9.98 -13.56
C37 MC3 AA . -45.55 10.80 -13.53
C38 MC3 AA . -44.80 10.78 -12.22
C39 MC3 AA . -43.42 11.39 -12.31
C40 MC3 AA . -42.27 10.42 -12.13
C41 MC3 AA . -41.34 10.82 -11.01
C42 MC3 AA . -41.77 10.38 -9.63
C43 MC3 AA . -40.71 10.60 -8.56
C44 MC3 AA . -39.35 9.96 -8.80
C33 MC3 BA . -35.97 13.80 9.62
C34 MC3 BA . -37.05 12.74 9.91
C35 MC3 BA . -37.91 12.36 8.72
C36 MC3 BA . -37.29 12.61 7.36
C37 MC3 BA . -37.95 11.90 6.20
C38 MC3 BA . -38.25 12.80 5.03
C39 MC3 BA . -38.82 12.09 3.83
C40 MC3 BA . -38.20 12.54 2.50
C41 MC3 BA . -39.18 12.67 1.36
C42 MC3 BA . -39.34 11.42 0.52
C43 MC3 BA . -38.68 11.50 -0.84
C44 MC3 BA . -37.18 11.40 -0.80
C31 MC3 CA . -52.12 -6.19 -5.51
C32 MC3 CA . -52.24 -5.45 -4.20
C33 MC3 CA . -50.91 -5.12 -3.58
C34 MC3 CA . -50.96 -3.84 -2.76
C35 MC3 CA . -51.00 -4.08 -1.26
C36 MC3 CA . -49.66 -4.26 -0.59
C37 MC3 CA . -48.63 -3.19 -0.91
C38 MC3 CA . -47.62 -2.95 0.17
C39 MC3 CA . -46.92 -4.19 0.67
C40 MC3 CA . -45.60 -3.92 1.36
C41 MC3 CA . -44.69 -5.11 1.43
C42 MC3 CA . -43.38 -4.90 2.16
C43 MC3 CA . -42.18 -5.40 1.36
C44 MC3 CA . -40.90 -5.51 2.19
C33 MC3 DA . -48.45 -11.25 -5.33
C34 MC3 DA . -47.49 -12.12 -4.56
C35 MC3 DA . -47.23 -11.63 -3.16
C36 MC3 DA . -45.98 -12.20 -2.47
C37 MC3 DA . -44.65 -12.14 -3.25
C38 MC3 DA . -43.52 -11.41 -2.57
C39 MC3 DA . -42.68 -12.31 -1.69
C40 MC3 DA . -41.91 -11.59 -0.62
C41 MC3 DA . -42.70 -10.59 0.22
C42 MC3 DA . -42.32 -10.56 1.70
CA CA EA . -18.93 7.58 12.87
C31 MC3 FA . -31.39 7.40 12.68
C32 MC3 FA . -31.12 8.86 13.00
C33 MC3 FA . -32.20 9.51 13.84
C34 MC3 FA . -33.43 9.96 13.04
C35 MC3 FA . -34.70 9.18 13.30
C36 MC3 FA . -34.70 7.78 12.70
C37 MC3 FA . -36.07 7.19 12.52
C38 MC3 FA . -36.84 7.70 11.34
C39 MC3 FA . -36.66 6.89 10.06
C40 MC3 FA . -37.64 7.28 8.97
C41 MC3 FA . -39.06 6.93 9.31
C42 MC3 FA . -39.83 6.37 8.16
C43 MC3 FA . -40.16 7.37 7.09
C44 MC3 FA . -41.11 6.84 6.08
C1 MC3 GA . -33.24 15.33 7.52
C2 MC3 GA . -33.09 15.06 6.04
C3 MC3 GA . -31.94 15.81 5.41
C11 MC3 GA . -31.65 18.03 4.71
C12 MC3 GA . -30.85 18.07 3.44
C13 MC3 GA . -31.65 17.79 2.21
C14 MC3 GA . -31.31 16.43 1.61
C15 MC3 GA . -31.04 16.47 0.12
C16 MC3 GA . -31.43 15.20 -0.61
C17 MC3 GA . -31.43 15.32 -2.10
C18 MC3 GA . -31.38 14.01 -2.84
C19 MC3 GA . -30.55 14.02 -4.09
C20 MC3 GA . -31.35 13.95 -5.37
C21 MC3 GA . -30.53 13.98 -6.62
C22 MC3 GA . -30.40 12.65 -7.30
C23 MC3 GA . -30.83 12.67 -8.74
C24 MC3 GA . -31.79 13.78 -9.09
C31 MC3 GA . -33.23 13.12 4.66
C32 MC3 GA . -34.61 12.54 4.66
C33 MC3 GA . -34.74 11.35 3.76
C34 MC3 GA . -33.63 10.34 3.95
C35 MC3 GA . -33.16 9.71 2.66
C36 MC3 GA . -34.25 9.49 1.64
C37 MC3 GA . -34.54 8.05 1.35
C38 MC3 GA . -33.40 7.30 0.71
C39 MC3 GA . -33.81 6.45 -0.46
C40 MC3 GA . -33.12 6.79 -1.76
C41 MC3 GA . -33.98 7.53 -2.74
C42 MC3 GA . -35.43 7.13 -2.73
C43 MC3 GA . -36.34 8.12 -2.02
C44 MC3 GA . -37.62 7.52 -1.49
O2 MC3 GA . -32.89 13.63 5.84
O3 MC3 GA . -32.46 16.98 4.75
O11 MC3 GA . -31.57 18.83 5.61
O31 MC3 GA . -32.49 13.14 3.71
C32 MC3 HA . -22.84 30.48 -9.84
C33 MC3 HA . -22.64 29.32 -10.79
C34 MC3 HA . -23.91 28.52 -11.03
C35 MC3 HA . -24.66 28.95 -12.27
C36 MC3 HA . -25.89 28.10 -12.57
C1 MC3 IA . -23.25 29.19 1.05
C2 MC3 IA . -24.04 29.81 -0.08
C3 MC3 IA . -23.22 30.69 -0.99
C11 MC3 IA . -22.94 31.13 -3.30
C12 MC3 IA . -23.53 30.95 -4.66
C13 MC3 IA . -24.26 29.66 -4.84
C14 MC3 IA . -24.35 29.23 -6.31
C15 MC3 IA . -25.76 29.09 -6.83
C16 MC3 IA . -26.48 27.85 -6.37
C17 MC3 IA . -26.23 26.57 -7.17
C18 MC3 IA . -26.39 26.73 -8.67
C19 MC3 IA . -26.38 25.45 -9.48
C20 MC3 IA . -25.05 24.74 -9.49
C21 MC3 IA . -24.53 24.23 -10.82
C22 MC3 IA . -24.57 22.74 -11.02
C23 MC3 IA . -24.24 22.29 -12.41
C24 MC3 IA . -24.02 20.79 -12.59
C31 MC3 IA . -25.79 28.19 -0.31
C32 MC3 IA . -25.53 26.79 0.17
C33 MC3 IA . -25.26 25.82 -0.95
C34 MC3 IA . -26.02 26.19 -2.21
C35 MC3 IA . -25.42 25.62 -3.47
C36 MC3 IA . -25.77 24.17 -3.68
C37 MC3 IA . -27.05 23.97 -4.39
C38 MC3 IA . -27.47 22.51 -4.52
C39 MC3 IA . -27.51 21.92 -5.91
C40 MC3 IA . -26.99 22.79 -7.01
C41 MC3 IA . -26.98 22.10 -8.35
C42 MC3 IA . -28.22 22.34 -9.18
O2 MC3 IA . -24.69 28.74 -0.84
O3 MC3 IA . -23.61 30.46 -2.37
O11 MC3 IA . -21.98 31.83 -3.06
O31 MC3 IA . -26.84 28.76 -0.27
O1P MC3 IA . -20.49 26.49 1.04
O2P MC3 IA . -22.83 26.14 2.08
O3P MC3 IA . -22.41 28.09 0.57
O4P MC3 IA . -21.34 28.03 2.87
P MC3 IA . -21.75 27.08 1.63
C31 MC3 JA . -26.54 17.19 -44.42
C32 MC3 JA . -25.91 15.99 -43.75
C33 MC3 JA . -25.50 16.25 -42.33
C34 MC3 JA . -26.67 16.34 -41.38
C35 MC3 JA . -26.36 15.92 -39.97
C36 MC3 JA . -25.55 16.95 -39.18
C37 MC3 JA . -24.09 16.59 -38.97
C38 MC3 JA . -23.45 17.24 -37.76
C39 MC3 JA . -22.10 16.65 -37.43
C40 MC3 JA . -22.02 15.87 -36.13
C41 MC3 JA . -20.97 16.41 -35.19
C42 MC3 JA . -21.41 17.57 -34.32
C43 MC3 JA . -20.42 17.94 -33.24
C44 MC3 JA . -20.02 16.82 -32.27
C33 MC3 KA . -12.74 30.85 -21.51
C34 MC3 KA . -14.20 31.27 -21.30
C35 MC3 KA . -15.21 30.65 -22.25
C36 MC3 KA . -14.76 29.34 -22.89
C37 MC3 KA . -15.86 28.54 -23.54
C38 MC3 KA . -15.54 28.08 -24.93
C39 MC3 KA . -16.59 27.19 -25.56
C40 MC3 KA . -16.00 25.98 -26.30
C41 MC3 KA . -16.70 25.64 -27.60
C42 MC3 KA . -17.82 24.64 -27.47
C43 MC3 KA . -17.49 23.25 -27.98
C44 MC3 KA . -16.55 22.47 -27.09
C31 MC3 LA . -40.01 20.47 -27.65
C32 MC3 LA . -39.39 21.82 -27.36
C33 MC3 LA . -38.19 21.74 -26.47
C34 MC3 LA . -37.19 22.84 -26.73
C35 MC3 LA . -37.21 23.95 -25.71
C36 MC3 LA . -36.36 23.73 -24.48
C37 MC3 LA . -34.93 23.30 -24.75
C38 MC3 LA . -33.94 23.72 -23.70
C39 MC3 LA . -34.33 23.32 -22.28
C40 MC3 LA . -33.17 23.27 -21.32
C41 MC3 LA . -33.43 22.45 -20.09
C42 MC3 LA . -32.31 22.42 -19.07
C43 MC3 LA . -31.98 21.01 -18.62
C44 MC3 LA . -31.11 20.96 -17.36
C33 MC3 MA . -41.26 16.99 -22.62
C34 MC3 MA . -41.16 16.80 -21.13
C35 MC3 MA . -40.45 17.93 -20.42
C36 MC3 MA . -39.97 17.63 -19.01
C37 MC3 MA . -39.13 16.36 -18.80
C38 MC3 MA . -37.76 16.55 -18.20
C39 MC3 MA . -37.75 16.50 -16.69
C40 MC3 MA . -36.58 17.19 -16.05
C41 MC3 MA . -36.27 18.60 -16.55
C42 MC3 MA . -35.82 19.57 -15.46
CA CA NA . -5.55 22.47 -6.76
C31 MC3 OA . -14.01 28.69 -13.45
C32 MC3 OA . -12.73 29.31 -13.96
C33 MC3 OA . -12.87 30.74 -14.42
C34 MC3 OA . -13.45 30.91 -15.83
C35 MC3 OA . -14.85 31.50 -15.89
C36 MC3 OA . -15.94 30.55 -15.44
C37 MC3 OA . -17.31 30.92 -15.93
C38 MC3 OA . -17.60 30.55 -17.37
C39 MC3 OA . -18.22 29.19 -17.58
C40 MC3 OA . -18.73 28.97 -18.98
C41 MC3 OA . -19.89 29.85 -19.33
C42 MC3 OA . -20.95 29.16 -20.12
C43 MC3 OA . -20.56 28.83 -21.52
C44 MC3 OA . -21.70 28.34 -22.35
C1 MC3 PA . -10.04 28.32 -22.22
C2 MC3 PA . -10.32 26.98 -22.89
C3 MC3 PA . -9.08 26.15 -23.09
C11 MC3 PA . -7.33 26.22 -24.66
C12 MC3 PA . -6.91 24.82 -25.03
C13 MC3 PA . -7.81 24.17 -26.04
C14 MC3 PA . -8.64 23.05 -25.42
C15 MC3 PA . -8.62 21.76 -26.21
C16 MC3 PA . -9.90 20.96 -26.12
C17 MC3 PA . -9.98 19.83 -27.10
C18 MC3 PA . -11.00 18.77 -26.75
C19 MC3 PA . -10.59 17.36 -27.08
C20 MC3 PA . -11.33 16.77 -28.24
C21 MC3 PA . -10.91 15.35 -28.57
C22 MC3 PA . -11.88 14.30 -28.14
C23 MC3 PA . -12.33 13.39 -29.25
C24 MC3 PA . -12.19 13.99 -30.63
C31 MC3 PA . -12.00 25.31 -22.66
C32 MC3 PA . -13.35 25.82 -23.06
C33 MC3 PA . -14.42 24.77 -22.98
C34 MC3 PA . -14.38 24.00 -21.68
C35 MC3 PA . -14.69 22.53 -21.84
C36 MC3 PA . -15.70 22.23 -22.92
C37 MC3 PA . -16.99 21.66 -22.40
C38 MC3 PA . -16.86 20.30 -21.75
C39 MC3 PA . -17.90 19.31 -22.18
C40 MC3 PA . -17.34 18.05 -22.80
C41 MC3 PA . -17.49 17.97 -24.29
C42 MC3 PA . -18.75 18.60 -24.83
C43 MC3 PA . -18.54 19.95 -25.46
C44 MC3 PA . -19.77 20.83 -25.47
O2 MC3 PA . -11.25 26.24 -22.06
O3 MC3 PA . -8.64 26.30 -24.45
O11 MC3 PA . -6.58 27.15 -24.54
O31 MC3 PA . -11.61 24.19 -22.86
C32 MC3 QA . 5.96 14.50 -36.08
C33 MC3 QA . 5.13 13.26 -35.87
C34 MC3 QA . 3.67 13.44 -36.23
C35 MC3 QA . 3.33 13.01 -37.63
C36 MC3 QA . 1.86 13.12 -37.98
C1 MC3 RA . 6.04 22.81 -28.92
C2 MC3 RA . 5.83 22.56 -30.40
C3 MC3 RA . 6.92 21.71 -31.02
C11 MC3 RA . 7.16 19.91 -32.54
C12 MC3 RA . 6.48 19.08 -33.58
C13 MC3 RA . 5.01 18.88 -33.32
C14 MC3 RA . 4.46 17.62 -34.00
C15 MC3 RA . 3.36 17.90 -35.00
C16 MC3 RA . 2.01 18.21 -34.37
C17 MC3 RA . 1.15 17.01 -33.98
C18 MC3 RA . 0.98 15.97 -35.08
C19 MC3 RA . -0.04 14.89 -34.81
C20 MC3 RA . 0.31 13.96 -33.68
C21 MC3 RA . 0.13 12.46 -33.92
C22 MC3 RA . -1.02 11.82 -33.18
C23 MC3 RA . -1.29 10.41 -33.59
C24 MC3 RA . -2.27 9.64 -32.71
C31 MC3 RA . 3.45 22.72 -30.52
C32 MC3 RA . 2.65 22.49 -29.27
C33 MC3 RA . 1.99 21.14 -29.24
C34 MC3 RA . 1.60 20.66 -30.63
C35 MC3 RA . 1.42 19.18 -30.73
C36 MC3 RA . 0.11 18.69 -30.20
C37 MC3 RA . -0.98 18.73 -31.20
C38 MC3 RA . -2.35 18.35 -30.66
C39 MC3 RA . -2.97 17.07 -31.18
C40 MC3 RA . -2.11 16.23 -32.08
C41 MC3 RA . -2.77 14.94 -32.48
C42 MC3 RA . -3.53 15.01 -33.78
O2 MC3 RA . 4.53 21.93 -30.58
O3 MC3 RA . 6.33 20.76 -31.94
O11 MC3 RA . 8.34 19.84 -32.28
O31 MC3 RA . 3.17 23.49 -31.40
O1P MC3 RA . 5.90 20.47 -25.87
O2P MC3 RA . 4.20 22.38 -26.28
O3P MC3 RA . 5.74 21.64 -28.12
O4P MC3 RA . 6.69 22.86 -26.11
P MC3 RA . 5.56 21.78 -26.53
C31 MC3 SA . -10.39 -15.28 -51.30
C32 MC3 SA . -10.77 -15.50 -49.85
C33 MC3 SA . -10.12 -14.51 -48.92
C34 MC3 SA . -10.73 -13.12 -49.02
C35 MC3 SA . -10.67 -12.31 -47.76
C36 MC3 SA . -9.27 -11.76 -47.44
C37 MC3 SA . -8.54 -12.47 -46.32
C38 MC3 SA . -7.50 -11.63 -45.62
C39 MC3 SA . -6.98 -12.27 -44.36
C40 MC3 SA . -7.35 -11.56 -43.06
C41 MC3 SA . -6.13 -11.18 -42.24
C42 MC3 SA . -5.48 -9.87 -42.63
C43 MC3 SA . -4.42 -9.40 -41.66
C44 MC3 SA . -4.85 -9.24 -40.21
C33 MC3 TA . 11.59 0.26 -37.97
C34 MC3 TA . 10.96 1.32 -38.88
C35 MC3 TA . 9.72 0.87 -39.63
C36 MC3 TA . 8.97 -0.30 -39.02
C37 MC3 TA . 7.57 -0.52 -39.53
C38 MC3 TA . 7.28 -1.94 -39.94
C39 MC3 TA . 5.85 -2.20 -40.35
C40 MC3 TA . 5.27 -3.49 -39.78
C41 MC3 TA . 4.40 -4.27 -40.75
C42 MC3 TA . 2.93 -3.93 -40.67
C43 MC3 TA . 2.07 -4.98 -40.00
C44 MC3 TA . 2.23 -5.02 -38.50
C31 MC3 UA . -14.97 5.95 -50.25
C32 MC3 UA . -13.53 6.34 -50.52
C33 MC3 UA . -12.69 6.39 -49.30
C34 MC3 UA . -11.24 6.04 -49.56
C35 MC3 UA . -10.31 7.23 -49.61
C36 MC3 UA . -9.77 7.68 -48.27
C37 MC3 UA . -9.15 6.59 -47.43
C38 MC3 UA . -8.07 7.05 -46.49
C39 MC3 UA . -8.45 8.22 -45.61
C40 MC3 UA . -7.59 8.36 -44.37
C41 MC3 UA . -8.23 9.18 -43.28
C42 MC3 UA . -7.38 9.39 -42.05
C43 MC3 UA . -8.14 9.09 -40.77
C44 MC3 UA . -7.45 9.61 -39.50
C33 MC3 VA . -17.77 9.36 -45.82
C34 MC3 VA . -17.67 10.42 -44.74
C35 MC3 VA . -16.28 11.00 -44.60
C36 MC3 VA . -16.00 11.75 -43.30
C37 MC3 VA . -16.35 11.05 -41.98
C38 MC3 VA . -15.23 10.87 -41.00
C39 MC3 VA . -15.08 12.04 -40.05
C40 MC3 VA . -13.71 12.18 -39.43
C41 MC3 VA . -12.53 12.11 -40.40
C42 MC3 VA . -11.39 13.06 -40.06
CA CA WA . 12.00 5.25 -20.25
C31 MC3 XA . 10.13 6.49 -32.50
C32 MC3 XA . 11.37 5.64 -32.48
C33 MC3 XA . 12.28 5.86 -33.67
C34 MC3 XA . 11.84 5.10 -34.93
C35 MC3 XA . 11.33 5.98 -36.07
C36 MC3 XA . 9.96 6.57 -35.83
C37 MC3 XA . 9.25 7.03 -37.07
C38 MC3 XA . 8.63 5.92 -37.89
C39 MC3 XA . 7.18 5.60 -37.55
C40 MC3 XA . 6.52 4.68 -38.55
C41 MC3 XA . 6.35 5.31 -39.90
C42 MC3 XA . 5.04 5.00 -40.54
C43 MC3 XA . 4.88 3.58 -40.99
C44 MC3 XA . 3.67 3.36 -41.82
#